data_5F5K
# 
_entry.id   5F5K 
# 
_audit_conform.dict_name       mmcif_pdbx.dic 
_audit_conform.dict_version    5.395 
_audit_conform.dict_location   http://mmcif.pdb.org/dictionaries/ascii/mmcif_pdbx.dic 
# 
loop_
_database_2.database_id 
_database_2.database_code 
_database_2.pdbx_database_accession 
_database_2.pdbx_DOI 
PDB   5F5K         pdb_00005f5k 10.2210/pdb5f5k/pdb 
WWPDB D_1000216056 ?            ?                   
# 
loop_
_pdbx_audit_revision_history.ordinal 
_pdbx_audit_revision_history.data_content_type 
_pdbx_audit_revision_history.major_revision 
_pdbx_audit_revision_history.minor_revision 
_pdbx_audit_revision_history.revision_date 
1 'Structure model' 1 0 2016-02-10 
2 'Structure model' 1 1 2016-02-17 
3 'Structure model' 2 0 2024-07-10 
# 
_pdbx_audit_revision_details.ordinal             1 
_pdbx_audit_revision_details.revision_ordinal    1 
_pdbx_audit_revision_details.data_content_type   'Structure model' 
_pdbx_audit_revision_details.provider            repository 
_pdbx_audit_revision_details.type                'Initial release' 
_pdbx_audit_revision_details.description         ? 
_pdbx_audit_revision_details.details             ? 
# 
loop_
_pdbx_audit_revision_group.ordinal 
_pdbx_audit_revision_group.revision_ordinal 
_pdbx_audit_revision_group.data_content_type 
_pdbx_audit_revision_group.group 
1 2 'Structure model' 'Database references'  
2 3 'Structure model' 'Data collection'      
3 3 'Structure model' 'Database references'  
4 3 'Structure model' 'Derived calculations' 
5 3 'Structure model' 'Polymer sequence'     
# 
loop_
_pdbx_audit_revision_category.ordinal 
_pdbx_audit_revision_category.revision_ordinal 
_pdbx_audit_revision_category.data_content_type 
_pdbx_audit_revision_category.category 
1 3 'Structure model' chem_comp_atom        
2 3 'Structure model' chem_comp_bond        
3 3 'Structure model' citation              
4 3 'Structure model' database_2            
5 3 'Structure model' entity_poly           
6 3 'Structure model' pdbx_struct_oper_list 
7 3 'Structure model' struct_conn           
# 
loop_
_pdbx_audit_revision_item.ordinal 
_pdbx_audit_revision_item.revision_ordinal 
_pdbx_audit_revision_item.data_content_type 
_pdbx_audit_revision_item.item 
1 3 'Structure model' '_citation.journal_id_CSD'                  
2 3 'Structure model' '_database_2.pdbx_DOI'                      
3 3 'Structure model' '_database_2.pdbx_database_accession'       
4 3 'Structure model' '_entity_poly.pdbx_seq_one_letter_code_can' 
5 3 'Structure model' '_pdbx_struct_oper_list.symmetry_operation' 
6 3 'Structure model' '_struct_conn.pdbx_leaving_atom_flag'       
# 
_pdbx_database_status.status_code                     REL 
_pdbx_database_status.status_code_sf                  REL 
_pdbx_database_status.status_code_mr                  ? 
_pdbx_database_status.entry_id                        5F5K 
_pdbx_database_status.recvd_initial_deposition_date   2015-12-04 
_pdbx_database_status.SG_entry                        N 
_pdbx_database_status.deposit_site                    RCSB 
_pdbx_database_status.process_site                    RCSB 
_pdbx_database_status.status_code_cs                  ? 
_pdbx_database_status.methods_development_category    ? 
_pdbx_database_status.pdb_format_compatible           Y 
_pdbx_database_status.status_code_nmr_data            ? 
# 
loop_
_pdbx_database_related.content_type 
_pdbx_database_related.db_id 
_pdbx_database_related.db_name 
_pdbx_database_related.details 
unspecified 5F5B PDB . 
unspecified 5F5D PDB . 
unspecified 5F5G PDB . 
unspecified 5F5J PDB . 
# 
loop_
_audit_author.name 
_audit_author.pdbx_ordinal 
'Urban, S.'    1 
'Cho, S.'      2 
'Dickey, S.W.' 3 
# 
_citation.abstract                  ? 
_citation.abstract_id_CAS           ? 
_citation.book_id_ISBN              ? 
_citation.book_publisher            ? 
_citation.book_publisher_city       ? 
_citation.book_title                ? 
_citation.coordinate_linkage        ? 
_citation.country                   US 
_citation.database_id_Medline       ? 
_citation.details                   ? 
_citation.id                        primary 
_citation.journal_abbrev            Mol.Cell 
_citation.journal_id_ASTM           MOCEFL 
_citation.journal_id_CSD            2168 
_citation.journal_id_ISSN           1097-2765 
_citation.journal_full              ? 
_citation.journal_issue             ? 
_citation.journal_volume            61 
_citation.language                  ? 
_citation.page_first                329 
_citation.page_last                 340 
_citation.title                     
;Crystal Structures and Inhibition Kinetics Reveal a Two-Stage Catalytic Mechanism with Drug Design Implications for Rhomboid Proteolysis.
;
_citation.year                      2016 
_citation.database_id_CSD           ? 
_citation.pdbx_database_id_DOI      10.1016/j.molcel.2015.12.022 
_citation.pdbx_database_id_PubMed   26805573 
_citation.unpublished_flag          ? 
# 
loop_
_citation_author.citation_id 
_citation_author.name 
_citation_author.ordinal 
_citation_author.identifier_ORCID 
primary 'Cho, S.'      1 ? 
primary 'Dickey, S.W.' 2 ? 
primary 'Urban, S.'    3 ? 
# 
loop_
_entity.id 
_entity.type 
_entity.src_method 
_entity.pdbx_description 
_entity.formula_weight 
_entity.pdbx_number_of_molecules 
_entity.pdbx_ec 
_entity.pdbx_mutation 
_entity.pdbx_fragment 
_entity.details 
1 polymer man 'Rhomboid protease GlpG'                                              23800.133 1  3.4.21.105 Y205F 
'UNP residues 87-276' ? 
2 polymer syn 'Peptidic derivative of Gurken: ACE-ARG-LYS-VAL-ARG-MET-ALA-aldehyde' 773.026   1  ?          ?     ? ? 
3 water   nat water                                                                 18.015    50 ?          ?     ? ? 
# 
_entity_name_com.entity_id   1 
_entity_name_com.name        'Intramembrane serine protease' 
# 
loop_
_entity_poly.entity_id 
_entity_poly.type 
_entity_poly.nstd_linkage 
_entity_poly.nstd_monomer 
_entity_poly.pdbx_seq_one_letter_code 
_entity_poly.pdbx_seq_one_letter_code_can 
_entity_poly.pdbx_strand_id 
_entity_poly.pdbx_target_identifier 
1 'polypeptide(L)' no no  
;MGSSHHHHHHSSGLVPRGSHMAALRERAGPVTWVMMIACVVVFIAMQILGDQEVMLWLAWPFDPTLKFEFWRYFTHALMH
FSLMHILFNLLWWWYLGGAVEKRLGSGKLIVITLISALLSGYVQQKFSGPWFGGLSGVVFALMGYVWLRGERDPQSGIYL
QRGLIIFALIWIVAGWFDLFGMSMANGAHIAGLAVGLAMAFVDSLNARKRK
;
;MGSSHHHHHHSSGLVPRGSHMAALRERAGPVTWVMMIACVVVFIAMQILGDQEVMLWLAWPFDPTLKFEFWRYFTHALMH
FSLMHILFNLLWWWYLGGAVEKRLGSGKLIVITLISALLSGYVQQKFSGPWFGGLSGVVFALMGYVWLRGERDPQSGIYL
QRGLIIFALIWIVAGWFDLFGMSMANGAHIAGLAVGLAMAFVDSLNARKRK
;
A ? 
2 'polypeptide(L)' no yes '(ACE)RKVRM(5XU)' XRKVRMA B ? 
# 
_pdbx_entity_nonpoly.entity_id   3 
_pdbx_entity_nonpoly.name        water 
_pdbx_entity_nonpoly.comp_id     HOH 
# 
loop_
_entity_poly_seq.entity_id 
_entity_poly_seq.num 
_entity_poly_seq.mon_id 
_entity_poly_seq.hetero 
1 1   MET n 
1 2   GLY n 
1 3   SER n 
1 4   SER n 
1 5   HIS n 
1 6   HIS n 
1 7   HIS n 
1 8   HIS n 
1 9   HIS n 
1 10  HIS n 
1 11  SER n 
1 12  SER n 
1 13  GLY n 
1 14  LEU n 
1 15  VAL n 
1 16  PRO n 
1 17  ARG n 
1 18  GLY n 
1 19  SER n 
1 20  HIS n 
1 21  MET n 
1 22  ALA n 
1 23  ALA n 
1 24  LEU n 
1 25  ARG n 
1 26  GLU n 
1 27  ARG n 
1 28  ALA n 
1 29  GLY n 
1 30  PRO n 
1 31  VAL n 
1 32  THR n 
1 33  TRP n 
1 34  VAL n 
1 35  MET n 
1 36  MET n 
1 37  ILE n 
1 38  ALA n 
1 39  CYS n 
1 40  VAL n 
1 41  VAL n 
1 42  VAL n 
1 43  PHE n 
1 44  ILE n 
1 45  ALA n 
1 46  MET n 
1 47  GLN n 
1 48  ILE n 
1 49  LEU n 
1 50  GLY n 
1 51  ASP n 
1 52  GLN n 
1 53  GLU n 
1 54  VAL n 
1 55  MET n 
1 56  LEU n 
1 57  TRP n 
1 58  LEU n 
1 59  ALA n 
1 60  TRP n 
1 61  PRO n 
1 62  PHE n 
1 63  ASP n 
1 64  PRO n 
1 65  THR n 
1 66  LEU n 
1 67  LYS n 
1 68  PHE n 
1 69  GLU n 
1 70  PHE n 
1 71  TRP n 
1 72  ARG n 
1 73  TYR n 
1 74  PHE n 
1 75  THR n 
1 76  HIS n 
1 77  ALA n 
1 78  LEU n 
1 79  MET n 
1 80  HIS n 
1 81  PHE n 
1 82  SER n 
1 83  LEU n 
1 84  MET n 
1 85  HIS n 
1 86  ILE n 
1 87  LEU n 
1 88  PHE n 
1 89  ASN n 
1 90  LEU n 
1 91  LEU n 
1 92  TRP n 
1 93  TRP n 
1 94  TRP n 
1 95  TYR n 
1 96  LEU n 
1 97  GLY n 
1 98  GLY n 
1 99  ALA n 
1 100 VAL n 
1 101 GLU n 
1 102 LYS n 
1 103 ARG n 
1 104 LEU n 
1 105 GLY n 
1 106 SER n 
1 107 GLY n 
1 108 LYS n 
1 109 LEU n 
1 110 ILE n 
1 111 VAL n 
1 112 ILE n 
1 113 THR n 
1 114 LEU n 
1 115 ILE n 
1 116 SER n 
1 117 ALA n 
1 118 LEU n 
1 119 LEU n 
1 120 SER n 
1 121 GLY n 
1 122 TYR n 
1 123 VAL n 
1 124 GLN n 
1 125 GLN n 
1 126 LYS n 
1 127 PHE n 
1 128 SER n 
1 129 GLY n 
1 130 PRO n 
1 131 TRP n 
1 132 PHE n 
1 133 GLY n 
1 134 GLY n 
1 135 LEU n 
1 136 SER n 
1 137 GLY n 
1 138 VAL n 
1 139 VAL n 
1 140 PHE n 
1 141 ALA n 
1 142 LEU n 
1 143 MET n 
1 144 GLY n 
1 145 TYR n 
1 146 VAL n 
1 147 TRP n 
1 148 LEU n 
1 149 ARG n 
1 150 GLY n 
1 151 GLU n 
1 152 ARG n 
1 153 ASP n 
1 154 PRO n 
1 155 GLN n 
1 156 SER n 
1 157 GLY n 
1 158 ILE n 
1 159 TYR n 
1 160 LEU n 
1 161 GLN n 
1 162 ARG n 
1 163 GLY n 
1 164 LEU n 
1 165 ILE n 
1 166 ILE n 
1 167 PHE n 
1 168 ALA n 
1 169 LEU n 
1 170 ILE n 
1 171 TRP n 
1 172 ILE n 
1 173 VAL n 
1 174 ALA n 
1 175 GLY n 
1 176 TRP n 
1 177 PHE n 
1 178 ASP n 
1 179 LEU n 
1 180 PHE n 
1 181 GLY n 
1 182 MET n 
1 183 SER n 
1 184 MET n 
1 185 ALA n 
1 186 ASN n 
1 187 GLY n 
1 188 ALA n 
1 189 HIS n 
1 190 ILE n 
1 191 ALA n 
1 192 GLY n 
1 193 LEU n 
1 194 ALA n 
1 195 VAL n 
1 196 GLY n 
1 197 LEU n 
1 198 ALA n 
1 199 MET n 
1 200 ALA n 
1 201 PHE n 
1 202 VAL n 
1 203 ASP n 
1 204 SER n 
1 205 LEU n 
1 206 ASN n 
1 207 ALA n 
1 208 ARG n 
1 209 LYS n 
1 210 ARG n 
1 211 LYS n 
2 1   ACE n 
2 2   ARG n 
2 3   LYS n 
2 4   VAL n 
2 5   ARG n 
2 6   MET n 
2 7   5XU n 
# 
_entity_src_gen.entity_id                          1 
_entity_src_gen.pdbx_src_id                        1 
_entity_src_gen.pdbx_alt_source_flag               sample 
_entity_src_gen.pdbx_seq_type                      'Biological sequence' 
_entity_src_gen.pdbx_beg_seq_num                   1 
_entity_src_gen.pdbx_end_seq_num                   211 
_entity_src_gen.gene_src_common_name               ? 
_entity_src_gen.gene_src_genus                     ? 
_entity_src_gen.pdbx_gene_src_gene                 'glpG, SK83_00858' 
_entity_src_gen.gene_src_species                   ? 
_entity_src_gen.gene_src_strain                    ? 
_entity_src_gen.gene_src_tissue                    ? 
_entity_src_gen.gene_src_tissue_fraction           ? 
_entity_src_gen.gene_src_details                   ? 
_entity_src_gen.pdbx_gene_src_fragment             ? 
_entity_src_gen.pdbx_gene_src_scientific_name      'Escherichia coli' 
_entity_src_gen.pdbx_gene_src_ncbi_taxonomy_id     562 
_entity_src_gen.pdbx_gene_src_variant              ? 
_entity_src_gen.pdbx_gene_src_cell_line            ? 
_entity_src_gen.pdbx_gene_src_atcc                 ? 
_entity_src_gen.pdbx_gene_src_organ                ? 
_entity_src_gen.pdbx_gene_src_organelle            ? 
_entity_src_gen.pdbx_gene_src_cell                 ? 
_entity_src_gen.pdbx_gene_src_cellular_location    ? 
_entity_src_gen.host_org_common_name               ? 
_entity_src_gen.pdbx_host_org_scientific_name      'Escherichia coli' 
_entity_src_gen.pdbx_host_org_ncbi_taxonomy_id     562 
_entity_src_gen.host_org_genus                     ? 
_entity_src_gen.pdbx_host_org_gene                 ? 
_entity_src_gen.pdbx_host_org_organ                ? 
_entity_src_gen.host_org_species                   ? 
_entity_src_gen.pdbx_host_org_tissue               ? 
_entity_src_gen.pdbx_host_org_tissue_fraction      ? 
_entity_src_gen.pdbx_host_org_strain               'BL21(C43)' 
_entity_src_gen.pdbx_host_org_variant              ? 
_entity_src_gen.pdbx_host_org_cell_line            ? 
_entity_src_gen.pdbx_host_org_atcc                 ? 
_entity_src_gen.pdbx_host_org_culture_collection   ? 
_entity_src_gen.pdbx_host_org_cell                 ? 
_entity_src_gen.pdbx_host_org_organelle            ? 
_entity_src_gen.pdbx_host_org_cellular_location    ? 
_entity_src_gen.pdbx_host_org_vector_type          ? 
_entity_src_gen.pdbx_host_org_vector               ? 
_entity_src_gen.host_org_details                   ? 
_entity_src_gen.expression_system_id               ? 
_entity_src_gen.plasmid_name                       PET21 
_entity_src_gen.plasmid_details                    ? 
_entity_src_gen.pdbx_description                   ? 
# 
_pdbx_entity_src_syn.entity_id              2 
_pdbx_entity_src_syn.pdbx_src_id            1 
_pdbx_entity_src_syn.pdbx_alt_source_flag   sample 
_pdbx_entity_src_syn.pdbx_beg_seq_num       1 
_pdbx_entity_src_syn.pdbx_end_seq_num       7 
_pdbx_entity_src_syn.organism_scientific    'Drosophila melanogaster' 
_pdbx_entity_src_syn.organism_common_name   ? 
_pdbx_entity_src_syn.ncbi_taxonomy_id       7227 
_pdbx_entity_src_syn.details                ? 
# 
loop_
_chem_comp.id 
_chem_comp.type 
_chem_comp.mon_nstd_flag 
_chem_comp.name 
_chem_comp.pdbx_synonyms 
_chem_comp.formula 
_chem_comp.formula_weight 
5XU 'L-peptide linking' n '(2~{S})-2-azanylpropanal' Ala-aldehyde 'C3 H7 N O'      73.094  
ACE non-polymer         . 'ACETYL GROUP'             ?            'C2 H4 O'        44.053  
ALA 'L-peptide linking' y ALANINE                    ?            'C3 H7 N O2'     89.093  
ARG 'L-peptide linking' y ARGININE                   ?            'C6 H15 N4 O2 1' 175.209 
ASN 'L-peptide linking' y ASPARAGINE                 ?            'C4 H8 N2 O3'    132.118 
ASP 'L-peptide linking' y 'ASPARTIC ACID'            ?            'C4 H7 N O4'     133.103 
CYS 'L-peptide linking' y CYSTEINE                   ?            'C3 H7 N O2 S'   121.158 
GLN 'L-peptide linking' y GLUTAMINE                  ?            'C5 H10 N2 O3'   146.144 
GLU 'L-peptide linking' y 'GLUTAMIC ACID'            ?            'C5 H9 N O4'     147.129 
GLY 'peptide linking'   y GLYCINE                    ?            'C2 H5 N O2'     75.067  
HIS 'L-peptide linking' y HISTIDINE                  ?            'C6 H10 N3 O2 1' 156.162 
HOH non-polymer         . WATER                      ?            'H2 O'           18.015  
ILE 'L-peptide linking' y ISOLEUCINE                 ?            'C6 H13 N O2'    131.173 
LEU 'L-peptide linking' y LEUCINE                    ?            'C6 H13 N O2'    131.173 
LYS 'L-peptide linking' y LYSINE                     ?            'C6 H15 N2 O2 1' 147.195 
MET 'L-peptide linking' y METHIONINE                 ?            'C5 H11 N O2 S'  149.211 
PHE 'L-peptide linking' y PHENYLALANINE              ?            'C9 H11 N O2'    165.189 
PRO 'L-peptide linking' y PROLINE                    ?            'C5 H9 N O2'     115.130 
SER 'L-peptide linking' y SERINE                     ?            'C3 H7 N O3'     105.093 
THR 'L-peptide linking' y THREONINE                  ?            'C4 H9 N O3'     119.119 
TRP 'L-peptide linking' y TRYPTOPHAN                 ?            'C11 H12 N2 O2'  204.225 
TYR 'L-peptide linking' y TYROSINE                   ?            'C9 H11 N O3'    181.189 
VAL 'L-peptide linking' y VALINE                     ?            'C5 H11 N O2'    117.146 
# 
loop_
_pdbx_poly_seq_scheme.asym_id 
_pdbx_poly_seq_scheme.entity_id 
_pdbx_poly_seq_scheme.seq_id 
_pdbx_poly_seq_scheme.mon_id 
_pdbx_poly_seq_scheme.ndb_seq_num 
_pdbx_poly_seq_scheme.pdb_seq_num 
_pdbx_poly_seq_scheme.auth_seq_num 
_pdbx_poly_seq_scheme.pdb_mon_id 
_pdbx_poly_seq_scheme.auth_mon_id 
_pdbx_poly_seq_scheme.pdb_strand_id 
_pdbx_poly_seq_scheme.pdb_ins_code 
_pdbx_poly_seq_scheme.hetero 
A 1 1   MET 1   66  ?   ?   ?   A . n 
A 1 2   GLY 2   67  ?   ?   ?   A . n 
A 1 3   SER 3   68  ?   ?   ?   A . n 
A 1 4   SER 4   69  ?   ?   ?   A . n 
A 1 5   HIS 5   70  ?   ?   ?   A . n 
A 1 6   HIS 6   71  ?   ?   ?   A . n 
A 1 7   HIS 7   72  ?   ?   ?   A . n 
A 1 8   HIS 8   73  ?   ?   ?   A . n 
A 1 9   HIS 9   74  ?   ?   ?   A . n 
A 1 10  HIS 10  75  ?   ?   ?   A . n 
A 1 11  SER 11  76  ?   ?   ?   A . n 
A 1 12  SER 12  77  ?   ?   ?   A . n 
A 1 13  GLY 13  78  ?   ?   ?   A . n 
A 1 14  LEU 14  79  ?   ?   ?   A . n 
A 1 15  VAL 15  80  ?   ?   ?   A . n 
A 1 16  PRO 16  81  ?   ?   ?   A . n 
A 1 17  ARG 17  82  ?   ?   ?   A . n 
A 1 18  GLY 18  83  ?   ?   ?   A . n 
A 1 19  SER 19  84  ?   ?   ?   A . n 
A 1 20  HIS 20  85  ?   ?   ?   A . n 
A 1 21  MET 21  86  ?   ?   ?   A . n 
A 1 22  ALA 22  87  ?   ?   ?   A . n 
A 1 23  ALA 23  88  ?   ?   ?   A . n 
A 1 24  LEU 24  89  ?   ?   ?   A . n 
A 1 25  ARG 25  90  ?   ?   ?   A . n 
A 1 26  GLU 26  91  ?   ?   ?   A . n 
A 1 27  ARG 27  92  ?   ?   ?   A . n 
A 1 28  ALA 28  93  93  ALA ALA A . n 
A 1 29  GLY 29  94  94  GLY GLY A . n 
A 1 30  PRO 30  95  95  PRO PRO A . n 
A 1 31  VAL 31  96  96  VAL VAL A . n 
A 1 32  THR 32  97  97  THR THR A . n 
A 1 33  TRP 33  98  98  TRP TRP A . n 
A 1 34  VAL 34  99  99  VAL VAL A . n 
A 1 35  MET 35  100 100 MET MET A . n 
A 1 36  MET 36  101 101 MET MET A . n 
A 1 37  ILE 37  102 102 ILE ILE A . n 
A 1 38  ALA 38  103 103 ALA ALA A . n 
A 1 39  CYS 39  104 104 CYS CYS A . n 
A 1 40  VAL 40  105 105 VAL VAL A . n 
A 1 41  VAL 41  106 106 VAL VAL A . n 
A 1 42  VAL 42  107 107 VAL VAL A . n 
A 1 43  PHE 43  108 108 PHE PHE A . n 
A 1 44  ILE 44  109 109 ILE ILE A . n 
A 1 45  ALA 45  110 110 ALA ALA A . n 
A 1 46  MET 46  111 111 MET MET A . n 
A 1 47  GLN 47  112 112 GLN GLN A . n 
A 1 48  ILE 48  113 113 ILE ILE A . n 
A 1 49  LEU 49  114 114 LEU LEU A . n 
A 1 50  GLY 50  115 115 GLY GLY A . n 
A 1 51  ASP 51  116 116 ASP ASP A . n 
A 1 52  GLN 52  117 117 GLN GLN A . n 
A 1 53  GLU 53  118 118 GLU GLU A . n 
A 1 54  VAL 54  119 119 VAL VAL A . n 
A 1 55  MET 55  120 120 MET MET A . n 
A 1 56  LEU 56  121 121 LEU LEU A . n 
A 1 57  TRP 57  122 122 TRP TRP A . n 
A 1 58  LEU 58  123 123 LEU LEU A . n 
A 1 59  ALA 59  124 124 ALA ALA A . n 
A 1 60  TRP 60  125 125 TRP TRP A . n 
A 1 61  PRO 61  126 126 PRO PRO A . n 
A 1 62  PHE 62  127 127 PHE PHE A . n 
A 1 63  ASP 63  128 128 ASP ASP A . n 
A 1 64  PRO 64  129 129 PRO PRO A . n 
A 1 65  THR 65  130 130 THR THR A . n 
A 1 66  LEU 66  131 131 LEU LEU A . n 
A 1 67  LYS 67  132 132 LYS LYS A . n 
A 1 68  PHE 68  133 133 PHE PHE A . n 
A 1 69  GLU 69  134 134 GLU GLU A . n 
A 1 70  PHE 70  135 135 PHE PHE A . n 
A 1 71  TRP 71  136 136 TRP TRP A . n 
A 1 72  ARG 72  137 137 ARG ARG A . n 
A 1 73  TYR 73  138 138 TYR TYR A . n 
A 1 74  PHE 74  139 139 PHE PHE A . n 
A 1 75  THR 75  140 140 THR THR A . n 
A 1 76  HIS 76  141 141 HIS HIS A . n 
A 1 77  ALA 77  142 142 ALA ALA A . n 
A 1 78  LEU 78  143 143 LEU LEU A . n 
A 1 79  MET 79  144 144 MET MET A . n 
A 1 80  HIS 80  145 145 HIS HIS A . n 
A 1 81  PHE 81  146 146 PHE PHE A . n 
A 1 82  SER 82  147 147 SER SER A . n 
A 1 83  LEU 83  148 148 LEU LEU A . n 
A 1 84  MET 84  149 149 MET MET A . n 
A 1 85  HIS 85  150 150 HIS HIS A . n 
A 1 86  ILE 86  151 151 ILE ILE A . n 
A 1 87  LEU 87  152 152 LEU LEU A . n 
A 1 88  PHE 88  153 153 PHE PHE A . n 
A 1 89  ASN 89  154 154 ASN ASN A . n 
A 1 90  LEU 90  155 155 LEU LEU A . n 
A 1 91  LEU 91  156 156 LEU LEU A . n 
A 1 92  TRP 92  157 157 TRP TRP A . n 
A 1 93  TRP 93  158 158 TRP TRP A . n 
A 1 94  TRP 94  159 159 TRP TRP A . n 
A 1 95  TYR 95  160 160 TYR TYR A . n 
A 1 96  LEU 96  161 161 LEU LEU A . n 
A 1 97  GLY 97  162 162 GLY GLY A . n 
A 1 98  GLY 98  163 163 GLY GLY A . n 
A 1 99  ALA 99  164 164 ALA ALA A . n 
A 1 100 VAL 100 165 165 VAL VAL A . n 
A 1 101 GLU 101 166 166 GLU GLU A . n 
A 1 102 LYS 102 167 167 LYS LYS A . n 
A 1 103 ARG 103 168 168 ARG ARG A . n 
A 1 104 LEU 104 169 169 LEU LEU A . n 
A 1 105 GLY 105 170 170 GLY GLY A . n 
A 1 106 SER 106 171 171 SER SER A . n 
A 1 107 GLY 107 172 172 GLY GLY A . n 
A 1 108 LYS 108 173 173 LYS LYS A . n 
A 1 109 LEU 109 174 174 LEU LEU A . n 
A 1 110 ILE 110 175 175 ILE ILE A . n 
A 1 111 VAL 111 176 176 VAL VAL A . n 
A 1 112 ILE 112 177 177 ILE ILE A . n 
A 1 113 THR 113 178 178 THR THR A . n 
A 1 114 LEU 114 179 179 LEU LEU A . n 
A 1 115 ILE 115 180 180 ILE ILE A . n 
A 1 116 SER 116 181 181 SER SER A . n 
A 1 117 ALA 117 182 182 ALA ALA A . n 
A 1 118 LEU 118 183 183 LEU LEU A . n 
A 1 119 LEU 119 184 184 LEU LEU A . n 
A 1 120 SER 120 185 185 SER SER A . n 
A 1 121 GLY 121 186 186 GLY GLY A . n 
A 1 122 TYR 122 187 187 TYR TYR A . n 
A 1 123 VAL 123 188 188 VAL VAL A . n 
A 1 124 GLN 124 189 189 GLN GLN A . n 
A 1 125 GLN 125 190 190 GLN GLN A . n 
A 1 126 LYS 126 191 191 LYS LYS A . n 
A 1 127 PHE 127 192 192 PHE PHE A . n 
A 1 128 SER 128 193 193 SER SER A . n 
A 1 129 GLY 129 194 194 GLY GLY A . n 
A 1 130 PRO 130 195 195 PRO PRO A . n 
A 1 131 TRP 131 196 196 TRP TRP A . n 
A 1 132 PHE 132 197 197 PHE PHE A . n 
A 1 133 GLY 133 198 198 GLY GLY A . n 
A 1 134 GLY 134 199 199 GLY GLY A . n 
A 1 135 LEU 135 200 200 LEU LEU A . n 
A 1 136 SER 136 201 201 SER SER A . n 
A 1 137 GLY 137 202 202 GLY GLY A . n 
A 1 138 VAL 138 203 203 VAL VAL A . n 
A 1 139 VAL 139 204 204 VAL VAL A . n 
A 1 140 PHE 140 205 205 PHE PHE A . n 
A 1 141 ALA 141 206 206 ALA ALA A . n 
A 1 142 LEU 142 207 207 LEU LEU A . n 
A 1 143 MET 143 208 208 MET MET A . n 
A 1 144 GLY 144 209 209 GLY GLY A . n 
A 1 145 TYR 145 210 210 TYR TYR A . n 
A 1 146 VAL 146 211 211 VAL VAL A . n 
A 1 147 TRP 147 212 212 TRP TRP A . n 
A 1 148 LEU 148 213 213 LEU LEU A . n 
A 1 149 ARG 149 214 214 ARG ARG A . n 
A 1 150 GLY 150 215 215 GLY GLY A . n 
A 1 151 GLU 151 216 216 GLU GLU A . n 
A 1 152 ARG 152 217 217 ARG ARG A . n 
A 1 153 ASP 153 218 218 ASP ASP A . n 
A 1 154 PRO 154 219 219 PRO PRO A . n 
A 1 155 GLN 155 220 220 GLN GLN A . n 
A 1 156 SER 156 221 221 SER SER A . n 
A 1 157 GLY 157 222 222 GLY GLY A . n 
A 1 158 ILE 158 223 223 ILE ILE A . n 
A 1 159 TYR 159 224 224 TYR TYR A . n 
A 1 160 LEU 160 225 225 LEU LEU A . n 
A 1 161 GLN 161 226 226 GLN GLN A . n 
A 1 162 ARG 162 227 227 ARG ARG A . n 
A 1 163 GLY 163 228 228 GLY GLY A . n 
A 1 164 LEU 164 229 229 LEU LEU A . n 
A 1 165 ILE 165 230 230 ILE ILE A . n 
A 1 166 ILE 166 231 231 ILE ILE A . n 
A 1 167 PHE 167 232 232 PHE PHE A . n 
A 1 168 ALA 168 233 233 ALA ALA A . n 
A 1 169 LEU 169 234 234 LEU LEU A . n 
A 1 170 ILE 170 235 235 ILE ILE A . n 
A 1 171 TRP 171 236 236 TRP TRP A . n 
A 1 172 ILE 172 237 237 ILE ILE A . n 
A 1 173 VAL 173 238 238 VAL VAL A . n 
A 1 174 ALA 174 239 239 ALA ALA A . n 
A 1 175 GLY 175 240 240 GLY GLY A . n 
A 1 176 TRP 176 241 241 TRP TRP A . n 
A 1 177 PHE 177 242 242 PHE PHE A . n 
A 1 178 ASP 178 243 243 ASP ASP A . n 
A 1 179 LEU 179 244 244 LEU LEU A . n 
A 1 180 PHE 180 245 ?   ?   ?   A . n 
A 1 181 GLY 181 246 ?   ?   ?   A . n 
A 1 182 MET 182 247 247 MET MET A . n 
A 1 183 SER 183 248 248 SER SER A . n 
A 1 184 MET 184 249 249 MET MET A . n 
A 1 185 ALA 185 250 250 ALA ALA A . n 
A 1 186 ASN 186 251 251 ASN ASN A . n 
A 1 187 GLY 187 252 252 GLY GLY A . n 
A 1 188 ALA 188 253 253 ALA ALA A . n 
A 1 189 HIS 189 254 254 HIS HIS A . n 
A 1 190 ILE 190 255 255 ILE ILE A . n 
A 1 191 ALA 191 256 256 ALA ALA A . n 
A 1 192 GLY 192 257 257 GLY GLY A . n 
A 1 193 LEU 193 258 258 LEU LEU A . n 
A 1 194 ALA 194 259 259 ALA ALA A . n 
A 1 195 VAL 195 260 260 VAL VAL A . n 
A 1 196 GLY 196 261 261 GLY GLY A . n 
A 1 197 LEU 197 262 262 LEU LEU A . n 
A 1 198 ALA 198 263 263 ALA ALA A . n 
A 1 199 MET 199 264 264 MET MET A . n 
A 1 200 ALA 200 265 265 ALA ALA A . n 
A 1 201 PHE 201 266 266 PHE PHE A . n 
A 1 202 VAL 202 267 267 VAL VAL A . n 
A 1 203 ASP 203 268 268 ASP ASP A . n 
A 1 204 SER 204 269 269 SER SER A . n 
A 1 205 LEU 205 270 270 LEU LEU A . n 
A 1 206 ASN 206 271 271 ASN ASN A . n 
A 1 207 ALA 207 272 272 ALA ALA A . n 
A 1 208 ARG 208 273 ?   ?   ?   A . n 
A 1 209 LYS 209 274 ?   ?   ?   A . n 
A 1 210 ARG 210 275 ?   ?   ?   A . n 
A 1 211 LYS 211 276 ?   ?   ?   A . n 
B 2 1   ACE 1   497 ?   ?   ?   B . n 
B 2 2   ARG 2   498 ?   ?   ?   B . n 
B 2 3   LYS 3   499 ?   ?   ?   B . n 
B 2 4   VAL 4   500 500 VAL VAL B . n 
B 2 5   ARG 5   501 501 ARG ARG B . n 
B 2 6   MET 6   502 502 MET MET B . n 
B 2 7   5XU 7   503 503 5XU ALA B . n 
# 
loop_
_pdbx_nonpoly_scheme.asym_id 
_pdbx_nonpoly_scheme.entity_id 
_pdbx_nonpoly_scheme.mon_id 
_pdbx_nonpoly_scheme.ndb_seq_num 
_pdbx_nonpoly_scheme.pdb_seq_num 
_pdbx_nonpoly_scheme.auth_seq_num 
_pdbx_nonpoly_scheme.pdb_mon_id 
_pdbx_nonpoly_scheme.auth_mon_id 
_pdbx_nonpoly_scheme.pdb_strand_id 
_pdbx_nonpoly_scheme.pdb_ins_code 
C 3 HOH 1  301 523 HOH HOH A . 
C 3 HOH 2  302 505 HOH HOH A . 
C 3 HOH 3  303 546 HOH HOH A . 
C 3 HOH 4  304 547 HOH HOH A . 
C 3 HOH 5  305 503 HOH HOH A . 
C 3 HOH 6  306 538 HOH HOH A . 
C 3 HOH 7  307 524 HOH HOH A . 
C 3 HOH 8  308 510 HOH HOH A . 
C 3 HOH 9  309 549 HOH HOH A . 
C 3 HOH 10 310 514 HOH HOH A . 
C 3 HOH 11 311 501 HOH HOH A . 
C 3 HOH 12 312 511 HOH HOH A . 
C 3 HOH 13 313 527 HOH HOH A . 
C 3 HOH 14 314 504 HOH HOH A . 
C 3 HOH 15 315 516 HOH HOH A . 
C 3 HOH 16 316 502 HOH HOH A . 
C 3 HOH 17 317 529 HOH HOH A . 
C 3 HOH 18 318 528 HOH HOH A . 
C 3 HOH 19 319 508 HOH HOH A . 
C 3 HOH 20 320 500 HOH HOH A . 
C 3 HOH 21 321 530 HOH HOH A . 
C 3 HOH 22 322 522 HOH HOH A . 
C 3 HOH 23 323 513 HOH HOH A . 
C 3 HOH 24 324 531 HOH HOH A . 
C 3 HOH 25 325 533 HOH HOH A . 
C 3 HOH 26 326 517 HOH HOH A . 
C 3 HOH 27 327 509 HOH HOH A . 
C 3 HOH 28 328 506 HOH HOH A . 
C 3 HOH 29 329 512 HOH HOH A . 
C 3 HOH 30 330 534 HOH HOH A . 
C 3 HOH 31 331 519 HOH HOH A . 
C 3 HOH 32 332 515 HOH HOH A . 
C 3 HOH 33 333 536 HOH HOH A . 
C 3 HOH 34 334 532 HOH HOH A . 
C 3 HOH 35 335 507 HOH HOH A . 
C 3 HOH 36 336 543 HOH HOH A . 
C 3 HOH 37 337 544 HOH HOH A . 
C 3 HOH 38 338 526 HOH HOH A . 
C 3 HOH 39 339 540 HOH HOH A . 
C 3 HOH 40 340 541 HOH HOH A . 
C 3 HOH 41 341 525 HOH HOH A . 
C 3 HOH 42 342 537 HOH HOH A . 
C 3 HOH 43 343 548 HOH HOH A . 
C 3 HOH 44 344 521 HOH HOH A . 
C 3 HOH 45 345 535 HOH HOH A . 
C 3 HOH 46 346 520 HOH HOH A . 
C 3 HOH 47 347 545 HOH HOH A . 
C 3 HOH 48 348 518 HOH HOH A . 
D 3 HOH 1  601 539 HOH HOH B . 
D 3 HOH 2  602 542 HOH HOH B . 
# 
loop_
_software.citation_id 
_software.classification 
_software.compiler_name 
_software.compiler_version 
_software.contact_author 
_software.contact_author_email 
_software.date 
_software.description 
_software.dependencies 
_software.hardware 
_software.language 
_software.location 
_software.mods 
_software.name 
_software.os 
_software.os_version 
_software.type 
_software.version 
_software.pdbx_ordinal 
? refinement       ? ? ? ? ? ? ? ? ? ? ? REFMAC  ? ? ? 5.8.0103 1 
? 'data reduction' ? ? ? ? ? ? ? ? ? ? ? iMOSFLM ? ? ? .        2 
? 'data scaling'   ? ? ? ? ? ? ? ? ? ? ? Aimless ? ? ? .        3 
? phasing          ? ? ? ? ? ? ? ? ? ? ? MOLREP  ? ? ? .        4 
# 
_cell.angle_alpha                  90.00 
_cell.angle_alpha_esd              ? 
_cell.angle_beta                   90.00 
_cell.angle_beta_esd               ? 
_cell.angle_gamma                  90.00 
_cell.angle_gamma_esd              ? 
_cell.entry_id                     5F5K 
_cell.details                      ? 
_cell.formula_units_Z              ? 
_cell.length_a                     70.320 
_cell.length_a_esd                 ? 
_cell.length_b                     96.120 
_cell.length_b_esd                 ? 
_cell.length_c                     62.670 
_cell.length_c_esd                 ? 
_cell.volume                       ? 
_cell.volume_esd                   ? 
_cell.Z_PDB                        8 
_cell.reciprocal_angle_alpha       ? 
_cell.reciprocal_angle_beta        ? 
_cell.reciprocal_angle_gamma       ? 
_cell.reciprocal_angle_alpha_esd   ? 
_cell.reciprocal_angle_beta_esd    ? 
_cell.reciprocal_angle_gamma_esd   ? 
_cell.reciprocal_length_a          ? 
_cell.reciprocal_length_b          ? 
_cell.reciprocal_length_c          ? 
_cell.reciprocal_length_a_esd      ? 
_cell.reciprocal_length_b_esd      ? 
_cell.reciprocal_length_c_esd      ? 
_cell.pdbx_unique_axis             ? 
# 
_symmetry.entry_id                         5F5K 
_symmetry.cell_setting                     ? 
_symmetry.Int_Tables_number                20 
_symmetry.space_group_name_Hall            ? 
_symmetry.space_group_name_H-M             'C 2 2 21' 
_symmetry.pdbx_full_space_group_name_H-M   ? 
# 
_exptl.absorpt_coefficient_mu     ? 
_exptl.absorpt_correction_T_max   ? 
_exptl.absorpt_correction_T_min   ? 
_exptl.absorpt_correction_type    ? 
_exptl.absorpt_process_details    ? 
_exptl.entry_id                   5F5K 
_exptl.crystals_number            1 
_exptl.details                    ? 
_exptl.method                     'X-RAY DIFFRACTION' 
_exptl.method_details             ? 
# 
_exptl_crystal.colour                      ? 
_exptl_crystal.density_diffrn              ? 
_exptl_crystal.density_Matthews            2.18 
_exptl_crystal.density_method              ? 
_exptl_crystal.density_percent_sol         43.61 
_exptl_crystal.description                 ? 
_exptl_crystal.F_000                       ? 
_exptl_crystal.id                          1 
_exptl_crystal.preparation                 ? 
_exptl_crystal.size_max                    ? 
_exptl_crystal.size_mid                    ? 
_exptl_crystal.size_min                    ? 
_exptl_crystal.size_rad                    ? 
_exptl_crystal.colour_lustre               ? 
_exptl_crystal.colour_modifier             ? 
_exptl_crystal.colour_primary              ? 
_exptl_crystal.density_meas                ? 
_exptl_crystal.density_meas_esd            ? 
_exptl_crystal.density_meas_gt             ? 
_exptl_crystal.density_meas_lt             ? 
_exptl_crystal.density_meas_temp           ? 
_exptl_crystal.density_meas_temp_esd       ? 
_exptl_crystal.density_meas_temp_gt        ? 
_exptl_crystal.density_meas_temp_lt        ? 
_exptl_crystal.pdbx_crystal_image_url      ? 
_exptl_crystal.pdbx_crystal_image_format   ? 
_exptl_crystal.pdbx_mosaicity              ? 
_exptl_crystal.pdbx_mosaicity_esd          ? 
# 
_exptl_crystal_grow.apparatus       ? 
_exptl_crystal_grow.atmosphere      ? 
_exptl_crystal_grow.crystal_id      1 
_exptl_crystal_grow.details         ? 
_exptl_crystal_grow.method          'VAPOR DIFFUSION, HANGING DROP' 
_exptl_crystal_grow.method_ref      ? 
_exptl_crystal_grow.pH              ? 
_exptl_crystal_grow.pressure        ? 
_exptl_crystal_grow.pressure_esd    ? 
_exptl_crystal_grow.seeding         ? 
_exptl_crystal_grow.seeding_ref     ? 
_exptl_crystal_grow.temp            298 
_exptl_crystal_grow.temp_details    ? 
_exptl_crystal_grow.temp_esd        ? 
_exptl_crystal_grow.time            ? 
_exptl_crystal_grow.pdbx_details    '2.5M NaCl, 0.1M Sodium Acetate pH 5, 5% Glycerol, 7% DMPC/CHAPSO bicelle' 
_exptl_crystal_grow.pdbx_pH_range   ? 
# 
_diffrn.ambient_environment    ? 
_diffrn.ambient_temp           100 
_diffrn.ambient_temp_details   ? 
_diffrn.ambient_temp_esd       ? 
_diffrn.crystal_id             1 
_diffrn.crystal_support        ? 
_diffrn.crystal_treatment      ? 
_diffrn.details                ? 
_diffrn.id                     1 
_diffrn.ambient_pressure       ? 
_diffrn.ambient_pressure_esd   ? 
_diffrn.ambient_pressure_gt    ? 
_diffrn.ambient_pressure_lt    ? 
_diffrn.ambient_temp_gt        ? 
_diffrn.ambient_temp_lt        ? 
# 
_diffrn_detector.details                      ? 
_diffrn_detector.detector                     CCD 
_diffrn_detector.diffrn_id                    1 
_diffrn_detector.type                         'ADSC QUANTUM 270' 
_diffrn_detector.area_resol_mean              ? 
_diffrn_detector.dtime                        ? 
_diffrn_detector.pdbx_frames_total            ? 
_diffrn_detector.pdbx_collection_time_total   ? 
_diffrn_detector.pdbx_collection_date         2015-03-20 
# 
_diffrn_radiation.collimation                      ? 
_diffrn_radiation.diffrn_id                        1 
_diffrn_radiation.filter_edge                      ? 
_diffrn_radiation.inhomogeneity                    ? 
_diffrn_radiation.monochromator                    ? 
_diffrn_radiation.polarisn_norm                    ? 
_diffrn_radiation.polarisn_ratio                   ? 
_diffrn_radiation.probe                            ? 
_diffrn_radiation.type                             ? 
_diffrn_radiation.xray_symbol                      ? 
_diffrn_radiation.wavelength_id                    1 
_diffrn_radiation.pdbx_monochromatic_or_laue_m_l   M 
_diffrn_radiation.pdbx_wavelength_list             ? 
_diffrn_radiation.pdbx_wavelength                  ? 
_diffrn_radiation.pdbx_diffrn_protocol             'SINGLE WAVELENGTH' 
_diffrn_radiation.pdbx_analyzer                    ? 
_diffrn_radiation.pdbx_scattering_type             x-ray 
# 
_diffrn_radiation_wavelength.id           1 
_diffrn_radiation_wavelength.wavelength   0.972 
_diffrn_radiation_wavelength.wt           1.0 
# 
_diffrn_source.current                     ? 
_diffrn_source.details                     ? 
_diffrn_source.diffrn_id                   1 
_diffrn_source.power                       ? 
_diffrn_source.size                        ? 
_diffrn_source.source                      SYNCHROTRON 
_diffrn_source.target                      ? 
_diffrn_source.type                        'CHESS BEAMLINE F1' 
_diffrn_source.voltage                     ? 
_diffrn_source.take-off_angle              ? 
_diffrn_source.pdbx_wavelength_list        0.972 
_diffrn_source.pdbx_wavelength             ? 
_diffrn_source.pdbx_synchrotron_beamline   F1 
_diffrn_source.pdbx_synchrotron_site       CHESS 
# 
_reflns.B_iso_Wilson_estimate            ? 
_reflns.entry_id                         5F5K 
_reflns.data_reduction_details           ? 
_reflns.data_reduction_method            ? 
_reflns.d_resolution_high                2.3 
_reflns.d_resolution_low                 50.01 
_reflns.details                          ? 
_reflns.limit_h_max                      ? 
_reflns.limit_h_min                      ? 
_reflns.limit_k_max                      ? 
_reflns.limit_k_min                      ? 
_reflns.limit_l_max                      ? 
_reflns.limit_l_min                      ? 
_reflns.number_all                       ? 
_reflns.number_obs                       9474 
_reflns.observed_criterion               ? 
_reflns.observed_criterion_F_max         ? 
_reflns.observed_criterion_F_min         ? 
_reflns.observed_criterion_I_max         ? 
_reflns.observed_criterion_I_min         ? 
_reflns.observed_criterion_sigma_F       ? 
_reflns.observed_criterion_sigma_I       ? 
_reflns.percent_possible_obs             97.6 
_reflns.R_free_details                   ? 
_reflns.Rmerge_F_all                     ? 
_reflns.Rmerge_F_obs                     ? 
_reflns.Friedel_coverage                 ? 
_reflns.number_gt                        ? 
_reflns.threshold_expression             ? 
_reflns.pdbx_redundancy                  5.1 
_reflns.pdbx_Rmerge_I_obs                ? 
_reflns.pdbx_Rmerge_I_all                ? 
_reflns.pdbx_Rsym_value                  ? 
_reflns.pdbx_netI_over_av_sigmaI         ? 
_reflns.pdbx_netI_over_sigmaI            5.8 
_reflns.pdbx_res_netI_over_av_sigmaI_2   ? 
_reflns.pdbx_res_netI_over_sigmaI_2      ? 
_reflns.pdbx_chi_squared                 ? 
_reflns.pdbx_scaling_rejects             ? 
_reflns.pdbx_d_res_high_opt              ? 
_reflns.pdbx_d_res_low_opt               ? 
_reflns.pdbx_d_res_opt_method            ? 
_reflns.phase_calculation_details        ? 
_reflns.pdbx_Rrim_I_all                  ? 
_reflns.pdbx_Rpim_I_all                  ? 
_reflns.pdbx_d_opt                       ? 
_reflns.pdbx_number_measured_all         ? 
_reflns.pdbx_diffrn_id                   1 
_reflns.pdbx_ordinal                     1 
_reflns.pdbx_CC_half                     ? 
_reflns.pdbx_R_split                     ? 
# 
_refine.aniso_B[1][1]                            5.46 
_refine.aniso_B[1][2]                            0.00 
_refine.aniso_B[1][3]                            0.00 
_refine.aniso_B[2][2]                            -0.74 
_refine.aniso_B[2][3]                            0.00 
_refine.aniso_B[3][3]                            -4.72 
_refine.B_iso_max                                ? 
_refine.B_iso_mean                               50.172 
_refine.B_iso_min                                ? 
_refine.correlation_coeff_Fo_to_Fc               0.927 
_refine.correlation_coeff_Fo_to_Fc_free          0.873 
_refine.details                                  ? 
_refine.diff_density_max                         ? 
_refine.diff_density_max_esd                     ? 
_refine.diff_density_min                         ? 
_refine.diff_density_min_esd                     ? 
_refine.diff_density_rms                         ? 
_refine.diff_density_rms_esd                     ? 
_refine.entry_id                                 5F5K 
_refine.pdbx_refine_id                           'X-RAY DIFFRACTION' 
_refine.ls_abs_structure_details                 ? 
_refine.ls_abs_structure_Flack                   ? 
_refine.ls_abs_structure_Flack_esd               ? 
_refine.ls_abs_structure_Rogers                  ? 
_refine.ls_abs_structure_Rogers_esd              ? 
_refine.ls_d_res_high                            2.40 
_refine.ls_d_res_low                             50.01 
_refine.ls_extinction_coef                       ? 
_refine.ls_extinction_coef_esd                   ? 
_refine.ls_extinction_expression                 ? 
_refine.ls_extinction_method                     ? 
_refine.ls_goodness_of_fit_all                   ? 
_refine.ls_goodness_of_fit_all_esd               ? 
_refine.ls_goodness_of_fit_obs                   ? 
_refine.ls_goodness_of_fit_obs_esd               ? 
_refine.ls_hydrogen_treatment                    ? 
_refine.ls_matrix_type                           ? 
_refine.ls_number_constraints                    ? 
_refine.ls_number_parameters                     ? 
_refine.ls_number_reflns_all                     ? 
_refine.ls_number_reflns_obs                     7947 
_refine.ls_number_reflns_R_free                  401 
_refine.ls_number_reflns_R_work                  ? 
_refine.ls_number_restraints                     ? 
_refine.ls_percent_reflns_obs                    97.17 
_refine.ls_percent_reflns_R_free                 4.8 
_refine.ls_R_factor_all                          ? 
_refine.ls_R_factor_obs                          0.23707 
_refine.ls_R_factor_R_free                       0.28807 
_refine.ls_R_factor_R_free_error                 ? 
_refine.ls_R_factor_R_free_error_details         ? 
_refine.ls_R_factor_R_work                       0.23439 
_refine.ls_R_Fsqd_factor_obs                     ? 
_refine.ls_R_I_factor_obs                        ? 
_refine.ls_redundancy_reflns_all                 ? 
_refine.ls_redundancy_reflns_obs                 ? 
_refine.ls_restrained_S_all                      ? 
_refine.ls_restrained_S_obs                      ? 
_refine.ls_shift_over_esd_max                    ? 
_refine.ls_shift_over_esd_mean                   ? 
_refine.ls_structure_factor_coef                 ? 
_refine.ls_weighting_details                     ? 
_refine.ls_weighting_scheme                      ? 
_refine.ls_wR_factor_all                         ? 
_refine.ls_wR_factor_obs                         ? 
_refine.ls_wR_factor_R_free                      ? 
_refine.ls_wR_factor_R_work                      ? 
_refine.occupancy_max                            ? 
_refine.occupancy_min                            ? 
_refine.solvent_model_details                    MASK 
_refine.solvent_model_param_bsol                 ? 
_refine.solvent_model_param_ksol                 ? 
_refine.ls_R_factor_gt                           ? 
_refine.ls_goodness_of_fit_gt                    ? 
_refine.ls_goodness_of_fit_ref                   ? 
_refine.ls_shift_over_su_max                     ? 
_refine.ls_shift_over_su_max_lt                  ? 
_refine.ls_shift_over_su_mean                    ? 
_refine.ls_shift_over_su_mean_lt                 ? 
_refine.pdbx_ls_sigma_I                          ? 
_refine.pdbx_ls_sigma_F                          ? 
_refine.pdbx_ls_sigma_Fsqd                       ? 
_refine.pdbx_data_cutoff_high_absF               ? 
_refine.pdbx_data_cutoff_high_rms_absF           ? 
_refine.pdbx_data_cutoff_low_absF                ? 
_refine.pdbx_isotropic_thermal_model             ? 
_refine.pdbx_ls_cross_valid_method               THROUGHOUT 
_refine.pdbx_method_to_determine_struct          ? 
_refine.pdbx_starting_model                      ? 
_refine.pdbx_stereochemistry_target_values       'MAXIMUM LIKELIHOOD' 
_refine.pdbx_R_Free_selection_details            RANDOM 
_refine.pdbx_stereochem_target_val_spec_case     ? 
_refine.pdbx_overall_ESU_R                       0.506 
_refine.pdbx_overall_ESU_R_Free                  0.308 
_refine.pdbx_solvent_vdw_probe_radii             1.20 
_refine.pdbx_solvent_ion_probe_radii             0.80 
_refine.pdbx_solvent_shrinkage_radii             0.80 
_refine.pdbx_real_space_R                        ? 
_refine.pdbx_density_correlation                 ? 
_refine.pdbx_pd_number_of_powder_patterns        ? 
_refine.pdbx_pd_number_of_points                 ? 
_refine.pdbx_pd_meas_number_of_points            ? 
_refine.pdbx_pd_proc_ls_prof_R_factor            ? 
_refine.pdbx_pd_proc_ls_prof_wR_factor           ? 
_refine.pdbx_pd_Marquardt_correlation_coeff      ? 
_refine.pdbx_pd_Fsqrd_R_factor                   ? 
_refine.pdbx_pd_ls_matrix_band_width             ? 
_refine.pdbx_overall_phase_error                 ? 
_refine.pdbx_overall_SU_R_free_Cruickshank_DPI   ? 
_refine.pdbx_overall_SU_R_free_Blow_DPI          ? 
_refine.pdbx_overall_SU_R_Blow_DPI               ? 
_refine.pdbx_TLS_residual_ADP_flag               ? 
_refine.pdbx_diffrn_id                           1 
_refine.overall_SU_B                             15.711 
_refine.overall_SU_ML                            0.337 
_refine.overall_SU_R_Cruickshank_DPI             ? 
_refine.overall_SU_R_free                        ? 
_refine.overall_FOM_free_R_set                   ? 
_refine.overall_FOM_work_R_set                   ? 
_refine.pdbx_average_fsc_overall                 ? 
_refine.pdbx_average_fsc_work                    ? 
_refine.pdbx_average_fsc_free                    ? 
# 
_refine_hist.pdbx_refine_id                   'X-RAY DIFFRACTION' 
_refine_hist.cycle_id                         1 
_refine_hist.pdbx_number_atoms_protein        1446 
_refine_hist.pdbx_number_atoms_nucleic_acid   0 
_refine_hist.pdbx_number_atoms_ligand         0 
_refine_hist.number_atoms_solvent             50 
_refine_hist.number_atoms_total               1496 
_refine_hist.d_res_high                       2.40 
_refine_hist.d_res_low                        50.01 
# 
loop_
_refine_ls_restr.pdbx_refine_id 
_refine_ls_restr.criterion 
_refine_ls_restr.dev_ideal 
_refine_ls_restr.dev_ideal_target 
_refine_ls_restr.number 
_refine_ls_restr.rejects 
_refine_ls_restr.type 
_refine_ls_restr.weight 
_refine_ls_restr.pdbx_restraint_function 
'X-RAY DIFFRACTION' ? 0.011  0.019  1495 ? r_bond_refined_d             ? ? 
'X-RAY DIFFRACTION' ? ?      ?      ?    ? r_bond_other_d               ? ? 
'X-RAY DIFFRACTION' ? 1.348  1.922  2031 ? r_angle_refined_deg          ? ? 
'X-RAY DIFFRACTION' ? ?      ?      ?    ? r_angle_other_deg            ? ? 
'X-RAY DIFFRACTION' ? 5.755  5.000  180  ? r_dihedral_angle_1_deg       ? ? 
'X-RAY DIFFRACTION' ? 33.047 22.105 57   ? r_dihedral_angle_2_deg       ? ? 
'X-RAY DIFFRACTION' ? 15.681 15.000 234  ? r_dihedral_angle_3_deg       ? ? 
'X-RAY DIFFRACTION' ? 21.148 15.000 6    ? r_dihedral_angle_4_deg       ? ? 
'X-RAY DIFFRACTION' ? 0.092  0.200  221  ? r_chiral_restr               ? ? 
'X-RAY DIFFRACTION' ? 0.006  0.021  1107 ? r_gen_planes_refined         ? ? 
'X-RAY DIFFRACTION' ? ?      ?      ?    ? r_gen_planes_other           ? ? 
'X-RAY DIFFRACTION' ? ?      ?      ?    ? r_nbd_refined                ? ? 
'X-RAY DIFFRACTION' ? ?      ?      ?    ? r_nbd_other                  ? ? 
'X-RAY DIFFRACTION' ? ?      ?      ?    ? r_nbtor_refined              ? ? 
'X-RAY DIFFRACTION' ? ?      ?      ?    ? r_nbtor_other                ? ? 
'X-RAY DIFFRACTION' ? ?      ?      ?    ? r_xyhbond_nbd_refined        ? ? 
'X-RAY DIFFRACTION' ? ?      ?      ?    ? r_xyhbond_nbd_other          ? ? 
'X-RAY DIFFRACTION' ? ?      ?      ?    ? r_metal_ion_refined          ? ? 
'X-RAY DIFFRACTION' ? ?      ?      ?    ? r_metal_ion_other            ? ? 
'X-RAY DIFFRACTION' ? ?      ?      ?    ? r_symmetry_vdw_refined       ? ? 
'X-RAY DIFFRACTION' ? ?      ?      ?    ? r_symmetry_vdw_other         ? ? 
'X-RAY DIFFRACTION' ? ?      ?      ?    ? r_symmetry_hbond_refined     ? ? 
'X-RAY DIFFRACTION' ? ?      ?      ?    ? r_symmetry_hbond_other       ? ? 
'X-RAY DIFFRACTION' ? ?      ?      ?    ? r_symmetry_metal_ion_refined ? ? 
'X-RAY DIFFRACTION' ? ?      ?      ?    ? r_symmetry_metal_ion_other   ? ? 
'X-RAY DIFFRACTION' ? 3.352  4.792  728  ? r_mcbond_it                  ? ? 
'X-RAY DIFFRACTION' ? ?      ?      ?    ? r_mcbond_other               ? ? 
'X-RAY DIFFRACTION' ? 5.517  7.148  904  ? r_mcangle_it                 ? ? 
'X-RAY DIFFRACTION' ? ?      ?      ?    ? r_mcangle_other              ? ? 
'X-RAY DIFFRACTION' ? 3.876  5.144  767  ? r_scbond_it                  ? ? 
'X-RAY DIFFRACTION' ? ?      ?      ?    ? r_scbond_other               ? ? 
'X-RAY DIFFRACTION' ? ?      ?      ?    ? r_scangle_it                 ? ? 
'X-RAY DIFFRACTION' ? ?      ?      ?    ? r_scangle_other              ? ? 
'X-RAY DIFFRACTION' ? 10.531 45.234 6491 ? r_long_range_B_refined       ? ? 
'X-RAY DIFFRACTION' ? ?      ?      ?    ? r_long_range_B_other         ? ? 
'X-RAY DIFFRACTION' ? ?      ?      ?    ? r_rigid_bond_restr           ? ? 
'X-RAY DIFFRACTION' ? ?      ?      ?    ? r_sphericity_free            ? ? 
'X-RAY DIFFRACTION' ? ?      ?      ?    ? r_sphericity_bonded          ? ? 
# 
_refine_ls_shell.pdbx_refine_id                   'X-RAY DIFFRACTION' 
_refine_ls_shell.d_res_high                       2.400 
_refine_ls_shell.d_res_low                        2.462 
_refine_ls_shell.number_reflns_all                ? 
_refine_ls_shell.number_reflns_obs                ? 
_refine_ls_shell.number_reflns_R_free             27 
_refine_ls_shell.number_reflns_R_work             557 
_refine_ls_shell.percent_reflns_obs               97.50 
_refine_ls_shell.percent_reflns_R_free            ? 
_refine_ls_shell.R_factor_all                     ? 
_refine_ls_shell.R_factor_obs                     ? 
_refine_ls_shell.R_factor_R_free                  0.406 
_refine_ls_shell.R_factor_R_free_error            ? 
_refine_ls_shell.R_factor_R_work                  0.362 
_refine_ls_shell.redundancy_reflns_all            ? 
_refine_ls_shell.redundancy_reflns_obs            ? 
_refine_ls_shell.wR_factor_all                    ? 
_refine_ls_shell.wR_factor_obs                    ? 
_refine_ls_shell.wR_factor_R_free                 ? 
_refine_ls_shell.wR_factor_R_work                 ? 
_refine_ls_shell.pdbx_total_number_of_bins_used   20 
_refine_ls_shell.pdbx_phase_error                 ? 
_refine_ls_shell.pdbx_fsc_work                    ? 
_refine_ls_shell.pdbx_fsc_free                    ? 
# 
_struct.entry_id                     5F5K 
_struct.title                        'E.Coli GlpG Y205F mutant complexed with aldehyde inhibitor in DMPC/CHAPSO bicelle' 
_struct.pdbx_model_details           ? 
_struct.pdbx_formula_weight          ? 
_struct.pdbx_formula_weight_method   ? 
_struct.pdbx_model_type_details      ? 
_struct.pdbx_CASP_flag               ? 
# 
_struct_keywords.entry_id        5F5K 
_struct_keywords.text            
'GlpG, Rhomboid, intramembrane protease, bicelle, aldehyde inhibitor, HYDROLASE-HYDROLASE INHIBITOR complex' 
_struct_keywords.pdbx_keywords   'HYDROLASE/HYDROLASE INHIBITOR' 
# 
loop_
_struct_asym.id 
_struct_asym.pdbx_blank_PDB_chainid_flag 
_struct_asym.pdbx_modified 
_struct_asym.entity_id 
_struct_asym.details 
A N N 1 ? 
B N N 2 ? 
C N N 3 ? 
D N N 3 ? 
# 
loop_
_struct_ref.id 
_struct_ref.db_name 
_struct_ref.db_code 
_struct_ref.pdbx_db_accession 
_struct_ref.pdbx_db_isoform 
_struct_ref.entity_id 
_struct_ref.pdbx_seq_one_letter_code 
_struct_ref.pdbx_align_begin 
1 UNP A0A0J2E248_ECOLX A0A0J2E248 ? 1 
;AALRERAGPVTWVMMIACVVVFIAMQILGDQEVMLWLAWPFDPTLKFEFWRYFTHALMHFSLMHILFNLLWWWYLGGAVE
KRLGSGKLIVITLISALLSGYVQQKFSGPWFGGLSGVVYALMGYVWLRGERDPQSGIYLQRGLIIFALIWIVAGWFDLFG
MSMANGAHIAGLAVGLAMAFVDSLNARKRK
;
87 
2 PDB 5F5K             5F5K       ? 2 ? 1  
# 
loop_
_struct_ref_seq.align_id 
_struct_ref_seq.ref_id 
_struct_ref_seq.pdbx_PDB_id_code 
_struct_ref_seq.pdbx_strand_id 
_struct_ref_seq.seq_align_beg 
_struct_ref_seq.pdbx_seq_align_beg_ins_code 
_struct_ref_seq.seq_align_end 
_struct_ref_seq.pdbx_seq_align_end_ins_code 
_struct_ref_seq.pdbx_db_accession 
_struct_ref_seq.db_align_beg 
_struct_ref_seq.pdbx_db_align_beg_ins_code 
_struct_ref_seq.db_align_end 
_struct_ref_seq.pdbx_db_align_end_ins_code 
_struct_ref_seq.pdbx_auth_seq_align_beg 
_struct_ref_seq.pdbx_auth_seq_align_end 
1 1 5F5K A 22 ? 211 ? A0A0J2E248 87  ? 276 ? 87  276 
2 2 5F5K B 1  ? 7   ? 5F5K       497 ? 503 ? 497 503 
# 
loop_
_struct_ref_seq_dif.align_id 
_struct_ref_seq_dif.pdbx_pdb_id_code 
_struct_ref_seq_dif.mon_id 
_struct_ref_seq_dif.pdbx_pdb_strand_id 
_struct_ref_seq_dif.seq_num 
_struct_ref_seq_dif.pdbx_pdb_ins_code 
_struct_ref_seq_dif.pdbx_seq_db_name 
_struct_ref_seq_dif.pdbx_seq_db_accession_code 
_struct_ref_seq_dif.db_mon_id 
_struct_ref_seq_dif.pdbx_seq_db_seq_num 
_struct_ref_seq_dif.details 
_struct_ref_seq_dif.pdbx_auth_seq_num 
_struct_ref_seq_dif.pdbx_ordinal 
1 5F5K MET A 1   ? UNP A0A0J2E248 ?   ?   'initiating methionine' 66  1  
1 5F5K GLY A 2   ? UNP A0A0J2E248 ?   ?   'expression tag'        67  2  
1 5F5K SER A 3   ? UNP A0A0J2E248 ?   ?   'expression tag'        68  3  
1 5F5K SER A 4   ? UNP A0A0J2E248 ?   ?   'expression tag'        69  4  
1 5F5K HIS A 5   ? UNP A0A0J2E248 ?   ?   'expression tag'        70  5  
1 5F5K HIS A 6   ? UNP A0A0J2E248 ?   ?   'expression tag'        71  6  
1 5F5K HIS A 7   ? UNP A0A0J2E248 ?   ?   'expression tag'        72  7  
1 5F5K HIS A 8   ? UNP A0A0J2E248 ?   ?   'expression tag'        73  8  
1 5F5K HIS A 9   ? UNP A0A0J2E248 ?   ?   'expression tag'        74  9  
1 5F5K HIS A 10  ? UNP A0A0J2E248 ?   ?   'expression tag'        75  10 
1 5F5K SER A 11  ? UNP A0A0J2E248 ?   ?   'expression tag'        76  11 
1 5F5K SER A 12  ? UNP A0A0J2E248 ?   ?   'expression tag'        77  12 
1 5F5K GLY A 13  ? UNP A0A0J2E248 ?   ?   'expression tag'        78  13 
1 5F5K LEU A 14  ? UNP A0A0J2E248 ?   ?   'expression tag'        79  14 
1 5F5K VAL A 15  ? UNP A0A0J2E248 ?   ?   'expression tag'        80  15 
1 5F5K PRO A 16  ? UNP A0A0J2E248 ?   ?   'expression tag'        81  16 
1 5F5K ARG A 17  ? UNP A0A0J2E248 ?   ?   'expression tag'        82  17 
1 5F5K GLY A 18  ? UNP A0A0J2E248 ?   ?   'expression tag'        83  18 
1 5F5K SER A 19  ? UNP A0A0J2E248 ?   ?   'expression tag'        84  19 
1 5F5K HIS A 20  ? UNP A0A0J2E248 ?   ?   'expression tag'        85  20 
1 5F5K MET A 21  ? UNP A0A0J2E248 ?   ?   'expression tag'        86  21 
1 5F5K PHE A 140 ? UNP A0A0J2E248 TYR 205 'engineered mutation'   205 22 
# 
_pdbx_struct_assembly.id                   1 
_pdbx_struct_assembly.details              author_and_software_defined_assembly 
_pdbx_struct_assembly.method_details       PISA 
_pdbx_struct_assembly.oligomeric_details   dimeric 
_pdbx_struct_assembly.oligomeric_count     2 
# 
loop_
_pdbx_struct_assembly_prop.biol_id 
_pdbx_struct_assembly_prop.type 
_pdbx_struct_assembly_prop.value 
_pdbx_struct_assembly_prop.details 
1 'ABSA (A^2)' 960  ? 
1 MORE         -6   ? 
1 'SSA (A^2)'  9080 ? 
# 
_pdbx_struct_assembly_gen.assembly_id       1 
_pdbx_struct_assembly_gen.oper_expression   1 
_pdbx_struct_assembly_gen.asym_id_list      A,B,C,D 
# 
_pdbx_struct_oper_list.id                   1 
_pdbx_struct_oper_list.type                 'identity operation' 
_pdbx_struct_oper_list.name                 1_555 
_pdbx_struct_oper_list.symmetry_operation   x,y,z 
_pdbx_struct_oper_list.matrix[1][1]         1.0000000000 
_pdbx_struct_oper_list.matrix[1][2]         0.0000000000 
_pdbx_struct_oper_list.matrix[1][3]         0.0000000000 
_pdbx_struct_oper_list.vector[1]            0.0000000000 
_pdbx_struct_oper_list.matrix[2][1]         0.0000000000 
_pdbx_struct_oper_list.matrix[2][2]         1.0000000000 
_pdbx_struct_oper_list.matrix[2][3]         0.0000000000 
_pdbx_struct_oper_list.vector[2]            0.0000000000 
_pdbx_struct_oper_list.matrix[3][1]         0.0000000000 
_pdbx_struct_oper_list.matrix[3][2]         0.0000000000 
_pdbx_struct_oper_list.matrix[3][3]         1.0000000000 
_pdbx_struct_oper_list.vector[3]            0.0000000000 
# 
loop_
_struct_conf.conf_type_id 
_struct_conf.id 
_struct_conf.pdbx_PDB_helix_id 
_struct_conf.beg_label_comp_id 
_struct_conf.beg_label_asym_id 
_struct_conf.beg_label_seq_id 
_struct_conf.pdbx_beg_PDB_ins_code 
_struct_conf.end_label_comp_id 
_struct_conf.end_label_asym_id 
_struct_conf.end_label_seq_id 
_struct_conf.pdbx_end_PDB_ins_code 
_struct_conf.beg_auth_comp_id 
_struct_conf.beg_auth_asym_id 
_struct_conf.beg_auth_seq_id 
_struct_conf.end_auth_comp_id 
_struct_conf.end_auth_asym_id 
_struct_conf.end_auth_seq_id 
_struct_conf.pdbx_PDB_helix_class 
_struct_conf.details 
_struct_conf.pdbx_PDB_helix_length 
HELX_P HELX_P1  AA1 GLY A 29  ? GLY A 50  ? GLY A 94  GLY A 115 1 ? 22 
HELX_P HELX_P2  AA2 GLY A 50  ? ALA A 59  ? GLY A 115 ALA A 124 1 ? 10 
HELX_P HELX_P3  AA3 ASP A 63  ? LYS A 67  ? ASP A 128 LYS A 132 5 ? 5  
HELX_P HELX_P4  AA4 TRP A 71  ? HIS A 76  ? TRP A 136 HIS A 141 1 ? 6  
HELX_P HELX_P5  AA5 ALA A 77  ? MET A 79  ? ALA A 142 MET A 144 5 ? 3  
HELX_P HELX_P6  AA6 SER A 82  ? GLY A 105 ? SER A 147 GLY A 170 1 ? 24 
HELX_P HELX_P7  AA7 GLY A 105 ? GLY A 129 ? GLY A 170 GLY A 194 1 ? 25 
HELX_P HELX_P8  AA8 LEU A 135 ? ASP A 153 ? LEU A 200 ASP A 218 1 ? 19 
HELX_P HELX_P9  AA9 PRO A 154 ? GLY A 157 ? PRO A 219 GLY A 222 5 ? 4  
HELX_P HELX_P10 AB1 GLN A 161 ? ALA A 174 ? GLN A 226 ALA A 239 1 ? 14 
HELX_P HELX_P11 AB2 ALA A 185 ? SER A 204 ? ALA A 250 SER A 269 1 ? 20 
# 
_struct_conf_type.id          HELX_P 
_struct_conf_type.criteria    ? 
_struct_conf_type.reference   ? 
# 
_struct_conn.id                            covale1 
_struct_conn.conn_type_id                  covale 
_struct_conn.pdbx_leaving_atom_flag        both 
_struct_conn.pdbx_PDB_id                   ? 
_struct_conn.ptnr1_label_asym_id           B 
_struct_conn.ptnr1_label_comp_id           MET 
_struct_conn.ptnr1_label_seq_id            6 
_struct_conn.ptnr1_label_atom_id           C 
_struct_conn.pdbx_ptnr1_label_alt_id       ? 
_struct_conn.pdbx_ptnr1_PDB_ins_code       ? 
_struct_conn.pdbx_ptnr1_standard_comp_id   ? 
_struct_conn.ptnr1_symmetry                1_555 
_struct_conn.ptnr2_label_asym_id           B 
_struct_conn.ptnr2_label_comp_id           5XU 
_struct_conn.ptnr2_label_seq_id            7 
_struct_conn.ptnr2_label_atom_id           N 
_struct_conn.pdbx_ptnr2_label_alt_id       ? 
_struct_conn.pdbx_ptnr2_PDB_ins_code       ? 
_struct_conn.ptnr1_auth_asym_id            B 
_struct_conn.ptnr1_auth_comp_id            MET 
_struct_conn.ptnr1_auth_seq_id             502 
_struct_conn.ptnr2_auth_asym_id            B 
_struct_conn.ptnr2_auth_comp_id            5XU 
_struct_conn.ptnr2_auth_seq_id             503 
_struct_conn.ptnr2_symmetry                1_555 
_struct_conn.pdbx_ptnr3_label_atom_id      ? 
_struct_conn.pdbx_ptnr3_label_seq_id       ? 
_struct_conn.pdbx_ptnr3_label_comp_id      ? 
_struct_conn.pdbx_ptnr3_label_asym_id      ? 
_struct_conn.pdbx_ptnr3_label_alt_id       ? 
_struct_conn.pdbx_ptnr3_PDB_ins_code       ? 
_struct_conn.details                       ? 
_struct_conn.pdbx_dist_value               1.328 
_struct_conn.pdbx_value_order              ? 
_struct_conn.pdbx_role                     ? 
# 
_struct_conn_type.id          covale 
_struct_conn_type.criteria    ? 
_struct_conn_type.reference   ? 
# 
_struct_sheet.id               AA1 
_struct_sheet.type             ? 
_struct_sheet.number_strands   2 
_struct_sheet.details          ? 
# 
_struct_sheet_order.sheet_id     AA1 
_struct_sheet_order.range_id_1   1 
_struct_sheet_order.range_id_2   2 
_struct_sheet_order.offset       ? 
_struct_sheet_order.sense        parallel 
# 
loop_
_struct_sheet_range.sheet_id 
_struct_sheet_range.id 
_struct_sheet_range.beg_label_comp_id 
_struct_sheet_range.beg_label_asym_id 
_struct_sheet_range.beg_label_seq_id 
_struct_sheet_range.pdbx_beg_PDB_ins_code 
_struct_sheet_range.end_label_comp_id 
_struct_sheet_range.end_label_asym_id 
_struct_sheet_range.end_label_seq_id 
_struct_sheet_range.pdbx_end_PDB_ins_code 
_struct_sheet_range.beg_auth_comp_id 
_struct_sheet_range.beg_auth_asym_id 
_struct_sheet_range.beg_auth_seq_id 
_struct_sheet_range.end_auth_comp_id 
_struct_sheet_range.end_auth_asym_id 
_struct_sheet_range.end_auth_seq_id 
AA1 1 PHE A 132 ? GLY A 134 ? PHE A 197 GLY A 199 
AA1 2 ARG B 5   ? 5XU B 7   ? ARG B 501 5XU B 503 
# 
_pdbx_struct_sheet_hbond.sheet_id                AA1 
_pdbx_struct_sheet_hbond.range_id_1              1 
_pdbx_struct_sheet_hbond.range_id_2              2 
_pdbx_struct_sheet_hbond.range_1_label_atom_id   N 
_pdbx_struct_sheet_hbond.range_1_label_comp_id   GLY 
_pdbx_struct_sheet_hbond.range_1_label_asym_id   A 
_pdbx_struct_sheet_hbond.range_1_label_seq_id    133 
_pdbx_struct_sheet_hbond.range_1_PDB_ins_code    ? 
_pdbx_struct_sheet_hbond.range_1_auth_atom_id    N 
_pdbx_struct_sheet_hbond.range_1_auth_comp_id    GLY 
_pdbx_struct_sheet_hbond.range_1_auth_asym_id    A 
_pdbx_struct_sheet_hbond.range_1_auth_seq_id     198 
_pdbx_struct_sheet_hbond.range_2_label_atom_id   O 
_pdbx_struct_sheet_hbond.range_2_label_comp_id   5XU 
_pdbx_struct_sheet_hbond.range_2_label_asym_id   B 
_pdbx_struct_sheet_hbond.range_2_label_seq_id    7 
_pdbx_struct_sheet_hbond.range_2_PDB_ins_code    ? 
_pdbx_struct_sheet_hbond.range_2_auth_atom_id    O 
_pdbx_struct_sheet_hbond.range_2_auth_comp_id    5XU 
_pdbx_struct_sheet_hbond.range_2_auth_asym_id    B 
_pdbx_struct_sheet_hbond.range_2_auth_seq_id     503 
# 
_pdbx_validate_symm_contact.id                1 
_pdbx_validate_symm_contact.PDB_model_num     1 
_pdbx_validate_symm_contact.auth_atom_id_1    O 
_pdbx_validate_symm_contact.auth_asym_id_1    A 
_pdbx_validate_symm_contact.auth_comp_id_1    HOH 
_pdbx_validate_symm_contact.auth_seq_id_1     313 
_pdbx_validate_symm_contact.PDB_ins_code_1    ? 
_pdbx_validate_symm_contact.label_alt_id_1    ? 
_pdbx_validate_symm_contact.site_symmetry_1   1_555 
_pdbx_validate_symm_contact.auth_atom_id_2    O 
_pdbx_validate_symm_contact.auth_asym_id_2    A 
_pdbx_validate_symm_contact.auth_comp_id_2    HOH 
_pdbx_validate_symm_contact.auth_seq_id_2     313 
_pdbx_validate_symm_contact.PDB_ins_code_2    ? 
_pdbx_validate_symm_contact.label_alt_id_2    ? 
_pdbx_validate_symm_contact.site_symmetry_2   3_554 
_pdbx_validate_symm_contact.dist              1.36 
# 
loop_
_pdbx_validate_torsion.id 
_pdbx_validate_torsion.PDB_model_num 
_pdbx_validate_torsion.auth_comp_id 
_pdbx_validate_torsion.auth_asym_id 
_pdbx_validate_torsion.auth_seq_id 
_pdbx_validate_torsion.PDB_ins_code 
_pdbx_validate_torsion.label_alt_id 
_pdbx_validate_torsion.phi 
_pdbx_validate_torsion.psi 
1 1 TRP A 125 ? ? -36.68  139.91 
2 1 LEU A 156 ? ? -42.65  -73.21 
3 1 SER A 193 ? ? -150.51 11.71  
4 1 TYR A 224 ? ? -176.44 148.29 
5 1 ASP A 243 ? ? 70.57   72.41  
6 1 SER A 248 ? ? -162.66 58.14  
7 1 ASN A 271 ? ? -66.66  6.01   
# 
_pdbx_struct_special_symmetry.id              1 
_pdbx_struct_special_symmetry.PDB_model_num   1 
_pdbx_struct_special_symmetry.auth_asym_id    A 
_pdbx_struct_special_symmetry.auth_comp_id    HOH 
_pdbx_struct_special_symmetry.auth_seq_id     329 
_pdbx_struct_special_symmetry.PDB_ins_code    ? 
_pdbx_struct_special_symmetry.label_asym_id   C 
_pdbx_struct_special_symmetry.label_comp_id   HOH 
_pdbx_struct_special_symmetry.label_seq_id    . 
# 
loop_
_pdbx_distant_solvent_atoms.id 
_pdbx_distant_solvent_atoms.PDB_model_num 
_pdbx_distant_solvent_atoms.auth_atom_id 
_pdbx_distant_solvent_atoms.label_alt_id 
_pdbx_distant_solvent_atoms.auth_asym_id 
_pdbx_distant_solvent_atoms.auth_comp_id 
_pdbx_distant_solvent_atoms.auth_seq_id 
_pdbx_distant_solvent_atoms.PDB_ins_code 
_pdbx_distant_solvent_atoms.neighbor_macromolecule_distance 
_pdbx_distant_solvent_atoms.neighbor_ligand_distance 
1  1 O ? A HOH 335 ? 5.93 . 
2  1 O ? A HOH 336 ? 6.57 . 
3  1 O ? A HOH 337 ? 6.65 . 
4  1 O ? A HOH 338 ? 6.79 . 
5  1 O ? A HOH 339 ? 7.01 . 
6  1 O ? A HOH 340 ? 7.62 . 
7  1 O ? A HOH 341 ? 7.89 . 
8  1 O ? A HOH 342 ? 7.90 . 
9  1 O ? A HOH 343 ? 7.97 . 
10 1 O ? A HOH 344 ? 8.04 . 
11 1 O ? A HOH 345 ? 8.16 . 
12 1 O ? A HOH 346 ? 8.87 . 
13 1 O ? A HOH 347 ? 9.08 . 
14 1 O ? A HOH 348 ? 9.29 . 
# 
loop_
_pdbx_unobs_or_zero_occ_residues.id 
_pdbx_unobs_or_zero_occ_residues.PDB_model_num 
_pdbx_unobs_or_zero_occ_residues.polymer_flag 
_pdbx_unobs_or_zero_occ_residues.occupancy_flag 
_pdbx_unobs_or_zero_occ_residues.auth_asym_id 
_pdbx_unobs_or_zero_occ_residues.auth_comp_id 
_pdbx_unobs_or_zero_occ_residues.auth_seq_id 
_pdbx_unobs_or_zero_occ_residues.PDB_ins_code 
_pdbx_unobs_or_zero_occ_residues.label_asym_id 
_pdbx_unobs_or_zero_occ_residues.label_comp_id 
_pdbx_unobs_or_zero_occ_residues.label_seq_id 
1  1 Y 1 A MET 66  ? A MET 1   
2  1 Y 1 A GLY 67  ? A GLY 2   
3  1 Y 1 A SER 68  ? A SER 3   
4  1 Y 1 A SER 69  ? A SER 4   
5  1 Y 1 A HIS 70  ? A HIS 5   
6  1 Y 1 A HIS 71  ? A HIS 6   
7  1 Y 1 A HIS 72  ? A HIS 7   
8  1 Y 1 A HIS 73  ? A HIS 8   
9  1 Y 1 A HIS 74  ? A HIS 9   
10 1 Y 1 A HIS 75  ? A HIS 10  
11 1 Y 1 A SER 76  ? A SER 11  
12 1 Y 1 A SER 77  ? A SER 12  
13 1 Y 1 A GLY 78  ? A GLY 13  
14 1 Y 1 A LEU 79  ? A LEU 14  
15 1 Y 1 A VAL 80  ? A VAL 15  
16 1 Y 1 A PRO 81  ? A PRO 16  
17 1 Y 1 A ARG 82  ? A ARG 17  
18 1 Y 1 A GLY 83  ? A GLY 18  
19 1 Y 1 A SER 84  ? A SER 19  
20 1 Y 1 A HIS 85  ? A HIS 20  
21 1 Y 1 A MET 86  ? A MET 21  
22 1 Y 1 A ALA 87  ? A ALA 22  
23 1 Y 1 A ALA 88  ? A ALA 23  
24 1 Y 1 A LEU 89  ? A LEU 24  
25 1 Y 1 A ARG 90  ? A ARG 25  
26 1 Y 1 A GLU 91  ? A GLU 26  
27 1 Y 1 A ARG 92  ? A ARG 27  
28 1 Y 1 A PHE 245 ? A PHE 180 
29 1 Y 1 A GLY 246 ? A GLY 181 
30 1 Y 1 A ARG 273 ? A ARG 208 
31 1 Y 1 A LYS 274 ? A LYS 209 
32 1 Y 1 A ARG 275 ? A ARG 210 
33 1 Y 1 A LYS 276 ? A LYS 211 
34 1 Y 1 B ACE 497 ? B ACE 1   
35 1 Y 1 B ARG 498 ? B ARG 2   
36 1 Y 1 B LYS 499 ? B LYS 3   
# 
loop_
_chem_comp_atom.comp_id 
_chem_comp_atom.atom_id 
_chem_comp_atom.type_symbol 
_chem_comp_atom.pdbx_aromatic_flag 
_chem_comp_atom.pdbx_stereo_config 
_chem_comp_atom.pdbx_ordinal 
5XU N    N N N 1   
5XU CA   C N S 2   
5XU C    C N N 3   
5XU O    O N N 4   
5XU CB   C N N 5   
5XU H    H N N 6   
5XU H2   H N N 7   
5XU HA   H N N 8   
5XU HB1  H N N 9   
5XU HB2  H N N 10  
5XU HB3  H N N 11  
5XU H1   H N N 12  
ACE C    C N N 13  
ACE O    O N N 14  
ACE CH3  C N N 15  
ACE H    H N N 16  
ACE H1   H N N 17  
ACE H2   H N N 18  
ACE H3   H N N 19  
ALA N    N N N 20  
ALA CA   C N S 21  
ALA C    C N N 22  
ALA O    O N N 23  
ALA CB   C N N 24  
ALA OXT  O N N 25  
ALA H    H N N 26  
ALA H2   H N N 27  
ALA HA   H N N 28  
ALA HB1  H N N 29  
ALA HB2  H N N 30  
ALA HB3  H N N 31  
ALA HXT  H N N 32  
ARG N    N N N 33  
ARG CA   C N S 34  
ARG C    C N N 35  
ARG O    O N N 36  
ARG CB   C N N 37  
ARG CG   C N N 38  
ARG CD   C N N 39  
ARG NE   N N N 40  
ARG CZ   C N N 41  
ARG NH1  N N N 42  
ARG NH2  N N N 43  
ARG OXT  O N N 44  
ARG H    H N N 45  
ARG H2   H N N 46  
ARG HA   H N N 47  
ARG HB2  H N N 48  
ARG HB3  H N N 49  
ARG HG2  H N N 50  
ARG HG3  H N N 51  
ARG HD2  H N N 52  
ARG HD3  H N N 53  
ARG HE   H N N 54  
ARG HH11 H N N 55  
ARG HH12 H N N 56  
ARG HH21 H N N 57  
ARG HH22 H N N 58  
ARG HXT  H N N 59  
ASN N    N N N 60  
ASN CA   C N S 61  
ASN C    C N N 62  
ASN O    O N N 63  
ASN CB   C N N 64  
ASN CG   C N N 65  
ASN OD1  O N N 66  
ASN ND2  N N N 67  
ASN OXT  O N N 68  
ASN H    H N N 69  
ASN H2   H N N 70  
ASN HA   H N N 71  
ASN HB2  H N N 72  
ASN HB3  H N N 73  
ASN HD21 H N N 74  
ASN HD22 H N N 75  
ASN HXT  H N N 76  
ASP N    N N N 77  
ASP CA   C N S 78  
ASP C    C N N 79  
ASP O    O N N 80  
ASP CB   C N N 81  
ASP CG   C N N 82  
ASP OD1  O N N 83  
ASP OD2  O N N 84  
ASP OXT  O N N 85  
ASP H    H N N 86  
ASP H2   H N N 87  
ASP HA   H N N 88  
ASP HB2  H N N 89  
ASP HB3  H N N 90  
ASP HD2  H N N 91  
ASP HXT  H N N 92  
CYS N    N N N 93  
CYS CA   C N R 94  
CYS C    C N N 95  
CYS O    O N N 96  
CYS CB   C N N 97  
CYS SG   S N N 98  
CYS OXT  O N N 99  
CYS H    H N N 100 
CYS H2   H N N 101 
CYS HA   H N N 102 
CYS HB2  H N N 103 
CYS HB3  H N N 104 
CYS HG   H N N 105 
CYS HXT  H N N 106 
GLN N    N N N 107 
GLN CA   C N S 108 
GLN C    C N N 109 
GLN O    O N N 110 
GLN CB   C N N 111 
GLN CG   C N N 112 
GLN CD   C N N 113 
GLN OE1  O N N 114 
GLN NE2  N N N 115 
GLN OXT  O N N 116 
GLN H    H N N 117 
GLN H2   H N N 118 
GLN HA   H N N 119 
GLN HB2  H N N 120 
GLN HB3  H N N 121 
GLN HG2  H N N 122 
GLN HG3  H N N 123 
GLN HE21 H N N 124 
GLN HE22 H N N 125 
GLN HXT  H N N 126 
GLU N    N N N 127 
GLU CA   C N S 128 
GLU C    C N N 129 
GLU O    O N N 130 
GLU CB   C N N 131 
GLU CG   C N N 132 
GLU CD   C N N 133 
GLU OE1  O N N 134 
GLU OE2  O N N 135 
GLU OXT  O N N 136 
GLU H    H N N 137 
GLU H2   H N N 138 
GLU HA   H N N 139 
GLU HB2  H N N 140 
GLU HB3  H N N 141 
GLU HG2  H N N 142 
GLU HG3  H N N 143 
GLU HE2  H N N 144 
GLU HXT  H N N 145 
GLY N    N N N 146 
GLY CA   C N N 147 
GLY C    C N N 148 
GLY O    O N N 149 
GLY OXT  O N N 150 
GLY H    H N N 151 
GLY H2   H N N 152 
GLY HA2  H N N 153 
GLY HA3  H N N 154 
GLY HXT  H N N 155 
HIS N    N N N 156 
HIS CA   C N S 157 
HIS C    C N N 158 
HIS O    O N N 159 
HIS CB   C N N 160 
HIS CG   C Y N 161 
HIS ND1  N Y N 162 
HIS CD2  C Y N 163 
HIS CE1  C Y N 164 
HIS NE2  N Y N 165 
HIS OXT  O N N 166 
HIS H    H N N 167 
HIS H2   H N N 168 
HIS HA   H N N 169 
HIS HB2  H N N 170 
HIS HB3  H N N 171 
HIS HD1  H N N 172 
HIS HD2  H N N 173 
HIS HE1  H N N 174 
HIS HE2  H N N 175 
HIS HXT  H N N 176 
HOH O    O N N 177 
HOH H1   H N N 178 
HOH H2   H N N 179 
ILE N    N N N 180 
ILE CA   C N S 181 
ILE C    C N N 182 
ILE O    O N N 183 
ILE CB   C N S 184 
ILE CG1  C N N 185 
ILE CG2  C N N 186 
ILE CD1  C N N 187 
ILE OXT  O N N 188 
ILE H    H N N 189 
ILE H2   H N N 190 
ILE HA   H N N 191 
ILE HB   H N N 192 
ILE HG12 H N N 193 
ILE HG13 H N N 194 
ILE HG21 H N N 195 
ILE HG22 H N N 196 
ILE HG23 H N N 197 
ILE HD11 H N N 198 
ILE HD12 H N N 199 
ILE HD13 H N N 200 
ILE HXT  H N N 201 
LEU N    N N N 202 
LEU CA   C N S 203 
LEU C    C N N 204 
LEU O    O N N 205 
LEU CB   C N N 206 
LEU CG   C N N 207 
LEU CD1  C N N 208 
LEU CD2  C N N 209 
LEU OXT  O N N 210 
LEU H    H N N 211 
LEU H2   H N N 212 
LEU HA   H N N 213 
LEU HB2  H N N 214 
LEU HB3  H N N 215 
LEU HG   H N N 216 
LEU HD11 H N N 217 
LEU HD12 H N N 218 
LEU HD13 H N N 219 
LEU HD21 H N N 220 
LEU HD22 H N N 221 
LEU HD23 H N N 222 
LEU HXT  H N N 223 
LYS N    N N N 224 
LYS CA   C N S 225 
LYS C    C N N 226 
LYS O    O N N 227 
LYS CB   C N N 228 
LYS CG   C N N 229 
LYS CD   C N N 230 
LYS CE   C N N 231 
LYS NZ   N N N 232 
LYS OXT  O N N 233 
LYS H    H N N 234 
LYS H2   H N N 235 
LYS HA   H N N 236 
LYS HB2  H N N 237 
LYS HB3  H N N 238 
LYS HG2  H N N 239 
LYS HG3  H N N 240 
LYS HD2  H N N 241 
LYS HD3  H N N 242 
LYS HE2  H N N 243 
LYS HE3  H N N 244 
LYS HZ1  H N N 245 
LYS HZ2  H N N 246 
LYS HZ3  H N N 247 
LYS HXT  H N N 248 
MET N    N N N 249 
MET CA   C N S 250 
MET C    C N N 251 
MET O    O N N 252 
MET CB   C N N 253 
MET CG   C N N 254 
MET SD   S N N 255 
MET CE   C N N 256 
MET OXT  O N N 257 
MET H    H N N 258 
MET H2   H N N 259 
MET HA   H N N 260 
MET HB2  H N N 261 
MET HB3  H N N 262 
MET HG2  H N N 263 
MET HG3  H N N 264 
MET HE1  H N N 265 
MET HE2  H N N 266 
MET HE3  H N N 267 
MET HXT  H N N 268 
PHE N    N N N 269 
PHE CA   C N S 270 
PHE C    C N N 271 
PHE O    O N N 272 
PHE CB   C N N 273 
PHE CG   C Y N 274 
PHE CD1  C Y N 275 
PHE CD2  C Y N 276 
PHE CE1  C Y N 277 
PHE CE2  C Y N 278 
PHE CZ   C Y N 279 
PHE OXT  O N N 280 
PHE H    H N N 281 
PHE H2   H N N 282 
PHE HA   H N N 283 
PHE HB2  H N N 284 
PHE HB3  H N N 285 
PHE HD1  H N N 286 
PHE HD2  H N N 287 
PHE HE1  H N N 288 
PHE HE2  H N N 289 
PHE HZ   H N N 290 
PHE HXT  H N N 291 
PRO N    N N N 292 
PRO CA   C N S 293 
PRO C    C N N 294 
PRO O    O N N 295 
PRO CB   C N N 296 
PRO CG   C N N 297 
PRO CD   C N N 298 
PRO OXT  O N N 299 
PRO H    H N N 300 
PRO HA   H N N 301 
PRO HB2  H N N 302 
PRO HB3  H N N 303 
PRO HG2  H N N 304 
PRO HG3  H N N 305 
PRO HD2  H N N 306 
PRO HD3  H N N 307 
PRO HXT  H N N 308 
SER N    N N N 309 
SER CA   C N S 310 
SER C    C N N 311 
SER O    O N N 312 
SER CB   C N N 313 
SER OG   O N N 314 
SER OXT  O N N 315 
SER H    H N N 316 
SER H2   H N N 317 
SER HA   H N N 318 
SER HB2  H N N 319 
SER HB3  H N N 320 
SER HG   H N N 321 
SER HXT  H N N 322 
THR N    N N N 323 
THR CA   C N S 324 
THR C    C N N 325 
THR O    O N N 326 
THR CB   C N R 327 
THR OG1  O N N 328 
THR CG2  C N N 329 
THR OXT  O N N 330 
THR H    H N N 331 
THR H2   H N N 332 
THR HA   H N N 333 
THR HB   H N N 334 
THR HG1  H N N 335 
THR HG21 H N N 336 
THR HG22 H N N 337 
THR HG23 H N N 338 
THR HXT  H N N 339 
TRP N    N N N 340 
TRP CA   C N S 341 
TRP C    C N N 342 
TRP O    O N N 343 
TRP CB   C N N 344 
TRP CG   C Y N 345 
TRP CD1  C Y N 346 
TRP CD2  C Y N 347 
TRP NE1  N Y N 348 
TRP CE2  C Y N 349 
TRP CE3  C Y N 350 
TRP CZ2  C Y N 351 
TRP CZ3  C Y N 352 
TRP CH2  C Y N 353 
TRP OXT  O N N 354 
TRP H    H N N 355 
TRP H2   H N N 356 
TRP HA   H N N 357 
TRP HB2  H N N 358 
TRP HB3  H N N 359 
TRP HD1  H N N 360 
TRP HE1  H N N 361 
TRP HE3  H N N 362 
TRP HZ2  H N N 363 
TRP HZ3  H N N 364 
TRP HH2  H N N 365 
TRP HXT  H N N 366 
TYR N    N N N 367 
TYR CA   C N S 368 
TYR C    C N N 369 
TYR O    O N N 370 
TYR CB   C N N 371 
TYR CG   C Y N 372 
TYR CD1  C Y N 373 
TYR CD2  C Y N 374 
TYR CE1  C Y N 375 
TYR CE2  C Y N 376 
TYR CZ   C Y N 377 
TYR OH   O N N 378 
TYR OXT  O N N 379 
TYR H    H N N 380 
TYR H2   H N N 381 
TYR HA   H N N 382 
TYR HB2  H N N 383 
TYR HB3  H N N 384 
TYR HD1  H N N 385 
TYR HD2  H N N 386 
TYR HE1  H N N 387 
TYR HE2  H N N 388 
TYR HH   H N N 389 
TYR HXT  H N N 390 
VAL N    N N N 391 
VAL CA   C N S 392 
VAL C    C N N 393 
VAL O    O N N 394 
VAL CB   C N N 395 
VAL CG1  C N N 396 
VAL CG2  C N N 397 
VAL OXT  O N N 398 
VAL H    H N N 399 
VAL H2   H N N 400 
VAL HA   H N N 401 
VAL HB   H N N 402 
VAL HG11 H N N 403 
VAL HG12 H N N 404 
VAL HG13 H N N 405 
VAL HG21 H N N 406 
VAL HG22 H N N 407 
VAL HG23 H N N 408 
VAL HXT  H N N 409 
# 
loop_
_chem_comp_bond.comp_id 
_chem_comp_bond.atom_id_1 
_chem_comp_bond.atom_id_2 
_chem_comp_bond.value_order 
_chem_comp_bond.pdbx_aromatic_flag 
_chem_comp_bond.pdbx_stereo_config 
_chem_comp_bond.pdbx_ordinal 
5XU O   C    doub N N 1   
5XU C   CA   sing N N 2   
5XU CB  CA   sing N N 3   
5XU N   CA   sing N N 4   
5XU N   H    sing N N 5   
5XU N   H2   sing N N 6   
5XU CA  HA   sing N N 7   
5XU CB  HB1  sing N N 8   
5XU CB  HB2  sing N N 9   
5XU CB  HB3  sing N N 10  
5XU C   H1   sing N N 11  
ACE C   O    doub N N 12  
ACE C   CH3  sing N N 13  
ACE C   H    sing N N 14  
ACE CH3 H1   sing N N 15  
ACE CH3 H2   sing N N 16  
ACE CH3 H3   sing N N 17  
ALA N   CA   sing N N 18  
ALA N   H    sing N N 19  
ALA N   H2   sing N N 20  
ALA CA  C    sing N N 21  
ALA CA  CB   sing N N 22  
ALA CA  HA   sing N N 23  
ALA C   O    doub N N 24  
ALA C   OXT  sing N N 25  
ALA CB  HB1  sing N N 26  
ALA CB  HB2  sing N N 27  
ALA CB  HB3  sing N N 28  
ALA OXT HXT  sing N N 29  
ARG N   CA   sing N N 30  
ARG N   H    sing N N 31  
ARG N   H2   sing N N 32  
ARG CA  C    sing N N 33  
ARG CA  CB   sing N N 34  
ARG CA  HA   sing N N 35  
ARG C   O    doub N N 36  
ARG C   OXT  sing N N 37  
ARG CB  CG   sing N N 38  
ARG CB  HB2  sing N N 39  
ARG CB  HB3  sing N N 40  
ARG CG  CD   sing N N 41  
ARG CG  HG2  sing N N 42  
ARG CG  HG3  sing N N 43  
ARG CD  NE   sing N N 44  
ARG CD  HD2  sing N N 45  
ARG CD  HD3  sing N N 46  
ARG NE  CZ   sing N N 47  
ARG NE  HE   sing N N 48  
ARG CZ  NH1  sing N N 49  
ARG CZ  NH2  doub N N 50  
ARG NH1 HH11 sing N N 51  
ARG NH1 HH12 sing N N 52  
ARG NH2 HH21 sing N N 53  
ARG NH2 HH22 sing N N 54  
ARG OXT HXT  sing N N 55  
ASN N   CA   sing N N 56  
ASN N   H    sing N N 57  
ASN N   H2   sing N N 58  
ASN CA  C    sing N N 59  
ASN CA  CB   sing N N 60  
ASN CA  HA   sing N N 61  
ASN C   O    doub N N 62  
ASN C   OXT  sing N N 63  
ASN CB  CG   sing N N 64  
ASN CB  HB2  sing N N 65  
ASN CB  HB3  sing N N 66  
ASN CG  OD1  doub N N 67  
ASN CG  ND2  sing N N 68  
ASN ND2 HD21 sing N N 69  
ASN ND2 HD22 sing N N 70  
ASN OXT HXT  sing N N 71  
ASP N   CA   sing N N 72  
ASP N   H    sing N N 73  
ASP N   H2   sing N N 74  
ASP CA  C    sing N N 75  
ASP CA  CB   sing N N 76  
ASP CA  HA   sing N N 77  
ASP C   O    doub N N 78  
ASP C   OXT  sing N N 79  
ASP CB  CG   sing N N 80  
ASP CB  HB2  sing N N 81  
ASP CB  HB3  sing N N 82  
ASP CG  OD1  doub N N 83  
ASP CG  OD2  sing N N 84  
ASP OD2 HD2  sing N N 85  
ASP OXT HXT  sing N N 86  
CYS N   CA   sing N N 87  
CYS N   H    sing N N 88  
CYS N   H2   sing N N 89  
CYS CA  C    sing N N 90  
CYS CA  CB   sing N N 91  
CYS CA  HA   sing N N 92  
CYS C   O    doub N N 93  
CYS C   OXT  sing N N 94  
CYS CB  SG   sing N N 95  
CYS CB  HB2  sing N N 96  
CYS CB  HB3  sing N N 97  
CYS SG  HG   sing N N 98  
CYS OXT HXT  sing N N 99  
GLN N   CA   sing N N 100 
GLN N   H    sing N N 101 
GLN N   H2   sing N N 102 
GLN CA  C    sing N N 103 
GLN CA  CB   sing N N 104 
GLN CA  HA   sing N N 105 
GLN C   O    doub N N 106 
GLN C   OXT  sing N N 107 
GLN CB  CG   sing N N 108 
GLN CB  HB2  sing N N 109 
GLN CB  HB3  sing N N 110 
GLN CG  CD   sing N N 111 
GLN CG  HG2  sing N N 112 
GLN CG  HG3  sing N N 113 
GLN CD  OE1  doub N N 114 
GLN CD  NE2  sing N N 115 
GLN NE2 HE21 sing N N 116 
GLN NE2 HE22 sing N N 117 
GLN OXT HXT  sing N N 118 
GLU N   CA   sing N N 119 
GLU N   H    sing N N 120 
GLU N   H2   sing N N 121 
GLU CA  C    sing N N 122 
GLU CA  CB   sing N N 123 
GLU CA  HA   sing N N 124 
GLU C   O    doub N N 125 
GLU C   OXT  sing N N 126 
GLU CB  CG   sing N N 127 
GLU CB  HB2  sing N N 128 
GLU CB  HB3  sing N N 129 
GLU CG  CD   sing N N 130 
GLU CG  HG2  sing N N 131 
GLU CG  HG3  sing N N 132 
GLU CD  OE1  doub N N 133 
GLU CD  OE2  sing N N 134 
GLU OE2 HE2  sing N N 135 
GLU OXT HXT  sing N N 136 
GLY N   CA   sing N N 137 
GLY N   H    sing N N 138 
GLY N   H2   sing N N 139 
GLY CA  C    sing N N 140 
GLY CA  HA2  sing N N 141 
GLY CA  HA3  sing N N 142 
GLY C   O    doub N N 143 
GLY C   OXT  sing N N 144 
GLY OXT HXT  sing N N 145 
HIS N   CA   sing N N 146 
HIS N   H    sing N N 147 
HIS N   H2   sing N N 148 
HIS CA  C    sing N N 149 
HIS CA  CB   sing N N 150 
HIS CA  HA   sing N N 151 
HIS C   O    doub N N 152 
HIS C   OXT  sing N N 153 
HIS CB  CG   sing N N 154 
HIS CB  HB2  sing N N 155 
HIS CB  HB3  sing N N 156 
HIS CG  ND1  sing Y N 157 
HIS CG  CD2  doub Y N 158 
HIS ND1 CE1  doub Y N 159 
HIS ND1 HD1  sing N N 160 
HIS CD2 NE2  sing Y N 161 
HIS CD2 HD2  sing N N 162 
HIS CE1 NE2  sing Y N 163 
HIS CE1 HE1  sing N N 164 
HIS NE2 HE2  sing N N 165 
HIS OXT HXT  sing N N 166 
HOH O   H1   sing N N 167 
HOH O   H2   sing N N 168 
ILE N   CA   sing N N 169 
ILE N   H    sing N N 170 
ILE N   H2   sing N N 171 
ILE CA  C    sing N N 172 
ILE CA  CB   sing N N 173 
ILE CA  HA   sing N N 174 
ILE C   O    doub N N 175 
ILE C   OXT  sing N N 176 
ILE CB  CG1  sing N N 177 
ILE CB  CG2  sing N N 178 
ILE CB  HB   sing N N 179 
ILE CG1 CD1  sing N N 180 
ILE CG1 HG12 sing N N 181 
ILE CG1 HG13 sing N N 182 
ILE CG2 HG21 sing N N 183 
ILE CG2 HG22 sing N N 184 
ILE CG2 HG23 sing N N 185 
ILE CD1 HD11 sing N N 186 
ILE CD1 HD12 sing N N 187 
ILE CD1 HD13 sing N N 188 
ILE OXT HXT  sing N N 189 
LEU N   CA   sing N N 190 
LEU N   H    sing N N 191 
LEU N   H2   sing N N 192 
LEU CA  C    sing N N 193 
LEU CA  CB   sing N N 194 
LEU CA  HA   sing N N 195 
LEU C   O    doub N N 196 
LEU C   OXT  sing N N 197 
LEU CB  CG   sing N N 198 
LEU CB  HB2  sing N N 199 
LEU CB  HB3  sing N N 200 
LEU CG  CD1  sing N N 201 
LEU CG  CD2  sing N N 202 
LEU CG  HG   sing N N 203 
LEU CD1 HD11 sing N N 204 
LEU CD1 HD12 sing N N 205 
LEU CD1 HD13 sing N N 206 
LEU CD2 HD21 sing N N 207 
LEU CD2 HD22 sing N N 208 
LEU CD2 HD23 sing N N 209 
LEU OXT HXT  sing N N 210 
LYS N   CA   sing N N 211 
LYS N   H    sing N N 212 
LYS N   H2   sing N N 213 
LYS CA  C    sing N N 214 
LYS CA  CB   sing N N 215 
LYS CA  HA   sing N N 216 
LYS C   O    doub N N 217 
LYS C   OXT  sing N N 218 
LYS CB  CG   sing N N 219 
LYS CB  HB2  sing N N 220 
LYS CB  HB3  sing N N 221 
LYS CG  CD   sing N N 222 
LYS CG  HG2  sing N N 223 
LYS CG  HG3  sing N N 224 
LYS CD  CE   sing N N 225 
LYS CD  HD2  sing N N 226 
LYS CD  HD3  sing N N 227 
LYS CE  NZ   sing N N 228 
LYS CE  HE2  sing N N 229 
LYS CE  HE3  sing N N 230 
LYS NZ  HZ1  sing N N 231 
LYS NZ  HZ2  sing N N 232 
LYS NZ  HZ3  sing N N 233 
LYS OXT HXT  sing N N 234 
MET N   CA   sing N N 235 
MET N   H    sing N N 236 
MET N   H2   sing N N 237 
MET CA  C    sing N N 238 
MET CA  CB   sing N N 239 
MET CA  HA   sing N N 240 
MET C   O    doub N N 241 
MET C   OXT  sing N N 242 
MET CB  CG   sing N N 243 
MET CB  HB2  sing N N 244 
MET CB  HB3  sing N N 245 
MET CG  SD   sing N N 246 
MET CG  HG2  sing N N 247 
MET CG  HG3  sing N N 248 
MET SD  CE   sing N N 249 
MET CE  HE1  sing N N 250 
MET CE  HE2  sing N N 251 
MET CE  HE3  sing N N 252 
MET OXT HXT  sing N N 253 
PHE N   CA   sing N N 254 
PHE N   H    sing N N 255 
PHE N   H2   sing N N 256 
PHE CA  C    sing N N 257 
PHE CA  CB   sing N N 258 
PHE CA  HA   sing N N 259 
PHE C   O    doub N N 260 
PHE C   OXT  sing N N 261 
PHE CB  CG   sing N N 262 
PHE CB  HB2  sing N N 263 
PHE CB  HB3  sing N N 264 
PHE CG  CD1  doub Y N 265 
PHE CG  CD2  sing Y N 266 
PHE CD1 CE1  sing Y N 267 
PHE CD1 HD1  sing N N 268 
PHE CD2 CE2  doub Y N 269 
PHE CD2 HD2  sing N N 270 
PHE CE1 CZ   doub Y N 271 
PHE CE1 HE1  sing N N 272 
PHE CE2 CZ   sing Y N 273 
PHE CE2 HE2  sing N N 274 
PHE CZ  HZ   sing N N 275 
PHE OXT HXT  sing N N 276 
PRO N   CA   sing N N 277 
PRO N   CD   sing N N 278 
PRO N   H    sing N N 279 
PRO CA  C    sing N N 280 
PRO CA  CB   sing N N 281 
PRO CA  HA   sing N N 282 
PRO C   O    doub N N 283 
PRO C   OXT  sing N N 284 
PRO CB  CG   sing N N 285 
PRO CB  HB2  sing N N 286 
PRO CB  HB3  sing N N 287 
PRO CG  CD   sing N N 288 
PRO CG  HG2  sing N N 289 
PRO CG  HG3  sing N N 290 
PRO CD  HD2  sing N N 291 
PRO CD  HD3  sing N N 292 
PRO OXT HXT  sing N N 293 
SER N   CA   sing N N 294 
SER N   H    sing N N 295 
SER N   H2   sing N N 296 
SER CA  C    sing N N 297 
SER CA  CB   sing N N 298 
SER CA  HA   sing N N 299 
SER C   O    doub N N 300 
SER C   OXT  sing N N 301 
SER CB  OG   sing N N 302 
SER CB  HB2  sing N N 303 
SER CB  HB3  sing N N 304 
SER OG  HG   sing N N 305 
SER OXT HXT  sing N N 306 
THR N   CA   sing N N 307 
THR N   H    sing N N 308 
THR N   H2   sing N N 309 
THR CA  C    sing N N 310 
THR CA  CB   sing N N 311 
THR CA  HA   sing N N 312 
THR C   O    doub N N 313 
THR C   OXT  sing N N 314 
THR CB  OG1  sing N N 315 
THR CB  CG2  sing N N 316 
THR CB  HB   sing N N 317 
THR OG1 HG1  sing N N 318 
THR CG2 HG21 sing N N 319 
THR CG2 HG22 sing N N 320 
THR CG2 HG23 sing N N 321 
THR OXT HXT  sing N N 322 
TRP N   CA   sing N N 323 
TRP N   H    sing N N 324 
TRP N   H2   sing N N 325 
TRP CA  C    sing N N 326 
TRP CA  CB   sing N N 327 
TRP CA  HA   sing N N 328 
TRP C   O    doub N N 329 
TRP C   OXT  sing N N 330 
TRP CB  CG   sing N N 331 
TRP CB  HB2  sing N N 332 
TRP CB  HB3  sing N N 333 
TRP CG  CD1  doub Y N 334 
TRP CG  CD2  sing Y N 335 
TRP CD1 NE1  sing Y N 336 
TRP CD1 HD1  sing N N 337 
TRP CD2 CE2  doub Y N 338 
TRP CD2 CE3  sing Y N 339 
TRP NE1 CE2  sing Y N 340 
TRP NE1 HE1  sing N N 341 
TRP CE2 CZ2  sing Y N 342 
TRP CE3 CZ3  doub Y N 343 
TRP CE3 HE3  sing N N 344 
TRP CZ2 CH2  doub Y N 345 
TRP CZ2 HZ2  sing N N 346 
TRP CZ3 CH2  sing Y N 347 
TRP CZ3 HZ3  sing N N 348 
TRP CH2 HH2  sing N N 349 
TRP OXT HXT  sing N N 350 
TYR N   CA   sing N N 351 
TYR N   H    sing N N 352 
TYR N   H2   sing N N 353 
TYR CA  C    sing N N 354 
TYR CA  CB   sing N N 355 
TYR CA  HA   sing N N 356 
TYR C   O    doub N N 357 
TYR C   OXT  sing N N 358 
TYR CB  CG   sing N N 359 
TYR CB  HB2  sing N N 360 
TYR CB  HB3  sing N N 361 
TYR CG  CD1  doub Y N 362 
TYR CG  CD2  sing Y N 363 
TYR CD1 CE1  sing Y N 364 
TYR CD1 HD1  sing N N 365 
TYR CD2 CE2  doub Y N 366 
TYR CD2 HD2  sing N N 367 
TYR CE1 CZ   doub Y N 368 
TYR CE1 HE1  sing N N 369 
TYR CE2 CZ   sing Y N 370 
TYR CE2 HE2  sing N N 371 
TYR CZ  OH   sing N N 372 
TYR OH  HH   sing N N 373 
TYR OXT HXT  sing N N 374 
VAL N   CA   sing N N 375 
VAL N   H    sing N N 376 
VAL N   H2   sing N N 377 
VAL CA  C    sing N N 378 
VAL CA  CB   sing N N 379 
VAL CA  HA   sing N N 380 
VAL C   O    doub N N 381 
VAL C   OXT  sing N N 382 
VAL CB  CG1  sing N N 383 
VAL CB  CG2  sing N N 384 
VAL CB  HB   sing N N 385 
VAL CG1 HG11 sing N N 386 
VAL CG1 HG12 sing N N 387 
VAL CG1 HG13 sing N N 388 
VAL CG2 HG21 sing N N 389 
VAL CG2 HG22 sing N N 390 
VAL CG2 HG23 sing N N 391 
VAL OXT HXT  sing N N 392 
# 
_atom_sites.entry_id                    5F5K 
_atom_sites.fract_transf_matrix[1][1]   0.00382692 
_atom_sites.fract_transf_matrix[1][2]   0.00095520 
_atom_sites.fract_transf_matrix[1][3]   0.01366306 
_atom_sites.fract_transf_matrix[2][1]   0.00670156 
_atom_sites.fract_transf_matrix[2][2]   -0.00784649 
_atom_sites.fract_transf_matrix[2][3]   -0.00132850 
_atom_sites.fract_transf_matrix[3][1]   0.01142544 
_atom_sites.fract_transf_matrix[3][2]   0.01042348 
_atom_sites.fract_transf_matrix[3][3]   -0.00392890 
_atom_sites.fract_transf_vector[1]      0.052183 
_atom_sites.fract_transf_vector[2]      0.262446 
_atom_sites.fract_transf_vector[3]      0.019465 
# 
loop_
_atom_type.symbol 
C 
N 
O 
S 
# 
loop_
_atom_site.group_PDB 
_atom_site.id 
_atom_site.type_symbol 
_atom_site.label_atom_id 
_atom_site.label_alt_id 
_atom_site.label_comp_id 
_atom_site.label_asym_id 
_atom_site.label_entity_id 
_atom_site.label_seq_id 
_atom_site.pdbx_PDB_ins_code 
_atom_site.Cartn_x 
_atom_site.Cartn_y 
_atom_site.Cartn_z 
_atom_site.occupancy 
_atom_site.B_iso_or_equiv 
_atom_site.pdbx_formal_charge 
_atom_site.auth_seq_id 
_atom_site.auth_comp_id 
_atom_site.auth_asym_id 
_atom_site.auth_atom_id 
_atom_site.pdbx_PDB_model_num 
ATOM   1    N N   . ALA A 1 28  ? -16.569 -1.217  7.095   1.00 67.31  ? 93  ALA A N   1 
ATOM   2    C CA  . ALA A 1 28  ? -17.063 -0.402  5.952   1.00 63.85  ? 93  ALA A CA  1 
ATOM   3    C C   . ALA A 1 28  ? -17.429 -1.249  4.707   1.00 62.16  ? 93  ALA A C   1 
ATOM   4    O O   . ALA A 1 28  ? -18.322 -2.107  4.783   1.00 61.76  ? 93  ALA A O   1 
ATOM   5    C CB  . ALA A 1 28  ? -16.056 0.705   5.617   1.00 67.22  ? 93  ALA A CB  1 
ATOM   6    N N   . GLY A 1 29  ? -16.740 -1.010  3.584   1.00 57.46  ? 94  GLY A N   1 
ATOM   7    C CA  . GLY A 1 29  ? -17.142 -1.516  2.274   1.00 49.02  ? 94  GLY A CA  1 
ATOM   8    C C   . GLY A 1 29  ? -16.689 -2.930  1.929   1.00 47.51  ? 94  GLY A C   1 
ATOM   9    O O   . GLY A 1 29  ? -15.914 -3.526  2.686   1.00 43.18  ? 94  GLY A O   1 
ATOM   10   N N   . PRO A 1 30  ? -17.193 -3.484  0.790   1.00 42.95  ? 95  PRO A N   1 
ATOM   11   C CA  . PRO A 1 30  ? -16.759 -4.794  0.335   1.00 41.87  ? 95  PRO A CA  1 
ATOM   12   C C   . PRO A 1 30  ? -15.280 -4.845  -0.040  1.00 45.10  ? 95  PRO A C   1 
ATOM   13   O O   . PRO A 1 30  ? -14.608 -5.828  0.267   1.00 49.39  ? 95  PRO A O   1 
ATOM   14   C CB  . PRO A 1 30  ? -17.642 -5.057  -0.895  1.00 43.08  ? 95  PRO A CB  1 
ATOM   15   C CG  . PRO A 1 30  ? -18.276 -3.774  -1.254  1.00 42.20  ? 95  PRO A CG  1 
ATOM   16   C CD  . PRO A 1 30  ? -18.344 -2.995  0.008   1.00 42.63  ? 95  PRO A CD  1 
ATOM   17   N N   . VAL A 1 31  ? -14.778 -3.806  -0.698  1.00 42.87  ? 96  VAL A N   1 
ATOM   18   C CA  . VAL A 1 31  ? -13.390 -3.817  -1.148  1.00 43.15  ? 96  VAL A CA  1 
ATOM   19   C C   . VAL A 1 31  ? -12.446 -3.659  0.055   1.00 43.46  ? 96  VAL A C   1 
ATOM   20   O O   . VAL A 1 31  ? -11.486 -4.418  0.196   1.00 43.23  ? 96  VAL A O   1 
ATOM   21   C CB  . VAL A 1 31  ? -13.130 -2.778  -2.252  1.00 39.71  ? 96  VAL A CB  1 
ATOM   22   C CG1 . VAL A 1 31  ? -11.673 -2.773  -2.651  1.00 37.46  ? 96  VAL A CG1 1 
ATOM   23   C CG2 . VAL A 1 31  ? -13.984 -3.100  -3.453  1.00 41.08  ? 96  VAL A CG2 1 
ATOM   24   N N   . THR A 1 32  ? -12.747 -2.716  0.938   1.00 39.31  ? 97  THR A N   1 
ATOM   25   C CA  . THR A 1 32  ? -11.990 -2.583  2.173   1.00 38.50  ? 97  THR A CA  1 
ATOM   26   C C   . THR A 1 32  ? -11.882 -3.931  2.871   1.00 39.65  ? 97  THR A C   1 
ATOM   27   O O   . THR A 1 32  ? -10.799 -4.328  3.267   1.00 41.49  ? 97  THR A O   1 
ATOM   28   C CB  . THR A 1 32  ? -12.636 -1.561  3.131   1.00 40.90  ? 97  THR A CB  1 
ATOM   29   O OG1 . THR A 1 32  ? -12.805 -0.305  2.449   1.00 44.00  ? 97  THR A OG1 1 
ATOM   30   C CG2 . THR A 1 32  ? -11.781 -1.369  4.392   1.00 39.10  ? 97  THR A CG2 1 
ATOM   31   N N   . TRP A 1 33  ? -13.005 -4.640  2.984   1.00 42.67  ? 98  TRP A N   1 
ATOM   32   C CA  . TRP A 1 33  ? -13.061 -5.911  3.738   1.00 43.30  ? 98  TRP A CA  1 
ATOM   33   C C   . TRP A 1 33  ? -12.423 -7.123  3.046   1.00 40.69  ? 98  TRP A C   1 
ATOM   34   O O   . TRP A 1 33  ? -11.693 -7.881  3.692   1.00 38.59  ? 98  TRP A O   1 
ATOM   35   C CB  . TRP A 1 33  ? -14.478 -6.211  4.275   1.00 41.87  ? 98  TRP A CB  1 
ATOM   36   C CG  . TRP A 1 33  ? -14.689 -5.433  5.516   1.00 43.92  ? 98  TRP A CG  1 
ATOM   37   C CD1 . TRP A 1 33  ? -15.389 -4.266  5.648   1.00 44.26  ? 98  TRP A CD1 1 
ATOM   38   C CD2 . TRP A 1 33  ? -14.106 -5.700  6.800   1.00 46.14  ? 98  TRP A CD2 1 
ATOM   39   N NE1 . TRP A 1 33  ? -15.305 -3.806  6.943   1.00 46.01  ? 98  TRP A NE1 1 
ATOM   40   C CE2 . TRP A 1 33  ? -14.530 -4.663  7.675   1.00 44.80  ? 98  TRP A CE2 1 
ATOM   41   C CE3 . TRP A 1 33  ? -13.276 -6.720  7.301   1.00 45.56  ? 98  TRP A CE3 1 
ATOM   42   C CZ2 . TRP A 1 33  ? -14.152 -4.609  9.019   1.00 44.11  ? 98  TRP A CZ2 1 
ATOM   43   C CZ3 . TRP A 1 33  ? -12.904 -6.674  8.650   1.00 46.79  ? 98  TRP A CZ3 1 
ATOM   44   C CH2 . TRP A 1 33  ? -13.344 -5.622  9.491   1.00 46.70  ? 98  TRP A CH2 1 
ATOM   45   N N   . VAL A 1 34  ? -12.687 -7.269  1.745   1.00 37.77  ? 99  VAL A N   1 
ATOM   46   C CA  . VAL A 1 34  ? -12.053 -8.295  0.903   1.00 37.37  ? 99  VAL A CA  1 
ATOM   47   C C   . VAL A 1 34  ? -10.506 -8.233  1.017   1.00 38.67  ? 99  VAL A C   1 
ATOM   48   O O   . VAL A 1 34  ? -9.830  -9.260  1.151   1.00 40.56  ? 99  VAL A O   1 
ATOM   49   C CB  . VAL A 1 34  ? -12.533 -8.160  -0.572  1.00 40.14  ? 99  VAL A CB  1 
ATOM   50   C CG1 . VAL A 1 34  ? -11.590 -8.862  -1.555  1.00 37.90  ? 99  VAL A CG1 1 
ATOM   51   C CG2 . VAL A 1 34  ? -13.977 -8.665  -0.733  1.00 38.16  ? 99  VAL A CG2 1 
ATOM   52   N N   . MET A 1 35  ? -9.958  -7.021  0.999   1.00 37.67  ? 100 MET A N   1 
ATOM   53   C CA  . MET A 1 35  ? -8.519  -6.817  1.142   1.00 38.94  ? 100 MET A CA  1 
ATOM   54   C C   . MET A 1 35  ? -7.977  -7.094  2.548   1.00 37.54  ? 100 MET A C   1 
ATOM   55   O O   . MET A 1 35  ? -6.839  -7.513  2.691   1.00 36.37  ? 100 MET A O   1 
ATOM   56   C CB  . MET A 1 35  ? -8.149  -5.400  0.705   1.00 42.52  ? 100 MET A CB  1 
ATOM   57   C CG  . MET A 1 35  ? -7.663  -5.298  -0.744  1.00 44.78  ? 100 MET A CG  1 
ATOM   58   S SD  . MET A 1 35  ? -5.921  -5.744  -0.991  1.00 48.66  ? 100 MET A SD  1 
ATOM   59   C CE  . MET A 1 35  ? -5.217  -5.452  0.648   1.00 44.62  ? 100 MET A CE  1 
ATOM   60   N N   . MET A 1 36  ? -8.781  -6.861  3.579   1.00 36.52  ? 101 MET A N   1 
ATOM   61   C CA  . MET A 1 36  ? -8.334  -7.167  4.934   1.00 40.40  ? 101 MET A CA  1 
ATOM   62   C C   . MET A 1 36  ? -8.354  -8.678  5.197   1.00 42.00  ? 101 MET A C   1 
ATOM   63   O O   . MET A 1 36  ? -7.575  -9.185  6.015   1.00 43.29  ? 101 MET A O   1 
ATOM   64   C CB  . MET A 1 36  ? -9.160  -6.424  5.987   1.00 40.44  ? 101 MET A CB  1 
ATOM   65   C CG  . MET A 1 36  ? -9.006  -4.917  5.959   1.00 41.86  ? 101 MET A CG  1 
ATOM   66   S SD  . MET A 1 36  ? -10.111 -4.059  7.117   1.00 50.90  ? 101 MET A SD  1 
ATOM   67   C CE  . MET A 1 36  ? -9.420  -4.609  8.672   1.00 49.92  ? 101 MET A CE  1 
ATOM   68   N N   . ILE A 1 37  ? -9.228  -9.394  4.497   1.00 41.78  ? 102 ILE A N   1 
ATOM   69   C CA  . ILE A 1 37  ? -9.345  -10.830 4.684   1.00 42.03  ? 102 ILE A CA  1 
ATOM   70   C C   . ILE A 1 37  ? -8.241  -11.503 3.911   1.00 41.57  ? 102 ILE A C   1 
ATOM   71   O O   . ILE A 1 37  ? -7.699  -12.484 4.387   1.00 43.38  ? 102 ILE A O   1 
ATOM   72   C CB  . ILE A 1 37  ? -10.719 -11.379 4.228   1.00 43.03  ? 102 ILE A CB  1 
ATOM   73   C CG1 . ILE A 1 37  ? -11.861 -10.723 5.032   1.00 45.45  ? 102 ILE A CG1 1 
ATOM   74   C CG2 . ILE A 1 37  ? -10.791 -12.903 4.333   1.00 42.95  ? 102 ILE A CG2 1 
ATOM   75   C CD1 . ILE A 1 37  ? -11.939 -11.098 6.502   1.00 41.68  ? 102 ILE A CD1 1 
ATOM   76   N N   . ALA A 1 38  ? -7.926  -10.986 2.724   1.00 38.92  ? 103 ALA A N   1 
ATOM   77   C CA  . ALA A 1 38  ? -6.798  -11.492 1.934   1.00 36.14  ? 103 ALA A CA  1 
ATOM   78   C C   . ALA A 1 38  ? -5.486  -11.431 2.712   1.00 32.68  ? 103 ALA A C   1 
ATOM   79   O O   . ALA A 1 38  ? -4.754  -12.430 2.778   1.00 33.89  ? 103 ALA A O   1 
ATOM   80   C CB  . ALA A 1 38  ? -6.681  -10.749 0.603   1.00 35.74  ? 103 ALA A CB  1 
ATOM   81   N N   . CYS A 1 39  ? -5.213  -10.296 3.337   1.00 32.28  ? 104 CYS A N   1 
ATOM   82   C CA  . CYS A 1 39  ? -3.947  -10.119 4.070   1.00 33.99  ? 104 CYS A CA  1 
ATOM   83   C C   . CYS A 1 39  ? -3.839  -10.976 5.307   1.00 36.38  ? 104 CYS A C   1 
ATOM   84   O O   . CYS A 1 39  ? -2.742  -11.415 5.647   1.00 38.68  ? 104 CYS A O   1 
ATOM   85   C CB  . CYS A 1 39  ? -3.739  -8.676  4.459   1.00 36.49  ? 104 CYS A CB  1 
ATOM   86   S SG  . CYS A 1 39  ? -3.647  -7.585  3.025   1.00 39.51  ? 104 CYS A SG  1 
ATOM   87   N N   . VAL A 1 40  ? -4.973  -11.213 5.975   1.00 37.39  ? 105 VAL A N   1 
ATOM   88   C CA  . VAL A 1 40  ? -5.051  -12.157 7.120   1.00 35.01  ? 105 VAL A CA  1 
ATOM   89   C C   . VAL A 1 40  ? -4.847  -13.625 6.714   1.00 33.84  ? 105 VAL A C   1 
ATOM   90   O O   . VAL A 1 40  ? -4.093  -14.350 7.362   1.00 32.29  ? 105 VAL A O   1 
ATOM   91   C CB  . VAL A 1 40  ? -6.392  -12.013 7.846   1.00 34.84  ? 105 VAL A CB  1 
ATOM   92   C CG1 . VAL A 1 40  ? -6.698  -13.242 8.695   1.00 32.17  ? 105 VAL A CG1 1 
ATOM   93   C CG2 . VAL A 1 40  ? -6.391  -10.746 8.685   1.00 32.09  ? 105 VAL A CG2 1 
ATOM   94   N N   . VAL A 1 41  ? -5.509  -14.035 5.632   1.00 34.53  ? 106 VAL A N   1 
ATOM   95   C CA  . VAL A 1 41  ? -5.380  -15.376 5.052   1.00 37.71  ? 106 VAL A CA  1 
ATOM   96   C C   . VAL A 1 41  ? -3.919  -15.630 4.665   1.00 41.50  ? 106 VAL A C   1 
ATOM   97   O O   . VAL A 1 41  ? -3.362  -16.694 5.003   1.00 48.22  ? 106 VAL A O   1 
ATOM   98   C CB  . VAL A 1 41  ? -6.379  -15.576 3.868   1.00 37.88  ? 106 VAL A CB  1 
ATOM   99   C CG1 . VAL A 1 41  ? -6.004  -16.748 2.969   1.00 35.80  ? 106 VAL A CG1 1 
ATOM   100  C CG2 . VAL A 1 41  ? -7.806  -15.744 4.392   1.00 35.34  ? 106 VAL A CG2 1 
ATOM   101  N N   . VAL A 1 42  ? -3.299  -14.645 4.000   1.00 40.27  ? 107 VAL A N   1 
ATOM   102  C CA  . VAL A 1 42  ? -1.867  -14.743 3.593   1.00 37.30  ? 107 VAL A CA  1 
ATOM   103  C C   . VAL A 1 42  ? -0.952  -14.700 4.822   1.00 37.82  ? 107 VAL A C   1 
ATOM   104  O O   . VAL A 1 42  ? -0.016  -15.495 4.942   1.00 39.50  ? 107 VAL A O   1 
ATOM   105  C CB  . VAL A 1 42  ? -1.464  -13.652 2.546   1.00 34.91  ? 107 VAL A CB  1 
ATOM   106  C CG1 . VAL A 1 42  ? 0.043   -13.510 2.431   1.00 34.46  ? 107 VAL A CG1 1 
ATOM   107  C CG2 . VAL A 1 42  ? -2.045  -13.957 1.176   1.00 31.16  ? 107 VAL A CG2 1 
ATOM   108  N N   . PHE A 1 43  ? -1.216  -13.760 5.729   1.00 39.67  ? 108 PHE A N   1 
ATOM   109  C CA  . PHE A 1 43  ? -0.480  -13.700 6.991   1.00 42.24  ? 108 PHE A CA  1 
ATOM   110  C C   . PHE A 1 43  ? -0.556  -15.048 7.667   1.00 44.66  ? 108 PHE A C   1 
ATOM   111  O O   . PHE A 1 43  ? 0.468   -15.614 8.001   1.00 52.72  ? 108 PHE A O   1 
ATOM   112  C CB  . PHE A 1 43  ? -1.036  -12.636 7.902   1.00 41.19  ? 108 PHE A CB  1 
ATOM   113  C CG  . PHE A 1 43  ? -0.296  -12.484 9.187   1.00 42.46  ? 108 PHE A CG  1 
ATOM   114  C CD1 . PHE A 1 43  ? -0.956  -12.722 10.395  1.00 44.06  ? 108 PHE A CD1 1 
ATOM   115  C CD2 . PHE A 1 43  ? 1.046   -12.056 9.213   1.00 43.32  ? 108 PHE A CD2 1 
ATOM   116  C CE1 . PHE A 1 43  ? -0.298  -12.560 11.614  1.00 43.60  ? 108 PHE A CE1 1 
ATOM   117  C CE2 . PHE A 1 43  ? 1.712   -11.885 10.428  1.00 44.92  ? 108 PHE A CE2 1 
ATOM   118  C CZ  . PHE A 1 43  ? 1.036   -12.139 11.628  1.00 46.13  ? 108 PHE A CZ  1 
ATOM   119  N N   . ILE A 1 44  ? -1.754  -15.610 7.777   1.00 45.65  ? 109 ILE A N   1 
ATOM   120  C CA  . ILE A 1 44  ? -1.883  -16.923 8.415   1.00 47.70  ? 109 ILE A CA  1 
ATOM   121  C C   . ILE A 1 44  ? -1.109  -18.049 7.691   1.00 44.11  ? 109 ILE A C   1 
ATOM   122  O O   . ILE A 1 44  ? -0.565  -18.932 8.335   1.00 46.63  ? 109 ILE A O   1 
ATOM   123  C CB  . ILE A 1 44  ? -3.360  -17.302 8.691   1.00 50.16  ? 109 ILE A CB  1 
ATOM   124  C CG1 . ILE A 1 44  ? -3.968  -16.372 9.757   1.00 47.07  ? 109 ILE A CG1 1 
ATOM   125  C CG2 . ILE A 1 44  ? -3.483  -18.769 9.119   1.00 54.26  ? 109 ILE A CG2 1 
ATOM   126  C CD1 . ILE A 1 44  ? -5.485  -16.443 9.832   1.00 46.38  ? 109 ILE A CD1 1 
ATOM   127  N N   . ALA A 1 45  ? -1.048  -18.012 6.365   1.00 41.70  ? 110 ALA A N   1 
ATOM   128  C CA  . ALA A 1 45  ? -0.251  -18.984 5.623   1.00 36.08  ? 110 ALA A CA  1 
ATOM   129  C C   . ALA A 1 45  ? 1.252   -18.822 5.883   1.00 37.86  ? 110 ALA A C   1 
ATOM   130  O O   . ALA A 1 45  ? 1.989   -19.793 6.008   1.00 40.33  ? 110 ALA A O   1 
ATOM   131  C CB  . ALA A 1 45  ? -0.565  -18.881 4.150   1.00 33.72  ? 110 ALA A CB  1 
ATOM   132  N N   . MET A 1 46  ? 1.702   -17.583 5.991   1.00 43.54  ? 111 MET A N   1 
ATOM   133  C CA  . MET A 1 46  ? 3.105   -17.319 6.297   1.00 48.61  ? 111 MET A CA  1 
ATOM   134  C C   . MET A 1 46  ? 3.477   -17.906 7.671   1.00 51.81  ? 111 MET A C   1 
ATOM   135  O O   . MET A 1 46  ? 4.623   -18.278 7.913   1.00 50.17  ? 111 MET A O   1 
ATOM   136  C CB  . MET A 1 46  ? 3.395   -15.820 6.223   1.00 47.50  ? 111 MET A CB  1 
ATOM   137  C CG  . MET A 1 46  ? 3.200   -15.257 4.821   1.00 50.00  ? 111 MET A CG  1 
ATOM   138  S SD  . MET A 1 46  ? 3.422   -13.475 4.673   1.00 53.09  ? 111 MET A SD  1 
ATOM   139  C CE  . MET A 1 46  ? 5.212   -13.470 4.739   1.00 51.25  ? 111 MET A CE  1 
ATOM   140  N N   . GLN A 1 47  ? 2.487   -18.018 8.553   1.00 54.94  ? 112 GLN A N   1 
ATOM   141  C CA  . GLN A 1 47  ? 2.705   -18.583 9.876   1.00 56.53  ? 112 GLN A CA  1 
ATOM   142  C C   . GLN A 1 47  ? 2.693   -20.109 9.850   1.00 58.16  ? 112 GLN A C   1 
ATOM   143  O O   . GLN A 1 47  ? 3.379   -20.748 10.663  1.00 61.12  ? 112 GLN A O   1 
ATOM   144  C CB  . GLN A 1 47  ? 1.690   -18.009 10.878  1.00 59.92  ? 112 GLN A CB  1 
ATOM   145  C CG  . GLN A 1 47  ? 2.108   -16.706 11.581  1.00 71.03  ? 112 GLN A CG  1 
ATOM   146  C CD  . GLN A 1 47  ? 2.888   -15.694 10.720  1.00 77.90  ? 112 GLN A CD  1 
ATOM   147  O OE1 . GLN A 1 47  ? 2.610   -15.487 9.524   1.00 88.76  ? 112 GLN A OE1 1 
ATOM   148  N NE2 . GLN A 1 47  ? 3.867   -15.039 11.351  1.00 76.78  ? 112 GLN A NE2 1 
ATOM   149  N N   . ILE A 1 48  ? 1.948   -20.693 8.909   1.00 54.37  ? 113 ILE A N   1 
ATOM   150  C CA  . ILE A 1 48  ? 1.886   -22.152 8.811   1.00 50.30  ? 113 ILE A CA  1 
ATOM   151  C C   . ILE A 1 48  ? 2.999   -22.671 7.916   1.00 48.70  ? 113 ILE A C   1 
ATOM   152  O O   . ILE A 1 48  ? 3.639   -23.673 8.231   1.00 44.67  ? 113 ILE A O   1 
ATOM   153  C CB  . ILE A 1 48  ? 0.503   -22.678 8.347   1.00 50.58  ? 113 ILE A CB  1 
ATOM   154  C CG1 . ILE A 1 48  ? -0.606  -22.136 9.260   1.00 51.68  ? 113 ILE A CG1 1 
ATOM   155  C CG2 . ILE A 1 48  ? 0.466   -24.213 8.322   1.00 45.56  ? 113 ILE A CG2 1 
ATOM   156  C CD1 . ILE A 1 48  ? -2.007  -22.627 8.935   1.00 55.03  ? 113 ILE A CD1 1 
ATOM   157  N N   . LEU A 1 49  ? 3.230   -21.975 6.810   1.00 48.74  ? 114 LEU A N   1 
ATOM   158  C CA  . LEU A 1 49  ? 4.247   -22.385 5.861   1.00 45.79  ? 114 LEU A CA  1 
ATOM   159  C C   . LEU A 1 49  ? 5.616   -21.748 6.086   1.00 46.14  ? 114 LEU A C   1 
ATOM   160  O O   . LEU A 1 49  ? 6.607   -22.243 5.557   1.00 49.83  ? 114 LEU A O   1 
ATOM   161  C CB  . LEU A 1 49  ? 3.774   -22.094 4.454   1.00 43.01  ? 114 LEU A CB  1 
ATOM   162  C CG  . LEU A 1 49  ? 2.457   -22.764 4.159   1.00 43.41  ? 114 LEU A CG  1 
ATOM   163  C CD1 . LEU A 1 49  ? 1.932   -22.290 2.822   1.00 43.01  ? 114 LEU A CD1 1 
ATOM   164  C CD2 . LEU A 1 49  ? 2.678   -24.258 4.179   1.00 45.60  ? 114 LEU A CD2 1 
ATOM   165  N N   . GLY A 1 50  ? 5.685   -20.666 6.856   1.00 45.51  ? 115 GLY A N   1 
ATOM   166  C CA  . GLY A 1 50  ? 6.918   -19.885 6.916   1.00 43.39  ? 115 GLY A CA  1 
ATOM   167  C C   . GLY A 1 50  ? 6.873   -18.782 5.885   1.00 42.84  ? 115 GLY A C   1 
ATOM   168  O O   . GLY A 1 50  ? 6.231   -18.913 4.834   1.00 40.73  ? 115 GLY A O   1 
ATOM   169  N N   . ASP A 1 51  ? 7.532   -17.672 6.206   1.00 47.48  ? 116 ASP A N   1 
ATOM   170  C CA  . ASP A 1 51  ? 7.579   -16.508 5.327   1.00 49.04  ? 116 ASP A CA  1 
ATOM   171  C C   . ASP A 1 51  ? 8.154   -16.873 3.972   1.00 48.74  ? 116 ASP A C   1 
ATOM   172  O O   . ASP A 1 51  ? 7.467   -16.782 2.948   1.00 47.25  ? 116 ASP A O   1 
ATOM   173  C CB  . ASP A 1 51  ? 8.400   -15.382 5.964   1.00 55.06  ? 116 ASP A CB  1 
ATOM   174  C CG  . ASP A 1 51  ? 7.667   -14.695 7.104   1.00 61.48  ? 116 ASP A CG  1 
ATOM   175  O OD1 . ASP A 1 51  ? 6.456   -14.961 7.294   1.00 69.55  ? 116 ASP A OD1 1 
ATOM   176  O OD2 . ASP A 1 51  ? 8.308   -13.882 7.814   1.00 65.77  ? 116 ASP A OD2 1 
ATOM   177  N N   . GLN A 1 52  ? 9.393   -17.344 3.999   1.00 46.16  ? 117 GLN A N   1 
ATOM   178  C CA  . GLN A 1 52  ? 10.175  -17.642 2.809   1.00 47.26  ? 117 GLN A CA  1 
ATOM   179  C C   . GLN A 1 52  ? 9.392   -18.468 1.765   1.00 44.68  ? 117 GLN A C   1 
ATOM   180  O O   . GLN A 1 52  ? 9.287   -18.056 0.594   1.00 39.25  ? 117 GLN A O   1 
ATOM   181  C CB  . GLN A 1 52  ? 11.526  -18.248 3.234   1.00 52.02  ? 117 GLN A CB  1 
ATOM   182  C CG  . GLN A 1 52  ? 12.243  -17.359 4.274   1.00 57.29  ? 117 GLN A CG  1 
ATOM   183  C CD  . GLN A 1 52  ? 13.259  -18.076 5.166   1.00 66.10  ? 117 GLN A CD  1 
ATOM   184  O OE1 . GLN A 1 52  ? 14.057  -18.897 4.697   1.00 66.36  ? 117 GLN A OE1 1 
ATOM   185  N NE2 . GLN A 1 52  ? 13.239  -17.749 6.467   1.00 69.24  ? 117 GLN A NE2 1 
ATOM   186  N N   . GLU A 1 53  ? 8.779   -19.568 2.209   1.00 43.04  ? 118 GLU A N   1 
ATOM   187  C CA  . GLU A 1 53  ? 7.910   -20.392 1.348   1.00 46.16  ? 118 GLU A CA  1 
ATOM   188  C C   . GLU A 1 53  ? 6.798   -19.607 0.646   1.00 40.89  ? 118 GLU A C   1 
ATOM   189  O O   . GLU A 1 53  ? 6.590   -19.757 -0.562  1.00 36.78  ? 118 GLU A O   1 
ATOM   190  C CB  . GLU A 1 53  ? 7.327   -21.593 2.116   1.00 49.46  ? 118 GLU A CB  1 
ATOM   191  C CG  . GLU A 1 53  ? 6.252   -22.388 1.377   1.00 63.85  ? 118 GLU A CG  1 
ATOM   192  C CD  . GLU A 1 53  ? 6.619   -22.864 -0.042  1.00 78.95  ? 118 GLU A CD  1 
ATOM   193  O OE1 . GLU A 1 53  ? 7.820   -22.942 -0.413  1.00 91.51  ? 118 GLU A OE1 1 
ATOM   194  O OE2 . GLU A 1 53  ? 5.679   -23.172 -0.814  1.00 90.62  ? 118 GLU A OE2 1 
ATOM   195  N N   . VAL A 1 54  ? 6.100   -18.777 1.409   1.00 37.74  ? 119 VAL A N   1 
ATOM   196  C CA  . VAL A 1 54  ? 5.079   -17.904 0.842   1.00 38.99  ? 119 VAL A CA  1 
ATOM   197  C C   . VAL A 1 54  ? 5.701   -16.808 -0.054  1.00 37.84  ? 119 VAL A C   1 
ATOM   198  O O   . VAL A 1 54  ? 5.215   -16.564 -1.151  1.00 36.18  ? 119 VAL A O   1 
ATOM   199  C CB  . VAL A 1 54  ? 4.160   -17.298 1.930   1.00 40.51  ? 119 VAL A CB  1 
ATOM   200  C CG1 . VAL A 1 54  ? 3.219   -16.260 1.324   1.00 36.94  ? 119 VAL A CG1 1 
ATOM   201  C CG2 . VAL A 1 54  ? 3.377   -18.396 2.673   1.00 40.43  ? 119 VAL A CG2 1 
ATOM   202  N N   . MET A 1 55  ? 6.779   -16.177 0.396   1.00 38.20  ? 120 MET A N   1 
ATOM   203  C CA  . MET A 1 55  ? 7.525   -15.224 -0.442  1.00 36.15  ? 120 MET A CA  1 
ATOM   204  C C   . MET A 1 55  ? 7.922   -15.787 -1.793  1.00 33.19  ? 120 MET A C   1 
ATOM   205  O O   . MET A 1 55  ? 7.765   -15.119 -2.815  1.00 32.44  ? 120 MET A O   1 
ATOM   206  C CB  . MET A 1 55  ? 8.761   -14.739 0.262   1.00 39.79  ? 120 MET A CB  1 
ATOM   207  C CG  . MET A 1 55  ? 8.498   -13.533 1.117   1.00 51.12  ? 120 MET A CG  1 
ATOM   208  S SD  . MET A 1 55  ? 10.053  -12.767 1.589   1.00 63.40  ? 120 MET A SD  1 
ATOM   209  C CE  . MET A 1 55  ? 10.753  -14.114 2.535   1.00 59.01  ? 120 MET A CE  1 
ATOM   210  N N   . LEU A 1 56  ? 8.376   -17.039 -1.816  1.00 30.76  ? 121 LEU A N   1 
ATOM   211  C CA  . LEU A 1 56  ? 8.723   -17.676 -3.082  1.00 30.62  ? 121 LEU A CA  1 
ATOM   212  C C   . LEU A 1 56  ? 7.648   -17.534 -4.139  1.00 30.86  ? 121 LEU A C   1 
ATOM   213  O O   . LEU A 1 56  ? 7.947   -17.454 -5.322  1.00 35.27  ? 121 LEU A O   1 
ATOM   214  C CB  . LEU A 1 56  ? 9.070   -19.151 -2.894  1.00 30.72  ? 121 LEU A CB  1 
ATOM   215  C CG  . LEU A 1 56  ? 10.474  -19.446 -2.361  1.00 29.48  ? 121 LEU A CG  1 
ATOM   216  C CD1 . LEU A 1 56  ? 10.603  -20.952 -2.184  1.00 27.02  ? 121 LEU A CD1 1 
ATOM   217  C CD2 . LEU A 1 56  ? 11.600  -18.882 -3.233  1.00 28.43  ? 121 LEU A CD2 1 
ATOM   218  N N   . TRP A 1 57  ? 6.391   -17.482 -3.729  1.00 30.32  ? 122 TRP A N   1 
ATOM   219  C CA  . TRP A 1 57  ? 5.317   -17.497 -4.720  1.00 29.23  ? 122 TRP A CA  1 
ATOM   220  C C   . TRP A 1 57  ? 4.662   -16.152 -4.922  1.00 30.31  ? 122 TRP A C   1 
ATOM   221  O O   . TRP A 1 57  ? 4.127   -15.896 -6.021  1.00 32.59  ? 122 TRP A O   1 
ATOM   222  C CB  . TRP A 1 57  ? 4.283   -18.589 -4.393  1.00 28.98  ? 122 TRP A CB  1 
ATOM   223  C CG  . TRP A 1 57  ? 4.884   -19.942 -4.602  1.00 27.69  ? 122 TRP A CG  1 
ATOM   224  C CD1 . TRP A 1 57  ? 5.463   -20.746 -3.656  1.00 28.68  ? 122 TRP A CD1 1 
ATOM   225  C CD2 . TRP A 1 57  ? 5.034   -20.614 -5.852  1.00 27.04  ? 122 TRP A CD2 1 
ATOM   226  N NE1 . TRP A 1 57  ? 5.943   -21.897 -4.245  1.00 28.60  ? 122 TRP A NE1 1 
ATOM   227  C CE2 . TRP A 1 57  ? 5.693   -21.835 -5.592  1.00 27.47  ? 122 TRP A CE2 1 
ATOM   228  C CE3 . TRP A 1 57  ? 4.656   -20.306 -7.176  1.00 28.79  ? 122 TRP A CE3 1 
ATOM   229  C CZ2 . TRP A 1 57  ? 5.979   -22.754 -6.600  1.00 27.91  ? 122 TRP A CZ2 1 
ATOM   230  C CZ3 . TRP A 1 57  ? 4.944   -21.209 -8.180  1.00 27.90  ? 122 TRP A CZ3 1 
ATOM   231  C CH2 . TRP A 1 57  ? 5.595   -22.425 -7.884  1.00 28.82  ? 122 TRP A CH2 1 
ATOM   232  N N   . LEU A 1 58  ? 4.715   -15.286 -3.908  1.00 26.80  ? 123 LEU A N   1 
ATOM   233  C CA  . LEU A 1 58  ? 3.926   -14.055 -3.965  1.00 27.92  ? 123 LEU A CA  1 
ATOM   234  C C   . LEU A 1 58  ? 4.744   -12.818 -4.224  1.00 26.60  ? 123 LEU A C   1 
ATOM   235  O O   . LEU A 1 58  ? 4.200   -11.757 -4.573  1.00 23.20  ? 123 LEU A O   1 
ATOM   236  C CB  . LEU A 1 58  ? 3.112   -13.838 -2.678  1.00 30.01  ? 123 LEU A CB  1 
ATOM   237  C CG  . LEU A 1 58  ? 2.141   -14.908 -2.174  1.00 32.27  ? 123 LEU A CG  1 
ATOM   238  C CD1 . LEU A 1 58  ? 1.302   -14.237 -1.095  1.00 33.47  ? 123 LEU A CD1 1 
ATOM   239  C CD2 . LEU A 1 58  ? 1.279   -15.526 -3.286  1.00 31.85  ? 123 LEU A CD2 1 
ATOM   240  N N   . ALA A 1 59  ? 6.043   -12.944 -3.979  1.00 26.64  ? 124 ALA A N   1 
ATOM   241  C CA  . ALA A 1 59  ? 6.958   -11.822 -4.144  1.00 27.00  ? 124 ALA A CA  1 
ATOM   242  C C   . ALA A 1 59  ? 7.087   -11.448 -5.618  1.00 28.36  ? 124 ALA A C   1 
ATOM   243  O O   . ALA A 1 59  ? 6.907   -12.305 -6.496  1.00 27.53  ? 124 ALA A O   1 
ATOM   244  C CB  . ALA A 1 59  ? 8.312   -12.131 -3.549  1.00 25.26  ? 124 ALA A CB  1 
ATOM   245  N N   . TRP A 1 60  ? 7.326   -10.153 -5.862  1.00 29.08  ? 125 TRP A N   1 
ATOM   246  C CA  . TRP A 1 60  ? 7.773   -9.587  -7.139  1.00 27.89  ? 125 TRP A CA  1 
ATOM   247  C C   . TRP A 1 60  ? 8.764   -10.524 -7.862  1.00 26.87  ? 125 TRP A C   1 
ATOM   248  O O   . TRP A 1 60  ? 9.614   -11.121 -7.200  1.00 27.33  ? 125 TRP A O   1 
ATOM   249  C CB  . TRP A 1 60  ? 8.442   -8.228  -6.846  1.00 26.69  ? 125 TRP A CB  1 
ATOM   250  C CG  . TRP A 1 60  ? 8.572   -7.416  -8.057  1.00 26.47  ? 125 TRP A CG  1 
ATOM   251  C CD1 . TRP A 1 60  ? 9.589   -7.460  -8.951  1.00 27.21  ? 125 TRP A CD1 1 
ATOM   252  C CD2 . TRP A 1 60  ? 7.632   -6.468  -8.562  1.00 27.44  ? 125 TRP A CD2 1 
ATOM   253  N NE1 . TRP A 1 60  ? 9.365   -6.580  -9.978  1.00 26.40  ? 125 TRP A NE1 1 
ATOM   254  C CE2 . TRP A 1 60  ? 8.157   -5.973  -9.781  1.00 27.58  ? 125 TRP A CE2 1 
ATOM   255  C CE3 . TRP A 1 60  ? 6.378   -6.010  -8.124  1.00 26.91  ? 125 TRP A CE3 1 
ATOM   256  C CZ2 . TRP A 1 60  ? 7.479   -5.018  -10.567 1.00 27.59  ? 125 TRP A CZ2 1 
ATOM   257  C CZ3 . TRP A 1 60  ? 5.706   -5.060  -8.896  1.00 27.63  ? 125 TRP A CZ3 1 
ATOM   258  C CH2 . TRP A 1 60  ? 6.257   -4.571  -10.104 1.00 28.68  ? 125 TRP A CH2 1 
ATOM   259  N N   . PRO A 1 61  ? 8.667   -10.668 -9.208  1.00 26.74  ? 126 PRO A N   1 
ATOM   260  C CA  . PRO A 1 61  ? 9.591   -11.567 -9.916  1.00 28.62  ? 126 PRO A CA  1 
ATOM   261  C C   . PRO A 1 61  ? 11.068  -11.224 -9.633  1.00 31.59  ? 126 PRO A C   1 
ATOM   262  O O   . PRO A 1 61  ? 11.471  -10.068 -9.779  1.00 33.84  ? 126 PRO A O   1 
ATOM   263  C CB  . PRO A 1 61  ? 9.245   -11.356 -11.403 1.00 26.84  ? 126 PRO A CB  1 
ATOM   264  C CG  . PRO A 1 61  ? 7.839   -10.864 -11.386 1.00 27.89  ? 126 PRO A CG  1 
ATOM   265  C CD  . PRO A 1 61  ? 7.746   -10.004 -10.150 1.00 28.57  ? 126 PRO A CD  1 
ATOM   266  N N   . PHE A 1 62  ? 11.837  -12.217 -9.192  1.00 32.78  ? 127 PHE A N   1 
ATOM   267  C CA  . PHE A 1 62  ? 13.250  -12.038 -8.875  1.00 35.92  ? 127 PHE A CA  1 
ATOM   268  C C   . PHE A 1 62  ? 14.155  -12.417 -10.049 1.00 36.99  ? 127 PHE A C   1 
ATOM   269  O O   . PHE A 1 62  ? 15.372  -12.164 -10.038 1.00 38.31  ? 127 PHE A O   1 
ATOM   270  C CB  . PHE A 1 62  ? 13.611  -12.853 -7.611  1.00 36.88  ? 127 PHE A CB  1 
ATOM   271  C CG  . PHE A 1 62  ? 13.974  -14.299 -7.873  1.00 36.90  ? 127 PHE A CG  1 
ATOM   272  C CD1 . PHE A 1 62  ? 13.004  -15.283 -7.887  1.00 36.62  ? 127 PHE A CD1 1 
ATOM   273  C CD2 . PHE A 1 62  ? 15.319  -14.681 -8.065  1.00 37.67  ? 127 PHE A CD2 1 
ATOM   274  C CE1 . PHE A 1 62  ? 13.365  -16.609 -8.117  1.00 35.34  ? 127 PHE A CE1 1 
ATOM   275  C CE2 . PHE A 1 62  ? 15.684  -16.003 -8.290  1.00 34.42  ? 127 PHE A CE2 1 
ATOM   276  C CZ  . PHE A 1 62  ? 14.702  -16.965 -8.323  1.00 36.19  ? 127 PHE A CZ  1 
ATOM   277  N N   . ASP A 1 63  ? 13.541  -13.078 -11.018 1.00 37.38  ? 128 ASP A N   1 
ATOM   278  C CA  . ASP A 1 63  ? 14.202  -13.669 -12.148 1.00 38.76  ? 128 ASP A CA  1 
ATOM   279  C C   . ASP A 1 63  ? 13.243  -13.416 -13.303 1.00 39.83  ? 128 ASP A C   1 
ATOM   280  O O   . ASP A 1 63  ? 12.082  -13.816 -13.233 1.00 39.45  ? 128 ASP A O   1 
ATOM   281  C CB  . ASP A 1 63  ? 14.427  -15.178 -11.911 1.00 42.77  ? 128 ASP A CB  1 
ATOM   282  C CG  . ASP A 1 63  ? 14.965  -15.920 -13.146 1.00 46.25  ? 128 ASP A CG  1 
ATOM   283  O OD1 . ASP A 1 63  ? 14.875  -15.428 -14.289 1.00 50.41  ? 128 ASP A OD1 1 
ATOM   284  O OD2 . ASP A 1 63  ? 15.480  -17.035 -12.981 1.00 50.67  ? 128 ASP A OD2 1 
ATOM   285  N N   . PRO A 1 64  ? 13.732  -12.759 -14.374 1.00 40.06  ? 129 PRO A N   1 
ATOM   286  C CA  . PRO A 1 64  ? 12.922  -12.384 -15.530 1.00 37.52  ? 129 PRO A CA  1 
ATOM   287  C C   . PRO A 1 64  ? 12.081  -13.517 -16.086 1.00 36.66  ? 129 PRO A C   1 
ATOM   288  O O   . PRO A 1 64  ? 11.051  -13.251 -16.673 1.00 41.41  ? 129 PRO A O   1 
ATOM   289  C CB  . PRO A 1 64  ? 13.956  -11.980 -16.567 1.00 37.22  ? 129 PRO A CB  1 
ATOM   290  C CG  . PRO A 1 64  ? 15.120  -11.514 -15.764 1.00 40.11  ? 129 PRO A CG  1 
ATOM   291  C CD  . PRO A 1 64  ? 15.139  -12.334 -14.519 1.00 37.29  ? 129 PRO A CD  1 
ATOM   292  N N   . THR A 1 65  ? 12.495  -14.766 -15.911 1.00 35.23  ? 130 THR A N   1 
ATOM   293  C CA  . THR A 1 65  ? 11.690  -15.919 -16.379 1.00 36.81  ? 130 THR A CA  1 
ATOM   294  C C   . THR A 1 65  ? 10.283  -15.945 -15.793 1.00 36.60  ? 130 THR A C   1 
ATOM   295  O O   . THR A 1 65  ? 9.345   -16.461 -16.440 1.00 37.47  ? 130 THR A O   1 
ATOM   296  C CB  . THR A 1 65  ? 12.381  -17.236 -16.049 1.00 36.16  ? 130 THR A CB  1 
ATOM   297  O OG1 . THR A 1 65  ? 13.733  -17.131 -16.474 1.00 38.78  ? 130 THR A OG1 1 
ATOM   298  C CG2 . THR A 1 65  ? 11.726  -18.402 -16.757 1.00 40.15  ? 130 THR A CG2 1 
ATOM   299  N N   . LEU A 1 66  ? 10.164  -15.351 -14.602 1.00 34.03  ? 131 LEU A N   1 
ATOM   300  C CA  . LEU A 1 66  ? 8.952   -15.347 -13.836 1.00 34.35  ? 131 LEU A CA  1 
ATOM   301  C C   . LEU A 1 66  ? 8.083   -14.170 -14.200 1.00 37.54  ? 131 LEU A C   1 
ATOM   302  O O   . LEU A 1 66  ? 6.953   -14.096 -13.725 1.00 39.86  ? 131 LEU A O   1 
ATOM   303  C CB  . LEU A 1 66  ? 9.247   -15.354 -12.334 1.00 32.18  ? 131 LEU A CB  1 
ATOM   304  C CG  . LEU A 1 66  ? 10.129  -16.466 -11.759 1.00 32.87  ? 131 LEU A CG  1 
ATOM   305  C CD1 . LEU A 1 66  ? 10.235  -16.366 -10.258 1.00 31.54  ? 131 LEU A CD1 1 
ATOM   306  C CD2 . LEU A 1 66  ? 9.598   -17.835 -12.112 1.00 30.84  ? 131 LEU A CD2 1 
ATOM   307  N N   . LYS A 1 67  ? 8.577   -13.271 -15.055 1.00 40.69  ? 132 LYS A N   1 
ATOM   308  C CA  . LYS A 1 67  ? 7.862   -12.005 -15.352 1.00 41.72  ? 132 LYS A CA  1 
ATOM   309  C C   . LYS A 1 67  ? 6.417   -12.141 -15.863 1.00 41.48  ? 132 LYS A C   1 
ATOM   310  O O   . LYS A 1 67  ? 5.638   -11.189 -15.806 1.00 40.49  ? 132 LYS A O   1 
ATOM   311  C CB  . LYS A 1 67  ? 8.659   -11.134 -16.311 1.00 39.10  ? 132 LYS A CB  1 
ATOM   312  C CG  . LYS A 1 67  ? 8.557   -11.538 -17.766 1.00 41.52  ? 132 LYS A CG  1 
ATOM   313  C CD  . LYS A 1 67  ? 9.350   -10.543 -18.604 1.00 43.04  ? 132 LYS A CD  1 
ATOM   314  C CE  . LYS A 1 67  ? 9.432   -10.959 -20.056 1.00 46.84  ? 132 LYS A CE  1 
ATOM   315  N NZ  . LYS A 1 67  ? 10.184  -12.227 -20.260 1.00 50.46  ? 132 LYS A NZ  1 
ATOM   316  N N   . PHE A 1 68  ? 6.066   -13.315 -16.370 1.00 42.67  ? 133 PHE A N   1 
ATOM   317  C CA  . PHE A 1 68  ? 4.708   -13.512 -16.850 1.00 44.53  ? 133 PHE A CA  1 
ATOM   318  C C   . PHE A 1 68  ? 3.797   -14.100 -15.786 1.00 45.07  ? 133 PHE A C   1 
ATOM   319  O O   . PHE A 1 68  ? 2.613   -14.335 -16.040 1.00 46.72  ? 133 PHE A O   1 
ATOM   320  C CB  . PHE A 1 68  ? 4.656   -14.351 -18.134 1.00 43.80  ? 133 PHE A CB  1 
ATOM   321  C CG  . PHE A 1 68  ? 5.358   -13.724 -19.307 1.00 40.90  ? 133 PHE A CG  1 
ATOM   322  C CD1 . PHE A 1 68  ? 6.400   -14.395 -19.935 1.00 41.84  ? 133 PHE A CD1 1 
ATOM   323  C CD2 . PHE A 1 68  ? 4.967   -12.476 -19.794 1.00 40.15  ? 133 PHE A CD2 1 
ATOM   324  C CE1 . PHE A 1 68  ? 7.054   -13.821 -21.021 1.00 43.64  ? 133 PHE A CE1 1 
ATOM   325  C CE2 . PHE A 1 68  ? 5.604   -11.901 -20.880 1.00 40.29  ? 133 PHE A CE2 1 
ATOM   326  C CZ  . PHE A 1 68  ? 6.652   -12.575 -21.492 1.00 41.52  ? 133 PHE A CZ  1 
ATOM   327  N N   . GLU A 1 69  ? 4.342   -14.330 -14.596 1.00 42.14  ? 134 GLU A N   1 
ATOM   328  C CA  . GLU A 1 69  ? 3.533   -14.733 -13.459 1.00 41.76  ? 134 GLU A CA  1 
ATOM   329  C C   . GLU A 1 69  ? 2.942   -13.471 -12.840 1.00 40.51  ? 134 GLU A C   1 
ATOM   330  O O   . GLU A 1 69  ? 3.449   -12.988 -11.835 1.00 38.82  ? 134 GLU A O   1 
ATOM   331  C CB  . GLU A 1 69  ? 4.354   -15.561 -12.454 1.00 40.71  ? 134 GLU A CB  1 
ATOM   332  C CG  . GLU A 1 69  ? 4.926   -16.863 -13.019 1.00 40.26  ? 134 GLU A CG  1 
ATOM   333  C CD  . GLU A 1 69  ? 5.613   -17.745 -11.976 1.00 45.86  ? 134 GLU A CD  1 
ATOM   334  O OE1 . GLU A 1 69  ? 5.749   -17.314 -10.805 1.00 48.90  ? 134 GLU A OE1 1 
ATOM   335  O OE2 . GLU A 1 69  ? 6.019   -18.891 -12.307 1.00 44.12  ? 134 GLU A OE2 1 
ATOM   336  N N   . PHE A 1 70  ? 1.863   -12.974 -13.459 1.00 43.96  ? 135 PHE A N   1 
ATOM   337  C CA  . PHE A 1 70  ? 1.327   -11.602 -13.283 1.00 45.56  ? 135 PHE A CA  1 
ATOM   338  C C   . PHE A 1 70  ? 0.879   -11.245 -11.886 1.00 43.23  ? 135 PHE A C   1 
ATOM   339  O O   . PHE A 1 70  ? 0.952   -10.069 -11.508 1.00 45.39  ? 135 PHE A O   1 
ATOM   340  C CB  . PHE A 1 70  ? 0.143   -11.302 -14.212 1.00 51.87  ? 135 PHE A CB  1 
ATOM   341  C CG  . PHE A 1 70  ? 0.450   -11.428 -15.676 1.00 62.39  ? 135 PHE A CG  1 
ATOM   342  C CD1 . PHE A 1 70  ? 1.549   -10.759 -16.242 1.00 69.77  ? 135 PHE A CD1 1 
ATOM   343  C CD2 . PHE A 1 70  ? -0.384  -12.191 -16.514 1.00 64.58  ? 135 PHE A CD2 1 
ATOM   344  C CE1 . PHE A 1 70  ? 1.824   -10.866 -17.607 1.00 70.14  ? 135 PHE A CE1 1 
ATOM   345  C CE2 . PHE A 1 70  ? -0.114  -12.300 -17.875 1.00 67.43  ? 135 PHE A CE2 1 
ATOM   346  C CZ  . PHE A 1 70  ? 0.993   -11.640 -18.420 1.00 70.93  ? 135 PHE A CZ  1 
ATOM   347  N N   . TRP A 1 71  ? 0.410   -12.232 -11.122 1.00 36.19  ? 136 TRP A N   1 
ATOM   348  C CA  . TRP A 1 71  ? -0.044  -11.975 -9.761  1.00 30.65  ? 136 TRP A CA  1 
ATOM   349  C C   . TRP A 1 71  ? 1.001   -11.359 -8.817  1.00 29.33  ? 136 TRP A C   1 
ATOM   350  O O   . TRP A 1 71  ? 0.637   -10.715 -7.836  1.00 29.55  ? 136 TRP A O   1 
ATOM   351  C CB  . TRP A 1 71  ? -0.614  -13.244 -9.142  1.00 30.26  ? 136 TRP A CB  1 
ATOM   352  C CG  . TRP A 1 71  ? 0.382   -14.306 -8.827  1.00 29.14  ? 136 TRP A CG  1 
ATOM   353  C CD1 . TRP A 1 71  ? 1.064   -14.462 -7.656  1.00 30.09  ? 136 TRP A CD1 1 
ATOM   354  C CD2 . TRP A 1 71  ? 0.788   -15.390 -9.680  1.00 29.63  ? 136 TRP A CD2 1 
ATOM   355  N NE1 . TRP A 1 71  ? 1.880   -15.581 -7.725  1.00 30.42  ? 136 TRP A NE1 1 
ATOM   356  C CE2 . TRP A 1 71  ? 1.737   -16.156 -8.959  1.00 29.20  ? 136 TRP A CE2 1 
ATOM   357  C CE3 . TRP A 1 71  ? 0.446   -15.783 -10.994 1.00 29.76  ? 136 TRP A CE3 1 
ATOM   358  C CZ2 . TRP A 1 71  ? 2.350   -17.281 -9.503  1.00 31.05  ? 136 TRP A CZ2 1 
ATOM   359  C CZ3 . TRP A 1 71  ? 1.047   -16.897 -11.538 1.00 28.77  ? 136 TRP A CZ3 1 
ATOM   360  C CH2 . TRP A 1 71  ? 1.992   -17.640 -10.793 1.00 31.69  ? 136 TRP A CH2 1 
ATOM   361  N N   . ARG A 1 72  ? 2.277   -11.561 -9.121  1.00 28.33  ? 137 ARG A N   1 
ATOM   362  C CA  . ARG A 1 72  ? 3.377   -11.139 -8.281  1.00 27.84  ? 137 ARG A CA  1 
ATOM   363  C C   . ARG A 1 72  ? 3.501   -9.609  -8.237  1.00 29.56  ? 137 ARG A C   1 
ATOM   364  O O   . ARG A 1 72  ? 3.902   -9.063  -7.212  1.00 29.99  ? 137 ARG A O   1 
ATOM   365  C CB  . ARG A 1 72  ? 4.669   -11.754 -8.781  1.00 28.20  ? 137 ARG A CB  1 
ATOM   366  C CG  . ARG A 1 72  ? 4.736   -13.273 -8.667  1.00 29.16  ? 137 ARG A CG  1 
ATOM   367  C CD  . ARG A 1 72  ? 6.078   -13.737 -9.235  1.00 26.65  ? 137 ARG A CD  1 
ATOM   368  N NE  . ARG A 1 72  ? 6.328   -15.160 -9.015  1.00 25.85  ? 137 ARG A NE  1 
ATOM   369  C CZ  . ARG A 1 72  ? 6.891   -15.672 -7.921  1.00 28.78  ? 137 ARG A CZ  1 
ATOM   370  N NH1 . ARG A 1 72  ? 7.256   -14.901 -6.896  1.00 25.86  ? 137 ARG A NH1 1 
ATOM   371  N NH2 . ARG A 1 72  ? 7.085   -16.986 -7.840  1.00 34.08  ? 137 ARG A NH2 1 
ATOM   372  N N   . TYR A 1 73  ? 3.117   -8.921  -9.318  1.00 29.43  ? 138 TYR A N   1 
ATOM   373  C CA  . TYR A 1 73  ? 3.103   -7.452  -9.338  1.00 29.84  ? 138 TYR A CA  1 
ATOM   374  C C   . TYR A 1 73  ? 2.115   -6.900  -8.321  1.00 33.64  ? 138 TYR A C   1 
ATOM   375  O O   . TYR A 1 73  ? 2.068   -5.687  -8.040  1.00 36.75  ? 138 TYR A O   1 
ATOM   376  C CB  . TYR A 1 73  ? 2.833   -6.937  -10.763 1.00 29.39  ? 138 TYR A CB  1 
ATOM   377  C CG  . TYR A 1 73  ? 3.815   -7.575  -11.741 1.00 30.35  ? 138 TYR A CG  1 
ATOM   378  C CD1 . TYR A 1 73  ? 3.384   -8.492  -12.697 1.00 28.67  ? 138 TYR A CD1 1 
ATOM   379  C CD2 . TYR A 1 73  ? 5.203   -7.313  -11.648 1.00 31.00  ? 138 TYR A CD2 1 
ATOM   380  C CE1 . TYR A 1 73  ? 4.277   -9.099  -13.567 1.00 30.45  ? 138 TYR A CE1 1 
ATOM   381  C CE2 . TYR A 1 73  ? 6.120   -7.920  -12.517 1.00 31.25  ? 138 TYR A CE2 1 
ATOM   382  C CZ  . TYR A 1 73  ? 5.646   -8.810  -13.473 1.00 31.10  ? 138 TYR A CZ  1 
ATOM   383  O OH  . TYR A 1 73  ? 6.525   -9.414  -14.322 1.00 32.02  ? 138 TYR A OH  1 
ATOM   384  N N   . PHE A 1 74  ? 1.331   -7.795  -7.734  1.00 32.66  ? 139 PHE A N   1 
ATOM   385  C CA  . PHE A 1 74  ? 0.317   -7.364  -6.795  1.00 31.93  ? 139 PHE A CA  1 
ATOM   386  C C   . PHE A 1 74  ? 0.443   -8.039  -5.453  1.00 31.60  ? 139 PHE A C   1 
ATOM   387  O O   . PHE A 1 74  ? 0.301   -7.379  -4.420  1.00 30.12  ? 139 PHE A O   1 
ATOM   388  C CB  . PHE A 1 74  ? -1.054  -7.573  -7.408  1.00 33.82  ? 139 PHE A CB  1 
ATOM   389  C CG  . PHE A 1 74  ? -1.205  -6.900  -8.742  1.00 37.19  ? 139 PHE A CG  1 
ATOM   390  C CD1 . PHE A 1 74  ? -1.170  -7.641  -9.927  1.00 36.58  ? 139 PHE A CD1 1 
ATOM   391  C CD2 . PHE A 1 74  ? -1.331  -5.493  -8.821  1.00 38.77  ? 139 PHE A CD2 1 
ATOM   392  C CE1 . PHE A 1 74  ? -1.308  -7.012  -11.165 1.00 37.96  ? 139 PHE A CE1 1 
ATOM   393  C CE2 . PHE A 1 74  ? -1.457  -4.856  -10.052 1.00 35.42  ? 139 PHE A CE2 1 
ATOM   394  C CZ  . PHE A 1 74  ? -1.444  -5.614  -11.223 1.00 37.70  ? 139 PHE A CZ  1 
ATOM   395  N N   . THR A 1 75  ? 0.757   -9.336  -5.479  1.00 30.49  ? 140 THR A N   1 
ATOM   396  C CA  . THR A 1 75  ? 0.644   -10.179 -4.306  1.00 31.10  ? 140 THR A CA  1 
ATOM   397  C C   . THR A 1 75  ? 1.626   -9.798  -3.250  1.00 32.40  ? 140 THR A C   1 
ATOM   398  O O   . THR A 1 75  ? 1.399   -10.106 -2.070  1.00 35.83  ? 140 THR A O   1 
ATOM   399  C CB  . THR A 1 75  ? 0.688   -11.701 -4.603  1.00 34.14  ? 140 THR A CB  1 
ATOM   400  O OG1 . THR A 1 75  ? 1.847   -12.048 -5.360  1.00 35.81  ? 140 THR A OG1 1 
ATOM   401  C CG2 . THR A 1 75  ? -0.608  -12.159 -5.362  1.00 32.43  ? 140 THR A CG2 1 
ATOM   402  N N   . HIS A 1 76  ? 2.683   -9.078  -3.644  1.00 30.89  ? 141 HIS A N   1 
ATOM   403  C CA  . HIS A 1 76  ? 3.693   -8.629  -2.668  1.00 28.69  ? 141 HIS A CA  1 
ATOM   404  C C   . HIS A 1 76  ? 3.010   -7.798  -1.587  1.00 28.44  ? 141 HIS A C   1 
ATOM   405  O O   . HIS A 1 76  ? 3.469   -7.750  -0.433  1.00 28.77  ? 141 HIS A O   1 
ATOM   406  C CB  . HIS A 1 76  ? 4.825   -7.851  -3.340  1.00 25.60  ? 141 HIS A CB  1 
ATOM   407  C CG  . HIS A 1 76  ? 4.349   -6.649  -4.077  1.00 22.76  ? 141 HIS A CG  1 
ATOM   408  N ND1 . HIS A 1 76  ? 4.216   -5.418  -3.479  1.00 21.41  ? 141 HIS A ND1 1 
ATOM   409  C CD2 . HIS A 1 76  ? 3.933   -6.496  -5.357  1.00 22.40  ? 141 HIS A CD2 1 
ATOM   410  C CE1 . HIS A 1 76  ? 3.744   -4.552  -4.361  1.00 21.85  ? 141 HIS A CE1 1 
ATOM   411  N NE2 . HIS A 1 76  ? 3.560   -5.184  -5.512  1.00 21.82  ? 141 HIS A NE2 1 
ATOM   412  N N   . ALA A 1 77  ? 1.896   -7.170  -1.964  1.00 28.75  ? 142 ALA A N   1 
ATOM   413  C CA  . ALA A 1 77  ? 1.140   -6.308  -1.046  1.00 29.68  ? 142 ALA A CA  1 
ATOM   414  C C   . ALA A 1 77  ? 0.464   -7.050  0.091   1.00 31.08  ? 142 ALA A C   1 
ATOM   415  O O   . ALA A 1 77  ? 0.177   -6.442  1.120   1.00 31.62  ? 142 ALA A O   1 
ATOM   416  C CB  . ALA A 1 77  ? 0.110   -5.485  -1.783  1.00 31.57  ? 142 ALA A CB  1 
ATOM   417  N N   . LEU A 1 78  ? 0.199   -8.344  -0.096  1.00 32.33  ? 143 LEU A N   1 
ATOM   418  C CA  . LEU A 1 78  ? -0.597  -9.121  0.860   1.00 31.19  ? 143 LEU A CA  1 
ATOM   419  C C   . LEU A 1 78  ? 0.256   -9.698  1.979   1.00 32.94  ? 143 LEU A C   1 
ATOM   420  O O   . LEU A 1 78  ? -0.266  -10.075 3.028   1.00 37.21  ? 143 LEU A O   1 
ATOM   421  C CB  . LEU A 1 78  ? -1.358  -10.231 0.141   1.00 30.90  ? 143 LEU A CB  1 
ATOM   422  C CG  . LEU A 1 78  ? -2.232  -9.812  -1.051  1.00 31.27  ? 143 LEU A CG  1 
ATOM   423  C CD1 . LEU A 1 78  ? -2.789  -11.050 -1.733  1.00 32.40  ? 143 LEU A CD1 1 
ATOM   424  C CD2 . LEU A 1 78  ? -3.358  -8.889  -0.632  1.00 30.04  ? 143 LEU A CD2 1 
ATOM   425  N N   . MET A 1 79  ? 1.563   -9.751  1.766   1.00 30.84  ? 144 MET A N   1 
ATOM   426  C CA  . MET A 1 79  ? 2.477   -10.308 2.745   1.00 32.08  ? 144 MET A CA  1 
ATOM   427  C C   . MET A 1 79  ? 2.870   -9.348  3.849   1.00 35.30  ? 144 MET A C   1 
ATOM   428  O O   . MET A 1 79  ? 3.312   -8.245  3.568   1.00 35.56  ? 144 MET A O   1 
ATOM   429  C CB  . MET A 1 79  ? 3.730   -10.830 2.064   1.00 31.95  ? 144 MET A CB  1 
ATOM   430  C CG  . MET A 1 79  ? 3.447   -11.904 1.045   1.00 32.54  ? 144 MET A CG  1 
ATOM   431  S SD  . MET A 1 79  ? 5.005   -12.564 0.518   1.00 35.95  ? 144 MET A SD  1 
ATOM   432  C CE  . MET A 1 79  ? 5.491   -11.403 -0.742  1.00 31.76  ? 144 MET A CE  1 
ATOM   433  N N   . HIS A 1 80  ? 2.720   -9.781  5.106   1.00 38.77  ? 145 HIS A N   1 
ATOM   434  C CA  . HIS A 1 80  ? 3.278   -9.057  6.245   1.00 40.11  ? 145 HIS A CA  1 
ATOM   435  C C   . HIS A 1 80  ? 4.145   -9.981  7.067   1.00 44.55  ? 145 HIS A C   1 
ATOM   436  O O   . HIS A 1 80  ? 3.968   -11.200 6.989   1.00 52.30  ? 145 HIS A O   1 
ATOM   437  C CB  . HIS A 1 80  ? 2.174   -8.402  7.071   1.00 40.60  ? 145 HIS A CB  1 
ATOM   438  C CG  . HIS A 1 80  ? 1.401   -7.376  6.308   1.00 37.88  ? 145 HIS A CG  1 
ATOM   439  N ND1 . HIS A 1 80  ? 0.384   -7.721  5.448   1.00 37.36  ? 145 HIS A ND1 1 
ATOM   440  C CD2 . HIS A 1 80  ? 1.528   -6.027  6.233   1.00 35.29  ? 145 HIS A CD2 1 
ATOM   441  C CE1 . HIS A 1 80  ? -0.090  -6.624  4.879   1.00 37.62  ? 145 HIS A CE1 1 
ATOM   442  N NE2 . HIS A 1 80  ? 0.587   -5.583  5.337   1.00 34.97  ? 145 HIS A NE2 1 
ATOM   443  N N   . PHE A 1 81  ? 5.100   -9.424  7.816   1.00 48.64  ? 146 PHE A N   1 
ATOM   444  C CA  . PHE A 1 81  ? 6.147   -10.258 8.467   1.00 56.33  ? 146 PHE A CA  1 
ATOM   445  C C   . PHE A 1 81  ? 6.142   -10.265 10.000  1.00 59.97  ? 146 PHE A C   1 
ATOM   446  O O   . PHE A 1 81  ? 6.922   -11.003 10.620  1.00 67.44  ? 146 PHE A O   1 
ATOM   447  C CB  . PHE A 1 81  ? 7.557   -9.951  7.906   1.00 52.06  ? 146 PHE A CB  1 
ATOM   448  C CG  . PHE A 1 81  ? 7.589   -9.845  6.416   1.00 50.41  ? 146 PHE A CG  1 
ATOM   449  C CD1 . PHE A 1 81  ? 7.491   -8.604  5.791   1.00 49.08  ? 146 PHE A CD1 1 
ATOM   450  C CD2 . PHE A 1 81  ? 7.663   -10.994 5.627   1.00 50.48  ? 146 PHE A CD2 1 
ATOM   451  C CE1 . PHE A 1 81  ? 7.481   -8.516  4.409   1.00 46.85  ? 146 PHE A CE1 1 
ATOM   452  C CE2 . PHE A 1 81  ? 7.674   -10.907 4.236   1.00 47.11  ? 146 PHE A CE2 1 
ATOM   453  C CZ  . PHE A 1 81  ? 7.573   -9.666  3.631   1.00 46.05  ? 146 PHE A CZ  1 
ATOM   454  N N   . SER A 1 82  ? 5.281   -9.447  10.601  1.00 58.96  ? 147 SER A N   1 
ATOM   455  C CA  . SER A 1 82  ? 4.941   -9.562  12.019  1.00 57.04  ? 147 SER A CA  1 
ATOM   456  C C   . SER A 1 82  ? 3.492   -9.132  12.213  1.00 57.76  ? 147 SER A C   1 
ATOM   457  O O   . SER A 1 82  ? 2.828   -8.722  11.253  1.00 56.17  ? 147 SER A O   1 
ATOM   458  C CB  . SER A 1 82  ? 5.905   -8.750  12.889  1.00 55.72  ? 147 SER A CB  1 
ATOM   459  O OG  . SER A 1 82  ? 5.835   -7.371  12.587  1.00 54.79  ? 147 SER A OG  1 
ATOM   460  N N   . LEU A 1 83  ? 2.999   -9.235  13.445  1.00 57.74  ? 148 LEU A N   1 
ATOM   461  C CA  . LEU A 1 83  ? 1.610   -8.918  13.723  1.00 53.93  ? 148 LEU A CA  1 
ATOM   462  C C   . LEU A 1 83  ? 1.371   -7.410  13.776  1.00 56.65  ? 148 LEU A C   1 
ATOM   463  O O   . LEU A 1 83  ? 0.353   -6.924  13.282  1.00 60.75  ? 148 LEU A O   1 
ATOM   464  C CB  . LEU A 1 83  ? 1.147   -9.622  14.995  1.00 54.50  ? 148 LEU A CB  1 
ATOM   465  C CG  . LEU A 1 83  ? -0.098  -10.501 14.817  1.00 52.97  ? 148 LEU A CG  1 
ATOM   466  C CD1 . LEU A 1 83  ? -0.209  -11.494 15.956  1.00 53.94  ? 148 LEU A CD1 1 
ATOM   467  C CD2 . LEU A 1 83  ? -1.368  -9.665  14.697  1.00 52.44  ? 148 LEU A CD2 1 
ATOM   468  N N   . MET A 1 84  ? 2.330   -6.673  14.340  1.00 60.64  ? 149 MET A N   1 
ATOM   469  C CA  . MET A 1 84  ? 2.257   -5.212  14.381  1.00 65.31  ? 149 MET A CA  1 
ATOM   470  C C   . MET A 1 84  ? 2.365   -4.677  12.977  1.00 65.65  ? 149 MET A C   1 
ATOM   471  O O   . MET A 1 84  ? 1.828   -3.619  12.687  1.00 70.65  ? 149 MET A O   1 
ATOM   472  C CB  . MET A 1 84  ? 3.341   -4.583  15.273  1.00 72.09  ? 149 MET A CB  1 
ATOM   473  C CG  . MET A 1 84  ? 3.270   -4.937  16.770  1.00 93.43  ? 149 MET A CG  1 
ATOM   474  S SD  . MET A 1 84  ? 2.152   -4.034  17.896  1.00 113.38 ? 149 MET A SD  1 
ATOM   475  C CE  . MET A 1 84  ? 3.185   -2.722  18.569  1.00 97.04  ? 149 MET A CE  1 
ATOM   476  N N   . HIS A 1 85  ? 3.065   -5.424  12.119  1.00 65.59  ? 150 HIS A N   1 
ATOM   477  C CA  . HIS A 1 85  ? 3.229   -5.072  10.708  1.00 56.63  ? 150 HIS A CA  1 
ATOM   478  C C   . HIS A 1 85  ? 1.860   -5.076  10.068  1.00 51.07  ? 150 HIS A C   1 
ATOM   479  O O   . HIS A 1 85  ? 1.498   -4.086  9.432   1.00 50.38  ? 150 HIS A O   1 
ATOM   480  C CB  . HIS A 1 85  ? 4.193   -6.044  9.984   1.00 59.03  ? 150 HIS A CB  1 
ATOM   481  C CG  . HIS A 1 85  ? 4.555   -5.643  8.573   1.00 58.78  ? 150 HIS A CG  1 
ATOM   482  N ND1 . HIS A 1 85  ? 4.979   -6.552  7.621   1.00 50.94  ? 150 HIS A ND1 1 
ATOM   483  C CD2 . HIS A 1 85  ? 4.573   -4.429  7.964   1.00 56.06  ? 150 HIS A CD2 1 
ATOM   484  C CE1 . HIS A 1 85  ? 5.229   -5.917  6.487   1.00 52.21  ? 150 HIS A CE1 1 
ATOM   485  N NE2 . HIS A 1 85  ? 4.993   -4.627  6.669   1.00 52.52  ? 150 HIS A NE2 1 
ATOM   486  N N   . ILE A 1 86  ? 1.109   -6.168  10.266  1.00 45.78  ? 151 ILE A N   1 
ATOM   487  C CA  . ILE A 1 86  ? -0.203  -6.337  9.643   1.00 46.09  ? 151 ILE A CA  1 
ATOM   488  C C   . ILE A 1 86  ? -1.241  -5.421  10.281  1.00 50.09  ? 151 ILE A C   1 
ATOM   489  O O   . ILE A 1 86  ? -2.042  -4.794  9.574   1.00 53.56  ? 151 ILE A O   1 
ATOM   490  C CB  . ILE A 1 86  ? -0.699  -7.814  9.567   1.00 44.24  ? 151 ILE A CB  1 
ATOM   491  C CG1 . ILE A 1 86  ? -2.007  -7.883  8.763   1.00 44.85  ? 151 ILE A CG1 1 
ATOM   492  C CG2 . ILE A 1 86  ? -0.912  -8.422  10.946  1.00 46.69  ? 151 ILE A CG2 1 
ATOM   493  C CD1 . ILE A 1 86  ? -2.372  -9.212  8.147   1.00 42.70  ? 151 ILE A CD1 1 
ATOM   494  N N   . LEU A 1 87  ? -1.211  -5.338  11.606  1.00 53.78  ? 152 LEU A N   1 
ATOM   495  C CA  . LEU A 1 87  ? -2.198  -4.564  12.325  1.00 52.82  ? 152 LEU A CA  1 
ATOM   496  C C   . LEU A 1 87  ? -2.046  -3.102  11.955  1.00 51.11  ? 152 LEU A C   1 
ATOM   497  O O   . LEU A 1 87  ? -3.011  -2.473  11.550  1.00 51.99  ? 152 LEU A O   1 
ATOM   498  C CB  . LEU A 1 87  ? -2.080  -4.776  13.832  1.00 57.38  ? 152 LEU A CB  1 
ATOM   499  C CG  . LEU A 1 87  ? -2.442  -6.147  14.407  1.00 59.23  ? 152 LEU A CG  1 
ATOM   500  C CD1 . LEU A 1 87  ? -2.176  -6.101  15.901  1.00 62.60  ? 152 LEU A CD1 1 
ATOM   501  C CD2 . LEU A 1 87  ? -3.887  -6.555  14.133  1.00 57.19  ? 152 LEU A CD2 1 
ATOM   502  N N   . PHE A 1 88  ? -0.826  -2.585  12.043  1.00 48.94  ? 153 PHE A N   1 
ATOM   503  C CA  . PHE A 1 88  ? -0.570  -1.178  11.744  1.00 51.96  ? 153 PHE A CA  1 
ATOM   504  C C   . PHE A 1 88  ? -0.978  -0.841  10.314  1.00 48.99  ? 153 PHE A C   1 
ATOM   505  O O   . PHE A 1 88  ? -1.525  0.229   10.070  1.00 52.39  ? 153 PHE A O   1 
ATOM   506  C CB  . PHE A 1 88  ? 0.909   -0.839  11.999  1.00 58.62  ? 153 PHE A CB  1 
ATOM   507  C CG  . PHE A 1 88  ? 1.251   0.630   11.895  1.00 65.59  ? 153 PHE A CG  1 
ATOM   508  C CD1 . PHE A 1 88  ? 0.694   1.574   12.768  1.00 66.36  ? 153 PHE A CD1 1 
ATOM   509  C CD2 . PHE A 1 88  ? 2.176   1.068   10.940  1.00 67.59  ? 153 PHE A CD2 1 
ATOM   510  C CE1 . PHE A 1 88  ? 1.043   2.921   12.674  1.00 68.87  ? 153 PHE A CE1 1 
ATOM   511  C CE2 . PHE A 1 88  ? 2.518   2.412   10.837  1.00 65.89  ? 153 PHE A CE2 1 
ATOM   512  C CZ  . PHE A 1 88  ? 1.957   3.335   11.706  1.00 68.63  ? 153 PHE A CZ  1 
ATOM   513  N N   . ASN A 1 89  ? -0.733  -1.761  9.383   1.00 42.92  ? 154 ASN A N   1 
ATOM   514  C CA  . ASN A 1 89  ? -1.140  -1.570  7.993   1.00 42.10  ? 154 ASN A CA  1 
ATOM   515  C C   . ASN A 1 89  ? -2.648  -1.673  7.730   1.00 42.83  ? 154 ASN A C   1 
ATOM   516  O O   . ASN A 1 89  ? -3.199  -0.825  7.004   1.00 42.37  ? 154 ASN A O   1 
ATOM   517  C CB  . ASN A 1 89  ? -0.379  -2.516  7.074   1.00 42.78  ? 154 ASN A CB  1 
ATOM   518  C CG  . ASN A 1 89  ? 1.019   -2.008  6.737   1.00 44.32  ? 154 ASN A CG  1 
ATOM   519  O OD1 . ASN A 1 89  ? 1.386   -0.871  7.055   1.00 39.99  ? 154 ASN A OD1 1 
ATOM   520  N ND2 . ASN A 1 89  ? 1.803   -2.855  6.072   1.00 43.65  ? 154 ASN A ND2 1 
ATOM   521  N N   . LEU A 1 90  ? -3.302  -2.692  8.316   1.00 40.67  ? 155 LEU A N   1 
ATOM   522  C CA  . LEU A 1 90  ? -4.748  -2.903  8.164   1.00 36.21  ? 155 LEU A CA  1 
ATOM   523  C C   . LEU A 1 90  ? -5.530  -1.794  8.815   1.00 38.02  ? 155 LEU A C   1 
ATOM   524  O O   . LEU A 1 90  ? -6.516  -1.315  8.250   1.00 36.53  ? 155 LEU A O   1 
ATOM   525  C CB  . LEU A 1 90  ? -5.179  -4.254  8.690   1.00 34.54  ? 155 LEU A CB  1 
ATOM   526  C CG  . LEU A 1 90  ? -4.801  -5.420  7.778   1.00 34.79  ? 155 LEU A CG  1 
ATOM   527  C CD1 . LEU A 1 90  ? -5.344  -6.698  8.412   1.00 35.89  ? 155 LEU A CD1 1 
ATOM   528  C CD2 . LEU A 1 90  ? -5.296  -5.274  6.344   1.00 31.44  ? 155 LEU A CD2 1 
ATOM   529  N N   . LEU A 1 91  ? -5.052  -1.367  9.981   1.00 40.30  ? 156 LEU A N   1 
ATOM   530  C CA  . LEU A 1 91  ? -5.485  -0.110  10.619  1.00 45.88  ? 156 LEU A CA  1 
ATOM   531  C C   . LEU A 1 91  ? -5.614  1.069   9.619   1.00 44.13  ? 156 LEU A C   1 
ATOM   532  O O   . LEU A 1 91  ? -6.721  1.468   9.269   1.00 41.61  ? 156 LEU A O   1 
ATOM   533  C CB  . LEU A 1 91  ? -4.521  0.250   11.760  1.00 50.24  ? 156 LEU A CB  1 
ATOM   534  C CG  . LEU A 1 91  ? -4.713  1.598   12.462  1.00 54.43  ? 156 LEU A CG  1 
ATOM   535  C CD1 . LEU A 1 91  ? -6.024  1.586   13.229  1.00 58.46  ? 156 LEU A CD1 1 
ATOM   536  C CD2 . LEU A 1 91  ? -3.542  1.922   13.386  1.00 53.75  ? 156 LEU A CD2 1 
ATOM   537  N N   . TRP A 1 92  ? -4.480  1.601   9.162   1.00 46.74  ? 157 TRP A N   1 
ATOM   538  C CA  . TRP A 1 92  ? -4.454  2.656   8.139   1.00 48.90  ? 157 TRP A CA  1 
ATOM   539  C C   . TRP A 1 92  ? -5.320  2.316   6.921   1.00 48.26  ? 157 TRP A C   1 
ATOM   540  O O   . TRP A 1 92  ? -6.122  3.159   6.465   1.00 46.93  ? 157 TRP A O   1 
ATOM   541  C CB  . TRP A 1 92  ? -3.023  2.924   7.685   1.00 51.19  ? 157 TRP A CB  1 
ATOM   542  C CG  . TRP A 1 92  ? -2.215  3.690   8.679   1.00 56.47  ? 157 TRP A CG  1 
ATOM   543  C CD1 . TRP A 1 92  ? -1.345  3.175   9.591   1.00 57.91  ? 157 TRP A CD1 1 
ATOM   544  C CD2 . TRP A 1 92  ? -2.197  5.108   8.863   1.00 57.81  ? 157 TRP A CD2 1 
ATOM   545  N NE1 . TRP A 1 92  ? -0.798  4.177   10.349  1.00 58.42  ? 157 TRP A NE1 1 
ATOM   546  C CE2 . TRP A 1 92  ? -1.296  5.376   9.921   1.00 57.89  ? 157 TRP A CE2 1 
ATOM   547  C CE3 . TRP A 1 92  ? -2.859  6.178   8.246   1.00 58.55  ? 157 TRP A CE3 1 
ATOM   548  C CZ2 . TRP A 1 92  ? -1.035  6.668   10.376  1.00 60.01  ? 157 TRP A CZ2 1 
ATOM   549  C CZ3 . TRP A 1 92  ? -2.603  7.466   8.702   1.00 63.05  ? 157 TRP A CZ3 1 
ATOM   550  C CH2 . TRP A 1 92  ? -1.690  7.700   9.755   1.00 61.22  ? 157 TRP A CH2 1 
ATOM   551  N N   . TRP A 1 93  ? -5.184  1.081   6.423   1.00 44.53  ? 158 TRP A N   1 
ATOM   552  C CA  . TRP A 1 93  ? -5.937  0.639   5.250   1.00 39.85  ? 158 TRP A CA  1 
ATOM   553  C C   . TRP A 1 93  ? -7.441  0.711   5.493   1.00 43.41  ? 158 TRP A C   1 
ATOM   554  O O   . TRP A 1 93  ? -8.207  1.067   4.586   1.00 37.52  ? 158 TRP A O   1 
ATOM   555  C CB  . TRP A 1 93  ? -5.582  -0.777  4.867   1.00 34.78  ? 158 TRP A CB  1 
ATOM   556  C CG  . TRP A 1 93  ? -6.632  -1.364  3.981   1.00 34.42  ? 158 TRP A CG  1 
ATOM   557  C CD1 . TRP A 1 93  ? -7.696  -2.122  4.376   1.00 33.72  ? 158 TRP A CD1 1 
ATOM   558  C CD2 . TRP A 1 93  ? -6.768  -1.193  2.559   1.00 31.75  ? 158 TRP A CD2 1 
ATOM   559  N NE1 . TRP A 1 93  ? -8.461  -2.465  3.292   1.00 32.29  ? 158 TRP A NE1 1 
ATOM   560  C CE2 . TRP A 1 93  ? -7.918  -1.909  2.162   1.00 31.83  ? 158 TRP A CE2 1 
ATOM   561  C CE3 . TRP A 1 93  ? -6.020  -0.526  1.583   1.00 30.40  ? 158 TRP A CE3 1 
ATOM   562  C CZ2 . TRP A 1 93  ? -8.349  -1.977  0.814   1.00 32.74  ? 158 TRP A CZ2 1 
ATOM   563  C CZ3 . TRP A 1 93  ? -6.450  -0.583  0.234   1.00 30.86  ? 158 TRP A CZ3 1 
ATOM   564  C CH2 . TRP A 1 93  ? -7.600  -1.317  -0.132  1.00 32.50  ? 158 TRP A CH2 1 
ATOM   565  N N   . TRP A 1 94  ? -7.843  0.332   6.710   1.00 47.11  ? 159 TRP A N   1 
ATOM   566  C CA  . TRP A 1 94  ? -9.242  0.298   7.077   1.00 48.56  ? 159 TRP A CA  1 
ATOM   567  C C   . TRP A 1 94  ? -9.729  1.733   7.138   1.00 48.47  ? 159 TRP A C   1 
ATOM   568  O O   . TRP A 1 94  ? -10.710 2.097   6.482   1.00 50.80  ? 159 TRP A O   1 
ATOM   569  C CB  . TRP A 1 94  ? -9.475  -0.469  8.392   1.00 53.67  ? 159 TRP A CB  1 
ATOM   570  C CG  . TRP A 1 94  ? -10.889 -0.333  8.854   1.00 62.87  ? 159 TRP A CG  1 
ATOM   571  C CD1 . TRP A 1 94  ? -11.986 -1.038  8.400   1.00 61.62  ? 159 TRP A CD1 1 
ATOM   572  C CD2 . TRP A 1 94  ? -11.381 0.605   9.817   1.00 63.72  ? 159 TRP A CD2 1 
ATOM   573  N NE1 . TRP A 1 94  ? -13.119 -0.594  9.031   1.00 62.42  ? 159 TRP A NE1 1 
ATOM   574  C CE2 . TRP A 1 94  ? -12.782 0.408   9.912   1.00 65.07  ? 159 TRP A CE2 1 
ATOM   575  C CE3 . TRP A 1 94  ? -10.775 1.595   10.614  1.00 66.86  ? 159 TRP A CE3 1 
ATOM   576  C CZ2 . TRP A 1 94  ? -13.596 1.168   10.784  1.00 62.98  ? 159 TRP A CZ2 1 
ATOM   577  C CZ3 . TRP A 1 94  ? -11.587 2.347   11.492  1.00 66.84  ? 159 TRP A CZ3 1 
ATOM   578  C CH2 . TRP A 1 94  ? -12.983 2.126   11.560  1.00 63.73  ? 159 TRP A CH2 1 
ATOM   579  N N   . TYR A 1 95  ? -9.001  2.559   7.876   1.00 48.82  ? 160 TYR A N   1 
ATOM   580  C CA  . TYR A 1 95  ? -9.377  3.959   8.069   1.00 50.33  ? 160 TYR A CA  1 
ATOM   581  C C   . TYR A 1 95  ? -9.468  4.759   6.758   1.00 46.38  ? 160 TYR A C   1 
ATOM   582  O O   . TYR A 1 95  ? -10.466 5.408   6.493   1.00 48.08  ? 160 TYR A O   1 
ATOM   583  C CB  . TYR A 1 95  ? -8.440  4.611   9.101   1.00 53.18  ? 160 TYR A CB  1 
ATOM   584  C CG  . TYR A 1 95  ? -8.653  6.093   9.286   1.00 58.73  ? 160 TYR A CG  1 
ATOM   585  C CD1 . TYR A 1 95  ? -9.824  6.588   9.874   1.00 61.20  ? 160 TYR A CD1 1 
ATOM   586  C CD2 . TYR A 1 95  ? -7.679  7.010   8.864   1.00 62.11  ? 160 TYR A CD2 1 
ATOM   587  C CE1 . TYR A 1 95  ? -10.023 7.957   10.029  1.00 64.96  ? 160 TYR A CE1 1 
ATOM   588  C CE2 . TYR A 1 95  ? -7.861  8.379   9.021   1.00 64.57  ? 160 TYR A CE2 1 
ATOM   589  C CZ  . TYR A 1 95  ? -9.033  8.850   9.605   1.00 66.62  ? 160 TYR A CZ  1 
ATOM   590  O OH  . TYR A 1 95  ? -9.223  10.209  9.763   1.00 71.29  ? 160 TYR A OH  1 
ATOM   591  N N   . LEU A 1 96  ? -8.438  4.660   5.929   1.00 48.12  ? 161 LEU A N   1 
ATOM   592  C CA  . LEU A 1 96  ? -8.315  5.477   4.730   1.00 44.08  ? 161 LEU A CA  1 
ATOM   593  C C   . LEU A 1 96  ? -8.978  4.819   3.543   1.00 43.51  ? 161 LEU A C   1 
ATOM   594  O O   . LEU A 1 96  ? -9.592  5.518   2.729   1.00 45.77  ? 161 LEU A O   1 
ATOM   595  C CB  . LEU A 1 96  ? -6.830  5.750   4.412   1.00 42.71  ? 161 LEU A CB  1 
ATOM   596  C CG  . LEU A 1 96  ? -5.966  6.430   5.479   1.00 43.29  ? 161 LEU A CG  1 
ATOM   597  C CD1 . LEU A 1 96  ? -4.496  6.238   5.171   1.00 43.48  ? 161 LEU A CD1 1 
ATOM   598  C CD2 . LEU A 1 96  ? -6.290  7.898   5.612   1.00 42.49  ? 161 LEU A CD2 1 
ATOM   599  N N   . GLY A 1 97  ? -8.813  3.497   3.411   1.00 41.12  ? 162 GLY A N   1 
ATOM   600  C CA  . GLY A 1 97  ? -9.442  2.727   2.322   1.00 40.68  ? 162 GLY A CA  1 
ATOM   601  C C   . GLY A 1 97  ? -10.966 2.763   2.415   1.00 43.61  ? 162 GLY A C   1 
ATOM   602  O O   . GLY A 1 97  ? -11.658 2.994   1.412   1.00 47.17  ? 162 GLY A O   1 
ATOM   603  N N   . GLY A 1 98  ? -11.487 2.575   3.626   1.00 39.12  ? 163 GLY A N   1 
ATOM   604  C CA  . GLY A 1 98  ? -12.921 2.611   3.856   1.00 38.95  ? 163 GLY A CA  1 
ATOM   605  C C   . GLY A 1 98  ? -13.502 3.969   3.509   1.00 42.46  ? 163 GLY A C   1 
ATOM   606  O O   . GLY A 1 98  ? -14.629 4.056   2.994   1.00 42.57  ? 163 GLY A O   1 
ATOM   607  N N   . ALA A 1 99  ? -12.726 5.029   3.785   1.00 39.89  ? 164 ALA A N   1 
ATOM   608  C CA  . ALA A 1 99  ? -13.161 6.384   3.487   1.00 38.00  ? 164 ALA A CA  1 
ATOM   609  C C   . ALA A 1 99  ? -13.198 6.584   1.986   1.00 40.50  ? 164 ALA A C   1 
ATOM   610  O O   . ALA A 1 99  ? -14.084 7.260   1.485   1.00 45.03  ? 164 ALA A O   1 
ATOM   611  C CB  . ALA A 1 99  ? -12.270 7.420   4.156   1.00 37.78  ? 164 ALA A CB  1 
ATOM   612  N N   . VAL A 1 100 ? -12.265 5.984   1.257   1.00 38.31  ? 165 VAL A N   1 
ATOM   613  C CA  . VAL A 1 100 ? -12.276 6.141   -0.201  1.00 43.15  ? 165 VAL A CA  1 
ATOM   614  C C   . VAL A 1 100 ? -13.412 5.372   -0.853  1.00 44.63  ? 165 VAL A C   1 
ATOM   615  O O   . VAL A 1 100 ? -14.055 5.855   -1.774  1.00 45.77  ? 165 VAL A O   1 
ATOM   616  C CB  . VAL A 1 100 ? -10.919 5.767   -0.831  1.00 42.24  ? 165 VAL A CB  1 
ATOM   617  C CG1 . VAL A 1 100 ? -11.050 5.427   -2.324  1.00 36.54  ? 165 VAL A CG1 1 
ATOM   618  C CG2 . VAL A 1 100 ? -9.965  6.928   -0.605  1.00 40.36  ? 165 VAL A CG2 1 
ATOM   619  N N   . GLU A 1 101 ? -13.625 4.158   -0.373  1.00 48.28  ? 166 GLU A N   1 
ATOM   620  C CA  . GLU A 1 101 ? -14.728 3.369   -0.819  1.00 47.94  ? 166 GLU A CA  1 
ATOM   621  C C   . GLU A 1 101 ? -16.049 4.046   -0.457  1.00 47.25  ? 166 GLU A C   1 
ATOM   622  O O   . GLU A 1 101 ? -16.863 4.254   -1.329  1.00 46.14  ? 166 GLU A O   1 
ATOM   623  C CB  . GLU A 1 101 ? -14.650 2.033   -0.178  1.00 48.97  ? 166 GLU A CB  1 
ATOM   624  C CG  . GLU A 1 101 ? -15.588 1.065   -0.809  1.00 49.08  ? 166 GLU A CG  1 
ATOM   625  C CD  . GLU A 1 101 ? -15.245 -0.322  -0.419  1.00 51.80  ? 166 GLU A CD  1 
ATOM   626  O OE1 . GLU A 1 101 ? -14.615 -0.501  0.646   1.00 54.68  ? 166 GLU A OE1 1 
ATOM   627  O OE2 . GLU A 1 101 ? -15.607 -1.226  -1.182  1.00 54.78  ? 166 GLU A OE2 1 
ATOM   628  N N   . LYS A 1 102 ? -16.230 4.418   0.807   1.00 47.69  ? 167 LYS A N   1 
ATOM   629  C CA  . LYS A 1 102 ? -17.466 5.066   1.285   1.00 52.33  ? 167 LYS A CA  1 
ATOM   630  C C   . LYS A 1 102 ? -17.915 6.285   0.438   1.00 55.29  ? 167 LYS A C   1 
ATOM   631  O O   . LYS A 1 102 ? -19.099 6.406   0.090   1.00 59.42  ? 167 LYS A O   1 
ATOM   632  C CB  . LYS A 1 102 ? -17.319 5.451   2.765   1.00 56.21  ? 167 LYS A CB  1 
ATOM   633  C CG  . LYS A 1 102 ? -18.620 5.699   3.520   1.00 62.80  ? 167 LYS A CG  1 
ATOM   634  C CD  . LYS A 1 102 ? -18.348 6.297   4.897   1.00 74.78  ? 167 LYS A CD  1 
ATOM   635  C CE  . LYS A 1 102 ? -17.709 7.690   4.798   1.00 83.54  ? 167 LYS A CE  1 
ATOM   636  N NZ  . LYS A 1 102 ? -17.033 8.169   6.046   1.00 82.31  ? 167 LYS A NZ  1 
ATOM   637  N N   . ARG A 1 103 ? -16.971 7.157   0.082   1.00 53.72  ? 168 ARG A N   1 
ATOM   638  C CA  . ARG A 1 103 ? -17.283 8.402   -0.609  1.00 48.84  ? 168 ARG A CA  1 
ATOM   639  C C   . ARG A 1 103 ? -17.041 8.356   -2.102  1.00 46.90  ? 168 ARG A C   1 
ATOM   640  O O   . ARG A 1 103 ? -17.740 9.013   -2.846  1.00 49.14  ? 168 ARG A O   1 
ATOM   641  C CB  . ARG A 1 103 ? -16.495 9.566   -0.007  1.00 53.13  ? 168 ARG A CB  1 
ATOM   642  C CG  . ARG A 1 103 ? -16.317 9.545   1.511   1.00 56.17  ? 168 ARG A CG  1 
ATOM   643  C CD  . ARG A 1 103 ? -17.326 10.402  2.257   1.00 66.71  ? 168 ARG A CD  1 
ATOM   644  N NE  . ARG A 1 103 ? -17.679 11.615  1.520   1.00 83.54  ? 168 ARG A NE  1 
ATOM   645  C CZ  . ARG A 1 103 ? -18.708 12.418  1.796   1.00 92.33  ? 168 ARG A CZ  1 
ATOM   646  N NH1 . ARG A 1 103 ? -19.513 12.184  2.835   1.00 88.49  ? 168 ARG A NH1 1 
ATOM   647  N NH2 . ARG A 1 103 ? -18.921 13.481  1.028   1.00 98.63  ? 168 ARG A NH2 1 
ATOM   648  N N   . LEU A 1 104 ? -16.054 7.594   -2.551  1.00 47.51  ? 169 LEU A N   1 
ATOM   649  C CA  . LEU A 1 104 ? -15.674 7.638   -3.967  1.00 48.35  ? 169 LEU A CA  1 
ATOM   650  C C   . LEU A 1 104 ? -16.030 6.360   -4.694  1.00 50.78  ? 169 LEU A C   1 
ATOM   651  O O   . LEU A 1 104 ? -15.891 6.254   -5.929  1.00 52.04  ? 169 LEU A O   1 
ATOM   652  C CB  . LEU A 1 104 ? -14.189 7.985   -4.121  1.00 44.87  ? 169 LEU A CB  1 
ATOM   653  C CG  . LEU A 1 104 ? -13.778 9.335   -3.530  1.00 44.63  ? 169 LEU A CG  1 
ATOM   654  C CD1 . LEU A 1 104 ? -12.278 9.522   -3.656  1.00 45.10  ? 169 LEU A CD1 1 
ATOM   655  C CD2 . LEU A 1 104 ? -14.519 10.485  -4.195  1.00 43.17  ? 169 LEU A CD2 1 
ATOM   656  N N   . GLY A 1 105 ? -16.498 5.387   -3.917  1.00 47.94  ? 170 GLY A N   1 
ATOM   657  C CA  . GLY A 1 105 ? -16.942 4.127   -4.479  1.00 41.67  ? 170 GLY A CA  1 
ATOM   658  C C   . GLY A 1 105 ? -15.847 3.100   -4.598  1.00 40.87  ? 170 GLY A C   1 
ATOM   659  O O   . GLY A 1 105 ? -14.665 3.435   -4.734  1.00 42.92  ? 170 GLY A O   1 
ATOM   660  N N   . SER A 1 106 ? -16.282 1.840   -4.562  1.00 35.44  ? 171 SER A N   1 
ATOM   661  C CA  . SER A 1 106 ? -15.439 0.684   -4.647  1.00 32.65  ? 171 SER A CA  1 
ATOM   662  C C   . SER A 1 106 ? -14.534 0.631   -5.874  1.00 33.84  ? 171 SER A C   1 
ATOM   663  O O   . SER A 1 106 ? -13.413 0.161   -5.769  1.00 34.43  ? 171 SER A O   1 
ATOM   664  C CB  . SER A 1 106 ? -16.299 -0.570  -4.565  1.00 35.33  ? 171 SER A CB  1 
ATOM   665  O OG  . SER A 1 106 ? -16.830 -0.740  -3.254  1.00 35.57  ? 171 SER A OG  1 
ATOM   666  N N   . GLY A 1 107 ? -15.009 1.096   -7.030  1.00 35.45  ? 172 GLY A N   1 
ATOM   667  C CA  . GLY A 1 107 ? -14.183 1.141   -8.244  1.00 37.76  ? 172 GLY A CA  1 
ATOM   668  C C   . GLY A 1 107 ? -12.963 2.036   -8.075  1.00 41.89  ? 172 GLY A C   1 
ATOM   669  O O   . GLY A 1 107 ? -11.847 1.699   -8.502  1.00 42.08  ? 172 GLY A O   1 
ATOM   670  N N   . LYS A 1 108 ? -13.160 3.173   -7.418  1.00 46.71  ? 173 LYS A N   1 
ATOM   671  C CA  . LYS A 1 108 ? -12.037 4.067   -7.156  1.00 52.48  ? 173 LYS A CA  1 
ATOM   672  C C   . LYS A 1 108 ? -10.958 3.438   -6.273  1.00 52.00  ? 173 LYS A C   1 
ATOM   673  O O   . LYS A 1 108 ? -9.755  3.604   -6.542  1.00 54.85  ? 173 LYS A O   1 
ATOM   674  C CB  . LYS A 1 108 ? -12.505 5.395   -6.548  1.00 56.38  ? 173 LYS A CB  1 
ATOM   675  C CG  . LYS A 1 108 ? -11.393 6.412   -6.250  1.00 59.82  ? 173 LYS A CG  1 
ATOM   676  C CD  . LYS A 1 108 ? -10.455 6.667   -7.431  1.00 62.60  ? 173 LYS A CD  1 
ATOM   677  C CE  . LYS A 1 108 ? -11.213 7.220   -8.639  1.00 69.00  ? 173 LYS A CE  1 
ATOM   678  N NZ  . LYS A 1 108 ? -10.366 7.289   -9.867  1.00 76.34  ? 173 LYS A NZ  1 
ATOM   679  N N   . LEU A 1 109 ? -11.388 2.739   -5.222  1.00 46.17  ? 174 LEU A N   1 
ATOM   680  C CA  . LEU A 1 109 ? -10.451 2.129   -4.286  1.00 42.54  ? 174 LEU A CA  1 
ATOM   681  C C   . LEU A 1 109 ? -9.638  1.018   -4.945  1.00 43.81  ? 174 LEU A C   1 
ATOM   682  O O   . LEU A 1 109 ? -8.427  0.899   -4.704  1.00 49.00  ? 174 LEU A O   1 
ATOM   683  C CB  . LEU A 1 109 ? -11.171 1.618   -3.035  1.00 38.36  ? 174 LEU A CB  1 
ATOM   684  C CG  . LEU A 1 109 ? -10.290 1.005   -1.959  1.00 35.78  ? 174 LEU A CG  1 
ATOM   685  C CD1 . LEU A 1 109 ? -9.294  2.007   -1.397  1.00 35.60  ? 174 LEU A CD1 1 
ATOM   686  C CD2 . LEU A 1 109 ? -11.170 0.445   -0.866  1.00 37.69  ? 174 LEU A CD2 1 
ATOM   687  N N   . ILE A 1 110 ? -10.310 0.211   -5.764  1.00 42.09  ? 175 ILE A N   1 
ATOM   688  C CA  . ILE A 1 110 ? -9.669  -0.849  -6.533  1.00 43.84  ? 175 ILE A CA  1 
ATOM   689  C C   . ILE A 1 110 ? -8.535  -0.271  -7.399  1.00 44.27  ? 175 ILE A C   1 
ATOM   690  O O   . ILE A 1 110 ? -7.441  -0.833  -7.467  1.00 40.85  ? 175 ILE A O   1 
ATOM   691  C CB  . ILE A 1 110 ? -10.701 -1.592  -7.422  1.00 44.02  ? 175 ILE A CB  1 
ATOM   692  C CG1 . ILE A 1 110 ? -11.707 -2.380  -6.564  1.00 43.53  ? 175 ILE A CG1 1 
ATOM   693  C CG2 . ILE A 1 110 ? -10.009 -2.515  -8.421  1.00 42.43  ? 175 ILE A CG2 1 
ATOM   694  C CD1 . ILE A 1 110 ? -12.919 -2.904  -7.328  1.00 40.45  ? 175 ILE A CD1 1 
ATOM   695  N N   . VAL A 1 111 ? -8.817  0.856   -8.049  1.00 46.19  ? 176 VAL A N   1 
ATOM   696  C CA  . VAL A 1 111 ? -7.890  1.470   -8.997  1.00 46.43  ? 176 VAL A CA  1 
ATOM   697  C C   . VAL A 1 111 ? -6.724  2.114   -8.264  1.00 43.00  ? 176 VAL A C   1 
ATOM   698  O O   . VAL A 1 111 ? -5.587  2.017   -8.708  1.00 38.73  ? 176 VAL A O   1 
ATOM   699  C CB  . VAL A 1 111 ? -8.621  2.462   -9.918  1.00 48.61  ? 176 VAL A CB  1 
ATOM   700  C CG1 . VAL A 1 111 ? -7.646  3.255   -10.776 1.00 51.24  ? 176 VAL A CG1 1 
ATOM   701  C CG2 . VAL A 1 111 ? -9.583  1.689   -10.813 1.00 49.46  ? 176 VAL A CG2 1 
ATOM   702  N N   . ILE A 1 112 ? -7.012  2.721   -7.119  1.00 43.41  ? 177 ILE A N   1 
ATOM   703  C CA  . ILE A 1 112 ? -5.957  3.260   -6.263  1.00 43.86  ? 177 ILE A CA  1 
ATOM   704  C C   . ILE A 1 112 ? -5.075  2.133   -5.735  1.00 41.36  ? 177 ILE A C   1 
ATOM   705  O O   . ILE A 1 112 ? -3.874  2.265   -5.701  1.00 43.89  ? 177 ILE A O   1 
ATOM   706  C CB  . ILE A 1 112 ? -6.510  4.099   -5.092  1.00 46.32  ? 177 ILE A CB  1 
ATOM   707  C CG1 . ILE A 1 112 ? -7.119  5.403   -5.616  1.00 48.16  ? 177 ILE A CG1 1 
ATOM   708  C CG2 . ILE A 1 112 ? -5.408  4.416   -4.085  1.00 48.57  ? 177 ILE A CG2 1 
ATOM   709  C CD1 . ILE A 1 112 ? -7.830  6.230   -4.556  1.00 49.50  ? 177 ILE A CD1 1 
ATOM   710  N N   . THR A 1 113 ? -5.681  1.022   -5.349  1.00 38.05  ? 178 THR A N   1 
ATOM   711  C CA  . THR A 1 113 ? -4.924  -0.130  -4.882  1.00 34.72  ? 178 THR A CA  1 
ATOM   712  C C   . THR A 1 113 ? -4.035  -0.724  -5.948  1.00 31.80  ? 178 THR A C   1 
ATOM   713  O O   . THR A 1 113 ? -2.872  -0.897  -5.707  1.00 33.73  ? 178 THR A O   1 
ATOM   714  C CB  . THR A 1 113 ? -5.861  -1.219  -4.314  1.00 35.85  ? 178 THR A CB  1 
ATOM   715  O OG1 . THR A 1 113 ? -6.627  -0.638  -3.257  1.00 40.77  ? 178 THR A OG1 1 
ATOM   716  C CG2 . THR A 1 113 ? -5.080  -2.406  -3.752  1.00 30.75  ? 178 THR A CG2 1 
ATOM   717  N N   . LEU A 1 114 ? -4.585  -1.042  -7.120  1.00 34.33  ? 179 LEU A N   1 
ATOM   718  C CA  . LEU A 1 114 ? -3.865  -1.795  -8.161  1.00 32.10  ? 179 LEU A CA  1 
ATOM   719  C C   . LEU A 1 114 ? -2.672  -1.072  -8.772  1.00 32.99  ? 179 LEU A C   1 
ATOM   720  O O   . LEU A 1 114 ? -1.544  -1.617  -8.782  1.00 31.02  ? 179 LEU A O   1 
ATOM   721  C CB  . LEU A 1 114 ? -4.819  -2.236  -9.259  1.00 33.34  ? 179 LEU A CB  1 
ATOM   722  C CG  . LEU A 1 114 ? -5.703  -3.454  -8.931  1.00 36.60  ? 179 LEU A CG  1 
ATOM   723  C CD1 . LEU A 1 114 ? -6.532  -3.825  -10.165 1.00 36.00  ? 179 LEU A CD1 1 
ATOM   724  C CD2 . LEU A 1 114 ? -4.892  -4.655  -8.432  1.00 33.57  ? 179 LEU A CD2 1 
ATOM   725  N N   . ILE A 1 115 ? -2.924  0.146   -9.271  1.00 34.65  ? 180 ILE A N   1 
ATOM   726  C CA  . ILE A 1 115 ? -1.880  1.007   -9.838  1.00 33.26  ? 180 ILE A CA  1 
ATOM   727  C C   . ILE A 1 115 ? -0.790  1.239   -8.800  1.00 33.88  ? 180 ILE A C   1 
ATOM   728  O O   . ILE A 1 115 ? 0.390   1.110   -9.120  1.00 34.90  ? 180 ILE A O   1 
ATOM   729  C CB  . ILE A 1 115 ? -2.469  2.342   -10.292 1.00 36.16  ? 180 ILE A CB  1 
ATOM   730  C CG1 . ILE A 1 115 ? -3.210  2.157   -11.619 1.00 37.78  ? 180 ILE A CG1 1 
ATOM   731  C CG2 . ILE A 1 115 ? -1.398  3.413   -10.431 1.00 37.87  ? 180 ILE A CG2 1 
ATOM   732  C CD1 . ILE A 1 115 ? -3.900  3.420   -12.091 1.00 38.95  ? 180 ILE A CD1 1 
ATOM   733  N N   . SER A 1 116 ? -1.184  1.514   -7.551  1.00 31.41  ? 181 SER A N   1 
ATOM   734  C CA  . SER A 1 116 ? -0.210  1.780   -6.503  1.00 30.28  ? 181 SER A CA  1 
ATOM   735  C C   . SER A 1 116 ? 0.554   0.582   -6.011  1.00 31.77  ? 181 SER A C   1 
ATOM   736  O O   . SER A 1 116 ? 1.696   0.764   -5.593  1.00 33.90  ? 181 SER A O   1 
ATOM   737  C CB  . SER A 1 116 ? -0.840  2.478   -5.316  1.00 33.61  ? 181 SER A CB  1 
ATOM   738  O OG  . SER A 1 116 ? -1.770  1.636   -4.661  1.00 41.31  ? 181 SER A OG  1 
ATOM   739  N N   . ALA A 1 117 ? -0.039  -0.625  -6.021  1.00 28.11  ? 182 ALA A N   1 
ATOM   740  C CA  . ALA A 1 117 ? 0.721   -1.787  -5.597  1.00 25.92  ? 182 ALA A CA  1 
ATOM   741  C C   . ALA A 1 117 ? 1.755   -2.102  -6.659  1.00 25.94  ? 182 ALA A C   1 
ATOM   742  O O   . ALA A 1 117 ? 2.888   -2.454  -6.331  1.00 26.33  ? 182 ALA A O   1 
ATOM   743  C CB  . ALA A 1 117 ? -0.174  -2.976  -5.377  1.00 26.28  ? 182 ALA A CB  1 
ATOM   744  N N   . LEU A 1 118 ? 1.334   -1.983  -7.920  1.00 24.57  ? 183 LEU A N   1 
ATOM   745  C CA  . LEU A 1 118 ? 2.168   -2.205  -9.091  1.00 25.33  ? 183 LEU A CA  1 
ATOM   746  C C   . LEU A 1 118 ? 3.383   -1.228  -9.195  1.00 27.01  ? 183 LEU A C   1 
ATOM   747  O O   . LEU A 1 118 ? 4.557   -1.664  -9.200  1.00 23.86  ? 183 LEU A O   1 
ATOM   748  C CB  . LEU A 1 118 ? 1.286   -2.103  -10.333 1.00 26.19  ? 183 LEU A CB  1 
ATOM   749  C CG  . LEU A 1 118 ? 1.994   -2.072  -11.684 1.00 28.37  ? 183 LEU A CG  1 
ATOM   750  C CD1 . LEU A 1 118 ? 3.050   -3.164  -11.822 1.00 29.47  ? 183 LEU A CD1 1 
ATOM   751  C CD2 . LEU A 1 118 ? 0.945   -2.212  -12.769 1.00 28.53  ? 183 LEU A CD2 1 
ATOM   752  N N   . LEU A 1 119 ? 3.080   0.073   -9.256  1.00 27.30  ? 184 LEU A N   1 
ATOM   753  C CA  . LEU A 1 119 ? 4.107   1.132   -9.281  1.00 29.29  ? 184 LEU A CA  1 
ATOM   754  C C   . LEU A 1 119 ? 5.012   1.207   -8.037  1.00 29.68  ? 184 LEU A C   1 
ATOM   755  O O   . LEU A 1 119 ? 6.242   1.307   -8.179  1.00 31.71  ? 184 LEU A O   1 
ATOM   756  C CB  . LEU A 1 119 ? 3.488   2.496   -9.586  1.00 31.27  ? 184 LEU A CB  1 
ATOM   757  C CG  . LEU A 1 119 ? 2.668   2.630   -10.883 1.00 31.26  ? 184 LEU A CG  1 
ATOM   758  C CD1 . LEU A 1 119 ? 2.414   4.091   -11.213 1.00 29.80  ? 184 LEU A CD1 1 
ATOM   759  C CD2 . LEU A 1 119 ? 3.292   1.910   -12.077 1.00 32.82  ? 184 LEU A CD2 1 
ATOM   760  N N   . SER A 1 120 ? 4.439   1.110   -6.837  1.00 28.72  ? 185 SER A N   1 
ATOM   761  C CA  . SER A 1 120 ? 5.259   1.024   -5.620  1.00 31.08  ? 185 SER A CA  1 
ATOM   762  C C   . SER A 1 120 ? 6.101   -0.245  -5.541  1.00 31.47  ? 185 SER A C   1 
ATOM   763  O O   . SER A 1 120 ? 7.223   -0.202  -5.022  1.00 36.15  ? 185 SER A O   1 
ATOM   764  C CB  . SER A 1 120 ? 4.415   1.101   -4.372  1.00 34.89  ? 185 SER A CB  1 
ATOM   765  O OG  . SER A 1 120 ? 3.609   -0.049  -4.314  1.00 40.73  ? 185 SER A OG  1 
ATOM   766  N N   . GLY A 1 121 ? 5.577   -1.361  -6.054  1.00 27.40  ? 186 GLY A N   1 
ATOM   767  C CA  . GLY A 1 121 ? 6.338   -2.592  -6.090  1.00 26.47  ? 186 GLY A CA  1 
ATOM   768  C C   . GLY A 1 121 ? 7.497   -2.448  -7.041  1.00 30.03  ? 186 GLY A C   1 
ATOM   769  O O   . GLY A 1 121 ? 8.629   -2.825  -6.718  1.00 27.26  ? 186 GLY A O   1 
ATOM   770  N N   . TYR A 1 122 ? 7.190   -1.891  -8.221  1.00 33.98  ? 187 TYR A N   1 
ATOM   771  C CA  . TYR A 1 122 ? 8.173   -1.604  -9.259  1.00 34.20  ? 187 TYR A CA  1 
ATOM   772  C C   . TYR A 1 122 ? 9.337   -0.740  -8.801  1.00 34.09  ? 187 TYR A C   1 
ATOM   773  O O   . TYR A 1 122 ? 10.457  -0.990  -9.182  1.00 39.45  ? 187 TYR A O   1 
ATOM   774  C CB  . TYR A 1 122 ? 7.522   -0.937  -10.463 1.00 36.46  ? 187 TYR A CB  1 
ATOM   775  C CG  . TYR A 1 122 ? 8.498   -0.703  -11.571 1.00 37.99  ? 187 TYR A CG  1 
ATOM   776  C CD1 . TYR A 1 122 ? 8.790   -1.710  -12.488 1.00 41.90  ? 187 TYR A CD1 1 
ATOM   777  C CD2 . TYR A 1 122 ? 9.156   0.524   -11.689 1.00 40.00  ? 187 TYR A CD2 1 
ATOM   778  C CE1 . TYR A 1 122 ? 9.705   -1.503  -13.511 1.00 48.09  ? 187 TYR A CE1 1 
ATOM   779  C CE2 . TYR A 1 122 ? 10.074  0.757   -12.706 1.00 44.51  ? 187 TYR A CE2 1 
ATOM   780  C CZ  . TYR A 1 122 ? 10.343  -0.257  -13.621 1.00 49.60  ? 187 TYR A CZ  1 
ATOM   781  O OH  . TYR A 1 122 ? 11.247  -0.047  -14.641 1.00 52.42  ? 187 TYR A OH  1 
ATOM   782  N N   . VAL A 1 123 ? 9.077   0.262   -7.991  1.00 31.70  ? 188 VAL A N   1 
ATOM   783  C CA  . VAL A 1 123 ? 10.127  1.160   -7.547  1.00 30.58  ? 188 VAL A CA  1 
ATOM   784  C C   . VAL A 1 123 ? 10.860  0.559   -6.341  1.00 30.33  ? 188 VAL A C   1 
ATOM   785  O O   . VAL A 1 123 ? 12.048  0.840   -6.133  1.00 32.11  ? 188 VAL A O   1 
ATOM   786  C CB  . VAL A 1 123 ? 9.531   2.569   -7.237  1.00 30.46  ? 188 VAL A CB  1 
ATOM   787  C CG1 . VAL A 1 123 ? 10.487  3.458   -6.434  1.00 30.24  ? 188 VAL A CG1 1 
ATOM   788  C CG2 . VAL A 1 123 ? 9.050   3.232   -8.528  1.00 25.92  ? 188 VAL A CG2 1 
ATOM   789  N N   . GLN A 1 124 ? 10.176  -0.261  -5.544  1.00 29.73  ? 189 GLN A N   1 
ATOM   790  C CA  . GLN A 1 124 ? 10.856  -0.912  -4.414  1.00 30.03  ? 189 GLN A CA  1 
ATOM   791  C C   . GLN A 1 124 ? 11.845  -1.934  -4.943  1.00 31.74  ? 189 GLN A C   1 
ATOM   792  O O   . GLN A 1 124 ? 12.896  -2.195  -4.341  1.00 33.61  ? 189 GLN A O   1 
ATOM   793  C CB  . GLN A 1 124 ? 9.872   -1.627  -3.488  1.00 29.75  ? 189 GLN A CB  1 
ATOM   794  C CG  . GLN A 1 124 ? 10.500  -2.202  -2.213  1.00 27.65  ? 189 GLN A CG  1 
ATOM   795  C CD  . GLN A 1 124 ? 11.461  -1.255  -1.495  1.00 27.01  ? 189 GLN A CD  1 
ATOM   796  O OE1 . GLN A 1 124 ? 11.151  -0.073  -1.307  1.00 27.58  ? 189 GLN A OE1 1 
ATOM   797  N NE2 . GLN A 1 124 ? 12.643  -1.772  -1.099  1.00 25.66  ? 189 GLN A NE2 1 
ATOM   798  N N   . GLN A 1 125 ? 11.486  -2.533  -6.065  1.00 29.68  ? 190 GLN A N   1 
ATOM   799  C CA  . GLN A 1 125 ? 12.292  -3.562  -6.602  1.00 33.23  ? 190 GLN A CA  1 
ATOM   800  C C   . GLN A 1 125 ? 13.609  -2.917  -7.129  1.00 38.21  ? 190 GLN A C   1 
ATOM   801  O O   . GLN A 1 125 ? 14.717  -3.436  -6.892  1.00 38.49  ? 190 GLN A O   1 
ATOM   802  C CB  . GLN A 1 125 ? 11.481  -4.330  -7.635  1.00 33.99  ? 190 GLN A CB  1 
ATOM   803  C CG  . GLN A 1 125 ? 12.244  -5.411  -8.338  1.00 37.21  ? 190 GLN A CG  1 
ATOM   804  C CD  . GLN A 1 125 ? 12.847  -4.861  -9.585  1.00 41.43  ? 190 GLN A CD  1 
ATOM   805  O OE1 . GLN A 1 125 ? 12.180  -4.140  -10.346 1.00 46.17  ? 190 GLN A OE1 1 
ATOM   806  N NE2 . GLN A 1 125 ? 14.121  -5.126  -9.778  1.00 39.67  ? 190 GLN A NE2 1 
ATOM   807  N N   . LYS A 1 126 ? 13.480  -1.763  -7.793  1.00 37.68  ? 191 LYS A N   1 
ATOM   808  C CA  . LYS A 1 126 ? 14.633  -1.018  -8.318  1.00 34.12  ? 191 LYS A CA  1 
ATOM   809  C C   . LYS A 1 126 ? 15.489  -0.536  -7.194  1.00 33.51  ? 191 LYS A C   1 
ATOM   810  O O   . LYS A 1 126 ? 16.708  -0.595  -7.285  1.00 35.05  ? 191 LYS A O   1 
ATOM   811  C CB  . LYS A 1 126 ? 14.204  0.156   -9.169  1.00 31.86  ? 191 LYS A CB  1 
ATOM   812  C CG  . LYS A 1 126 ? 13.514  -0.244  -10.456 1.00 31.99  ? 191 LYS A CG  1 
ATOM   813  C CD  . LYS A 1 126 ? 14.409  -1.070  -11.343 1.00 34.49  ? 191 LYS A CD  1 
ATOM   814  C CE  . LYS A 1 126 ? 13.901  -1.073  -12.777 1.00 38.27  ? 191 LYS A CE  1 
ATOM   815  N NZ  . LYS A 1 126 ? 14.816  -1.946  -13.559 1.00 42.84  ? 191 LYS A NZ  1 
ATOM   816  N N   . PHE A 1 127 ? 14.853  -0.104  -6.116  1.00 32.08  ? 192 PHE A N   1 
ATOM   817  C CA  . PHE A 1 127 ? 15.623  0.364   -4.951  1.00 33.49  ? 192 PHE A CA  1 
ATOM   818  C C   . PHE A 1 127 ? 16.440  -0.719  -4.298  1.00 34.19  ? 192 PHE A C   1 
ATOM   819  O O   . PHE A 1 127 ? 17.576  -0.471  -3.929  1.00 38.01  ? 192 PHE A O   1 
ATOM   820  C CB  . PHE A 1 127 ? 14.737  1.016   -3.873  1.00 31.37  ? 192 PHE A CB  1 
ATOM   821  C CG  . PHE A 1 127 ? 14.550  2.482   -4.059  1.00 32.30  ? 192 PHE A CG  1 
ATOM   822  C CD1 . PHE A 1 127 ? 14.329  3.035   -5.338  1.00 31.39  ? 192 PHE A CD1 1 
ATOM   823  C CD2 . PHE A 1 127 ? 14.589  3.324   -2.957  1.00 34.55  ? 192 PHE A CD2 1 
ATOM   824  C CE1 . PHE A 1 127 ? 14.155  4.393   -5.506  1.00 33.92  ? 192 PHE A CE1 1 
ATOM   825  C CE2 . PHE A 1 127 ? 14.416  4.697   -3.116  1.00 36.16  ? 192 PHE A CE2 1 
ATOM   826  C CZ  . PHE A 1 127 ? 14.193  5.233   -4.396  1.00 35.64  ? 192 PHE A CZ  1 
ATOM   827  N N   . SER A 1 128 ? 15.863  -1.909  -4.148  1.00 34.54  ? 193 SER A N   1 
ATOM   828  C CA  . SER A 1 128 ? 16.449  -2.903  -3.256  1.00 35.46  ? 193 SER A CA  1 
ATOM   829  C C   . SER A 1 128 ? 16.204  -4.367  -3.632  1.00 32.97  ? 193 SER A C   1 
ATOM   830  O O   . SER A 1 128 ? 16.498  -5.282  -2.836  1.00 31.03  ? 193 SER A O   1 
ATOM   831  C CB  . SER A 1 128 ? 16.009  -2.641  -1.805  1.00 39.58  ? 193 SER A CB  1 
ATOM   832  O OG  . SER A 1 128 ? 16.717  -1.544  -1.250  1.00 46.11  ? 193 SER A OG  1 
ATOM   833  N N   . GLY A 1 129 ? 15.701  -4.593  -4.837  1.00 28.17  ? 194 GLY A N   1 
ATOM   834  C CA  . GLY A 1 129 ? 15.449  -5.948  -5.282  1.00 28.91  ? 194 GLY A CA  1 
ATOM   835  C C   . GLY A 1 129 ? 14.066  -6.375  -4.837  1.00 31.77  ? 194 GLY A C   1 
ATOM   836  O O   . GLY A 1 129 ? 13.299  -5.561  -4.276  1.00 33.45  ? 194 GLY A O   1 
ATOM   837  N N   . PRO A 1 130 ? 13.740  -7.659  -5.048  1.00 31.13  ? 195 PRO A N   1 
ATOM   838  C CA  . PRO A 1 130 ? 12.359  -8.101  -4.987  1.00 30.34  ? 195 PRO A CA  1 
ATOM   839  C C   . PRO A 1 130 ? 11.892  -8.666  -3.660  1.00 31.56  ? 195 PRO A C   1 
ATOM   840  O O   . PRO A 1 130 ? 10.740  -9.080  -3.593  1.00 34.80  ? 195 PRO A O   1 
ATOM   841  C CB  . PRO A 1 130 ? 12.319  -9.182  -6.043  1.00 30.07  ? 195 PRO A CB  1 
ATOM   842  C CG  . PRO A 1 130 ? 13.662  -9.826  -5.872  1.00 31.60  ? 195 PRO A CG  1 
ATOM   843  C CD  . PRO A 1 130 ? 14.633  -8.744  -5.491  1.00 30.95  ? 195 PRO A CD  1 
ATOM   844  N N   . TRP A 1 131 ? 12.745  -8.688  -2.629  1.00 31.63  ? 196 TRP A N   1 
ATOM   845  C CA  . TRP A 1 131 ? 12.343  -9.256  -1.327  1.00 31.91  ? 196 TRP A CA  1 
ATOM   846  C C   . TRP A 1 131 ? 11.818  -8.211  -0.380  1.00 30.63  ? 196 TRP A C   1 
ATOM   847  O O   . TRP A 1 131 ? 12.537  -7.764  0.505   1.00 31.53  ? 196 TRP A O   1 
ATOM   848  C CB  . TRP A 1 131 ? 13.431  -10.106 -0.666  1.00 34.43  ? 196 TRP A CB  1 
ATOM   849  C CG  . TRP A 1 131 ? 13.966  -11.116 -1.606  1.00 36.64  ? 196 TRP A CG  1 
ATOM   850  C CD1 . TRP A 1 131 ? 15.259  -11.234 -2.030  1.00 35.31  ? 196 TRP A CD1 1 
ATOM   851  C CD2 . TRP A 1 131 ? 13.214  -12.105 -2.321  1.00 41.04  ? 196 TRP A CD2 1 
ATOM   852  N NE1 . TRP A 1 131 ? 15.367  -12.251 -2.941  1.00 36.00  ? 196 TRP A NE1 1 
ATOM   853  C CE2 . TRP A 1 131 ? 14.132  -12.812 -3.138  1.00 40.63  ? 196 TRP A CE2 1 
ATOM   854  C CE3 . TRP A 1 131 ? 11.859  -12.500 -2.322  1.00 43.26  ? 196 TRP A CE3 1 
ATOM   855  C CZ2 . TRP A 1 131 ? 13.738  -13.893 -3.958  1.00 41.16  ? 196 TRP A CZ2 1 
ATOM   856  C CZ3 . TRP A 1 131 ? 11.470  -13.587 -3.144  1.00 42.36  ? 196 TRP A CZ3 1 
ATOM   857  C CH2 . TRP A 1 131 ? 12.408  -14.257 -3.954  1.00 43.03  ? 196 TRP A CH2 1 
ATOM   858  N N   . PHE A 1 132 ? 10.546  -7.868  -0.588  1.00 27.80  ? 197 PHE A N   1 
ATOM   859  C CA  . PHE A 1 132 ? 9.786   -6.917  0.201   1.00 26.04  ? 197 PHE A CA  1 
ATOM   860  C C   . PHE A 1 132 ? 8.328   -7.361  0.181   1.00 26.50  ? 197 PHE A C   1 
ATOM   861  O O   . PHE A 1 132 ? 7.904   -8.106  -0.710  1.00 26.03  ? 197 PHE A O   1 
ATOM   862  C CB  . PHE A 1 132 ? 9.887   -5.491  -0.414  1.00 24.28  ? 197 PHE A CB  1 
ATOM   863  C CG  . PHE A 1 132 ? 9.384   -5.395  -1.843  1.00 21.87  ? 197 PHE A CG  1 
ATOM   864  C CD1 . PHE A 1 132 ? 8.054   -5.037  -2.126  1.00 21.93  ? 197 PHE A CD1 1 
ATOM   865  C CD2 . PHE A 1 132 ? 10.249  -5.647  -2.906  1.00 21.29  ? 197 PHE A CD2 1 
ATOM   866  C CE1 . PHE A 1 132 ? 7.601   -4.972  -3.459  1.00 20.97  ? 197 PHE A CE1 1 
ATOM   867  C CE2 . PHE A 1 132 ? 9.815   -5.581  -4.224  1.00 20.31  ? 197 PHE A CE2 1 
ATOM   868  C CZ  . PHE A 1 132 ? 8.490   -5.257  -4.501  1.00 21.02  ? 197 PHE A CZ  1 
ATOM   869  N N   . GLY A 1 133 ? 7.549   -6.858  1.128   1.00 27.46  ? 198 GLY A N   1 
ATOM   870  C CA  . GLY A 1 133 ? 6.103   -7.061  1.136   1.00 30.34  ? 198 GLY A CA  1 
ATOM   871  C C   . GLY A 1 133 ? 5.443   -6.162  2.156   1.00 32.22  ? 198 GLY A C   1 
ATOM   872  O O   . GLY A 1 133 ? 6.123   -5.603  3.032   1.00 34.97  ? 198 GLY A O   1 
ATOM   873  N N   . GLY A 1 134 ? 4.120   -6.041  2.070   1.00 31.68  ? 199 GLY A N   1 
ATOM   874  C CA  . GLY A 1 134 ? 3.369   -5.217  3.011   1.00 30.52  ? 199 GLY A CA  1 
ATOM   875  C C   . GLY A 1 134 ? 2.397   -4.405  2.216   1.00 30.32  ? 199 GLY A C   1 
ATOM   876  O O   . GLY A 1 134 ? 2.492   -4.357  0.995   1.00 34.27  ? 199 GLY A O   1 
ATOM   877  N N   . LEU A 1 135 ? 1.463   -3.776  2.900   1.00 30.56  ? 200 LEU A N   1 
ATOM   878  C CA  . LEU A 1 135 ? 0.434   -3.014  2.229   1.00 31.85  ? 200 LEU A CA  1 
ATOM   879  C C   . LEU A 1 135 ? 0.731   -1.515  2.304   1.00 32.51  ? 200 LEU A C   1 
ATOM   880  O O   . LEU A 1 135 ? -0.094  -0.698  1.868   1.00 32.17  ? 200 LEU A O   1 
ATOM   881  C CB  . LEU A 1 135 ? -0.924  -3.328  2.869   1.00 33.05  ? 200 LEU A CB  1 
ATOM   882  C CG  . LEU A 1 135 ? -2.241  -2.884  2.230   1.00 33.74  ? 200 LEU A CG  1 
ATOM   883  C CD1 . LEU A 1 135 ? -2.350  -3.401  0.787   1.00 33.28  ? 200 LEU A CD1 1 
ATOM   884  C CD2 . LEU A 1 135 ? -3.440  -3.295  3.091   1.00 32.67  ? 200 LEU A CD2 1 
ATOM   885  N N   . SER A 1 136 ? 1.906   -1.157  2.841   1.00 32.57  ? 201 SER A N   1 
ATOM   886  C CA  . SER A 1 136 ? 2.162   0.255   3.217   1.00 32.93  ? 201 SER A CA  1 
ATOM   887  C C   . SER A 1 136 ? 2.388   1.194   2.040   1.00 30.59  ? 201 SER A C   1 
ATOM   888  O O   . SER A 1 136 ? 2.212   2.410   2.177   1.00 29.47  ? 201 SER A O   1 
ATOM   889  C CB  . SER A 1 136 ? 3.301   0.398   4.209   1.00 35.11  ? 201 SER A CB  1 
ATOM   890  O OG  . SER A 1 136 ? 4.547   0.291   3.556   1.00 35.96  ? 201 SER A OG  1 
ATOM   891  N N   . GLY A 1 137 ? 2.759   0.602   0.900   1.00 28.20  ? 202 GLY A N   1 
ATOM   892  C CA  . GLY A 1 137 ? 2.889   1.280   -0.389  1.00 26.00  ? 202 GLY A CA  1 
ATOM   893  C C   . GLY A 1 137 ? 1.555   1.767   -0.849  1.00 24.06  ? 202 GLY A C   1 
ATOM   894  O O   . GLY A 1 137 ? 1.392   2.938   -1.212  1.00 24.98  ? 202 GLY A O   1 
ATOM   895  N N   . VAL A 1 138 ? 0.604   0.848   -0.837  1.00 26.07  ? 203 VAL A N   1 
ATOM   896  C CA  . VAL A 1 138 ? -0.808  1.159   -1.068  1.00 26.71  ? 203 VAL A CA  1 
ATOM   897  C C   . VAL A 1 138 ? -1.325  2.155   -0.029  1.00 28.13  ? 203 VAL A C   1 
ATOM   898  O O   . VAL A 1 138 ? -2.115  3.026   -0.374  1.00 30.20  ? 203 VAL A O   1 
ATOM   899  C CB  . VAL A 1 138 ? -1.691  -0.126  -1.056  1.00 27.66  ? 203 VAL A CB  1 
ATOM   900  C CG1 . VAL A 1 138 ? -3.187  0.240   -1.065  1.00 27.06  ? 203 VAL A CG1 1 
ATOM   901  C CG2 . VAL A 1 138 ? -1.353  -1.034  -2.240  1.00 26.44  ? 203 VAL A CG2 1 
ATOM   902  N N   . VAL A 1 139 ? -0.887  2.023   1.235   1.00 27.58  ? 204 VAL A N   1 
ATOM   903  C CA  . VAL A 1 139 ? -1.313  2.943   2.306   1.00 27.77  ? 204 VAL A CA  1 
ATOM   904  C C   . VAL A 1 139 ? -0.818  4.375   2.099   1.00 29.06  ? 204 VAL A C   1 
ATOM   905  O O   . VAL A 1 139 ? -1.606  5.311   2.116   1.00 31.82  ? 204 VAL A O   1 
ATOM   906  C CB  . VAL A 1 139 ? -0.854  2.476   3.696   1.00 28.83  ? 204 VAL A CB  1 
ATOM   907  C CG1 . VAL A 1 139 ? -0.939  3.636   4.687   1.00 27.35  ? 204 VAL A CG1 1 
ATOM   908  C CG2 . VAL A 1 139 ? -1.685  1.280   4.161   1.00 28.14  ? 204 VAL A CG2 1 
ATOM   909  N N   . PHE A 1 140 ? 0.487   4.535   1.908   1.00 28.28  ? 205 PHE A N   1 
ATOM   910  C CA  . PHE A 1 140 ? 1.056   5.809   1.497   1.00 30.17  ? 205 PHE A CA  1 
ATOM   911  C C   . PHE A 1 140 ? 0.426   6.443   0.263   1.00 31.35  ? 205 PHE A C   1 
ATOM   912  O O   . PHE A 1 140 ? 0.395   7.683   0.172   1.00 32.18  ? 205 PHE A O   1 
ATOM   913  C CB  . PHE A 1 140 ? 2.558   5.664   1.284   1.00 32.43  ? 205 PHE A CB  1 
ATOM   914  C CG  . PHE A 1 140 ? 3.344   6.034   2.486   1.00 33.59  ? 205 PHE A CG  1 
ATOM   915  C CD1 . PHE A 1 140 ? 3.610   7.366   2.760   1.00 33.67  ? 205 PHE A CD1 1 
ATOM   916  C CD2 . PHE A 1 140 ? 3.786   5.061   3.373   1.00 34.33  ? 205 PHE A CD2 1 
ATOM   917  C CE1 . PHE A 1 140 ? 4.308   7.711   3.896   1.00 34.66  ? 205 PHE A CE1 1 
ATOM   918  C CE2 . PHE A 1 140 ? 4.497   5.402   4.511   1.00 33.90  ? 205 PHE A CE2 1 
ATOM   919  C CZ  . PHE A 1 140 ? 4.744   6.731   4.785   1.00 33.72  ? 205 PHE A CZ  1 
ATOM   920  N N   . ALA A 1 141 ? -0.050  5.626   -0.691  1.00 31.46  ? 206 ALA A N   1 
ATOM   921  C CA  . ALA A 1 141 ? -0.877  6.172   -1.793  1.00 33.15  ? 206 ALA A CA  1 
ATOM   922  C C   . ALA A 1 141 ? -2.210  6.642   -1.254  1.00 38.08  ? 206 ALA A C   1 
ATOM   923  O O   . ALA A 1 141 ? -2.693  7.721   -1.638  1.00 41.76  ? 206 ALA A O   1 
ATOM   924  C CB  . ALA A 1 141 ? -1.102  5.177   -2.903  1.00 32.45  ? 206 ALA A CB  1 
ATOM   925  N N   . LEU A 1 142 ? -2.799  5.865   -0.346  1.00 35.09  ? 207 LEU A N   1 
ATOM   926  C CA  . LEU A 1 142 ? -4.080  6.285   0.216   1.00 35.19  ? 207 LEU A CA  1 
ATOM   927  C C   . LEU A 1 142 ? -3.945  7.596   0.975   1.00 36.47  ? 207 LEU A C   1 
ATOM   928  O O   . LEU A 1 142 ? -4.753  8.502   0.760   1.00 36.66  ? 207 LEU A O   1 
ATOM   929  C CB  . LEU A 1 142 ? -4.724  5.187   1.076   1.00 33.67  ? 207 LEU A CB  1 
ATOM   930  C CG  . LEU A 1 142 ? -5.370  4.028   0.304   1.00 31.57  ? 207 LEU A CG  1 
ATOM   931  C CD1 . LEU A 1 142 ? -5.756  2.934   1.291   1.00 28.86  ? 207 LEU A CD1 1 
ATOM   932  C CD2 . LEU A 1 142 ? -6.568  4.520   -0.513  1.00 29.33  ? 207 LEU A CD2 1 
ATOM   933  N N   . MET A 1 143 ? -2.905  7.706   1.817   1.00 39.02  ? 208 MET A N   1 
ATOM   934  C CA  . MET A 1 143 ? -2.603  8.937   2.586   1.00 37.37  ? 208 MET A CA  1 
ATOM   935  C C   . MET A 1 143 ? -2.388  10.130  1.683   1.00 37.37  ? 208 MET A C   1 
ATOM   936  O O   . MET A 1 143 ? -2.861  11.213  2.002   1.00 38.77  ? 208 MET A O   1 
ATOM   937  C CB  . MET A 1 143 ? -1.369  8.764   3.467   1.00 42.53  ? 208 MET A CB  1 
ATOM   938  C CG  . MET A 1 143 ? -1.640  7.938   4.698   1.00 49.49  ? 208 MET A CG  1 
ATOM   939  S SD  . MET A 1 143 ? -0.376  7.964   5.962   1.00 58.88  ? 208 MET A SD  1 
ATOM   940  C CE  . MET A 1 143 ? 0.935   7.135   5.058   1.00 59.50  ? 208 MET A CE  1 
ATOM   941  N N   . GLY A 1 144 ? -1.689  9.916   0.558   1.00 35.87  ? 209 GLY A N   1 
ATOM   942  C CA  . GLY A 1 144 ? -1.462  10.947  -0.449  1.00 35.80  ? 209 GLY A CA  1 
ATOM   943  C C   . GLY A 1 144 ? -2.734  11.390  -1.149  1.00 36.79  ? 209 GLY A C   1 
ATOM   944  O O   . GLY A 1 144 ? -2.982  12.594  -1.280  1.00 39.61  ? 209 GLY A O   1 
ATOM   945  N N   . TYR A 1 145 ? -3.533  10.418  -1.594  1.00 38.39  ? 210 TYR A N   1 
ATOM   946  C CA  . TYR A 1 145 ? -4.852  10.665  -2.195  1.00 36.81  ? 210 TYR A CA  1 
ATOM   947  C C   . TYR A 1 145 ? -5.770  11.402  -1.247  1.00 39.91  ? 210 TYR A C   1 
ATOM   948  O O   . TYR A 1 145 ? -6.316  12.445  -1.611  1.00 38.42  ? 210 TYR A O   1 
ATOM   949  C CB  . TYR A 1 145 ? -5.526  9.352   -2.628  1.00 35.20  ? 210 TYR A CB  1 
ATOM   950  C CG  . TYR A 1 145 ? -6.652  9.543   -3.611  1.00 33.70  ? 210 TYR A CG  1 
ATOM   951  C CD1 . TYR A 1 145 ? -6.415  9.459   -5.003  1.00 33.83  ? 210 TYR A CD1 1 
ATOM   952  C CD2 . TYR A 1 145 ? -7.946  9.843   -3.173  1.00 32.27  ? 210 TYR A CD2 1 
ATOM   953  C CE1 . TYR A 1 145 ? -7.446  9.643   -5.922  1.00 33.28  ? 210 TYR A CE1 1 
ATOM   954  C CE2 . TYR A 1 145 ? -8.976  10.047  -4.089  1.00 32.75  ? 210 TYR A CE2 1 
ATOM   955  C CZ  . TYR A 1 145 ? -8.722  9.946   -5.454  1.00 34.16  ? 210 TYR A CZ  1 
ATOM   956  O OH  . TYR A 1 145 ? -9.742  10.125  -6.358  1.00 36.11  ? 210 TYR A OH  1 
ATOM   957  N N   . VAL A 1 146 ? -5.936  10.854  -0.038  1.00 44.60  ? 211 VAL A N   1 
ATOM   958  C CA  . VAL A 1 146 ? -6.916  11.375  0.930   1.00 46.54  ? 211 VAL A CA  1 
ATOM   959  C C   . VAL A 1 146 ? -6.548  12.811  1.306   1.00 49.64  ? 211 VAL A C   1 
ATOM   960  O O   . VAL A 1 146 ? -7.438  13.679  1.347   1.00 48.85  ? 211 VAL A O   1 
ATOM   961  C CB  . VAL A 1 146 ? -7.072  10.463  2.176   1.00 46.01  ? 211 VAL A CB  1 
ATOM   962  C CG1 . VAL A 1 146 ? -7.940  11.117  3.264   1.00 47.11  ? 211 VAL A CG1 1 
ATOM   963  C CG2 . VAL A 1 146 ? -7.610  9.092   1.770   1.00 43.49  ? 211 VAL A CG2 1 
ATOM   964  N N   . TRP A 1 147 ? -5.250  13.057  1.548   1.00 50.68  ? 212 TRP A N   1 
ATOM   965  C CA  . TRP A 1 147 ? -4.763  14.408  1.876   1.00 52.23  ? 212 TRP A CA  1 
ATOM   966  C C   . TRP A 1 147 ? -4.912  15.407  0.711   1.00 51.17  ? 212 TRP A C   1 
ATOM   967  O O   . TRP A 1 147 ? -5.548  16.435  0.897   1.00 51.85  ? 212 TRP A O   1 
ATOM   968  C CB  . TRP A 1 147 ? -3.336  14.406  2.459   1.00 54.41  ? 212 TRP A CB  1 
ATOM   969  C CG  . TRP A 1 147 ? -2.824  15.787  2.666   1.00 58.08  ? 212 TRP A CG  1 
ATOM   970  C CD1 . TRP A 1 147 ? -3.230  16.678  3.622   1.00 60.14  ? 212 TRP A CD1 1 
ATOM   971  C CD2 . TRP A 1 147 ? -1.838  16.464  1.878   1.00 61.32  ? 212 TRP A CD2 1 
ATOM   972  N NE1 . TRP A 1 147 ? -2.558  17.865  3.479   1.00 62.45  ? 212 TRP A NE1 1 
ATOM   973  C CE2 . TRP A 1 147 ? -1.704  17.769  2.410   1.00 62.80  ? 212 TRP A CE2 1 
ATOM   974  C CE3 . TRP A 1 147 ? -1.059  16.100  0.769   1.00 59.90  ? 212 TRP A CE3 1 
ATOM   975  C CZ2 . TRP A 1 147 ? -0.817  18.710  1.874   1.00 61.27  ? 212 TRP A CZ2 1 
ATOM   976  C CZ3 . TRP A 1 147 ? -0.183  17.040  0.238   1.00 61.45  ? 212 TRP A CZ3 1 
ATOM   977  C CH2 . TRP A 1 147 ? -0.068  18.327  0.796   1.00 61.34  ? 212 TRP A CH2 1 
ATOM   978  N N   . LEU A 1 148 ? -4.351  15.109  -0.467  1.00 49.67  ? 213 LEU A N   1 
ATOM   979  C CA  . LEU A 1 148 ? -4.434  16.042  -1.606  1.00 52.09  ? 213 LEU A CA  1 
ATOM   980  C C   . LEU A 1 148 ? -5.858  16.250  -2.092  1.00 55.36  ? 213 LEU A C   1 
ATOM   981  O O   . LEU A 1 148 ? -6.242  17.391  -2.365  1.00 64.06  ? 213 LEU A O   1 
ATOM   982  C CB  . LEU A 1 148 ? -3.534  15.636  -2.786  1.00 51.78  ? 213 LEU A CB  1 
ATOM   983  C CG  . LEU A 1 148 ? -3.377  16.631  -3.970  1.00 54.74  ? 213 LEU A CG  1 
ATOM   984  C CD1 . LEU A 1 148 ? -2.053  16.463  -4.698  1.00 54.75  ? 213 LEU A CD1 1 
ATOM   985  C CD2 . LEU A 1 148 ? -4.497  16.533  -4.993  1.00 55.11  ? 213 LEU A CD2 1 
ATOM   986  N N   . ARG A 1 149 ? -6.618  15.161  -2.228  1.00 55.17  ? 214 ARG A N   1 
ATOM   987  C CA  . ARG A 1 149 ? -8.012  15.226  -2.674  1.00 56.59  ? 214 ARG A CA  1 
ATOM   988  C C   . ARG A 1 149 ? -8.833  16.057  -1.692  1.00 58.08  ? 214 ARG A C   1 
ATOM   989  O O   . ARG A 1 149 ? -9.542  16.964  -2.102  1.00 60.61  ? 214 ARG A O   1 
ATOM   990  C CB  . ARG A 1 149 ? -8.610  13.821  -2.843  1.00 58.80  ? 214 ARG A CB  1 
ATOM   991  C CG  . ARG A 1 149 ? -9.980  13.771  -3.497  1.00 56.04  ? 214 ARG A CG  1 
ATOM   992  C CD  . ARG A 1 149 ? -9.876  13.816  -5.005  1.00 56.52  ? 214 ARG A CD  1 
ATOM   993  N NE  . ARG A 1 149 ? -11.134 14.247  -5.607  1.00 58.23  ? 214 ARG A NE  1 
ATOM   994  C CZ  . ARG A 1 149 ? -11.993 13.449  -6.240  1.00 59.55  ? 214 ARG A CZ  1 
ATOM   995  N NH1 . ARG A 1 149 ? -11.751 12.157  -6.388  1.00 57.74  ? 214 ARG A NH1 1 
ATOM   996  N NH2 . ARG A 1 149 ? -13.105 13.955  -6.753  1.00 65.99  ? 214 ARG A NH2 1 
ATOM   997  N N   . GLY A 1 150 ? -8.692  15.771  -0.401  1.00 57.41  ? 215 GLY A N   1 
ATOM   998  C CA  . GLY A 1 150 ? -9.290  16.584  0.659   1.00 62.51  ? 215 GLY A CA  1 
ATOM   999  C C   . GLY A 1 150 ? -8.890  18.056  0.698   1.00 69.19  ? 215 GLY A C   1 
ATOM   1000 O O   . GLY A 1 150 ? -9.633  18.891  1.222   1.00 73.95  ? 215 GLY A O   1 
ATOM   1001 N N   . GLU A 1 151 ? -7.721  18.372  0.142   1.00 73.46  ? 216 GLU A N   1 
ATOM   1002 C CA  . GLU A 1 151 ? -7.218  19.746  0.074   1.00 74.06  ? 216 GLU A CA  1 
ATOM   1003 C C   . GLU A 1 151 ? -7.698  20.512  -1.162  1.00 71.96  ? 216 GLU A C   1 
ATOM   1004 O O   . GLU A 1 151 ? -8.169  21.649  -1.038  1.00 76.53  ? 216 GLU A O   1 
ATOM   1005 C CB  . GLU A 1 151 ? -5.694  19.760  0.174   1.00 78.78  ? 216 GLU A CB  1 
ATOM   1006 C CG  . GLU A 1 151 ? -5.181  20.411  1.445   1.00 84.29  ? 216 GLU A CG  1 
ATOM   1007 C CD  . GLU A 1 151 ? -5.062  21.920  1.301   1.00 96.33  ? 216 GLU A CD  1 
ATOM   1008 O OE1 . GLU A 1 151 ? -4.326  22.380  0.392   1.00 98.30  ? 216 GLU A OE1 1 
ATOM   1009 O OE2 . GLU A 1 151 ? -5.706  22.648  2.095   1.00 95.66  ? 216 GLU A OE2 1 
ATOM   1010 N N   . ARG A 1 152 ? -7.610  19.883  -2.332  1.00 66.90  ? 217 ARG A N   1 
ATOM   1011 C CA  . ARG A 1 152 ? -8.000  20.522  -3.583  1.00 68.56  ? 217 ARG A CA  1 
ATOM   1012 C C   . ARG A 1 152 ? -9.481  20.386  -3.902  1.00 75.45  ? 217 ARG A C   1 
ATOM   1013 O O   . ARG A 1 152 ? -10.062 21.275  -4.513  1.00 78.90  ? 217 ARG A O   1 
ATOM   1014 C CB  . ARG A 1 152 ? -7.180  19.978  -4.734  1.00 63.67  ? 217 ARG A CB  1 
ATOM   1015 C CG  . ARG A 1 152 ? -5.750  20.429  -4.701  1.00 60.48  ? 217 ARG A CG  1 
ATOM   1016 C CD  . ARG A 1 152 ? -5.004  19.823  -5.854  1.00 65.25  ? 217 ARG A CD  1 
ATOM   1017 N NE  . ARG A 1 152 ? -5.795  19.845  -7.085  1.00 69.54  ? 217 ARG A NE  1 
ATOM   1018 C CZ  . ARG A 1 152 ? -5.796  20.838  -7.968  1.00 68.34  ? 217 ARG A CZ  1 
ATOM   1019 N NH1 . ARG A 1 152 ? -5.050  21.915  -7.768  1.00 69.56  ? 217 ARG A NH1 1 
ATOM   1020 N NH2 . ARG A 1 152 ? -6.541  20.750  -9.062  1.00 68.08  ? 217 ARG A NH2 1 
ATOM   1021 N N   . ASP A 1 153 ? -10.083 19.273  -3.506  1.00 81.77  ? 218 ASP A N   1 
ATOM   1022 C CA  . ASP A 1 153 ? -11.505 19.048  -3.751  1.00 87.13  ? 218 ASP A CA  1 
ATOM   1023 C C   . ASP A 1 153 ? -12.218 18.616  -2.456  1.00 92.80  ? 218 ASP A C   1 
ATOM   1024 O O   . ASP A 1 153 ? -12.653 17.457  -2.328  1.00 90.24  ? 218 ASP A O   1 
ATOM   1025 C CB  . ASP A 1 153 ? -11.701 18.041  -4.898  1.00 88.63  ? 218 ASP A CB  1 
ATOM   1026 C CG  . ASP A 1 153 ? -13.148 17.921  -5.340  1.00 91.85  ? 218 ASP A CG  1 
ATOM   1027 O OD1 . ASP A 1 153 ? -13.506 16.886  -5.935  1.00 93.65  ? 218 ASP A OD1 1 
ATOM   1028 O OD2 . ASP A 1 153 ? -13.934 18.852  -5.089  1.00 98.03  ? 218 ASP A OD2 1 
ATOM   1029 N N   . PRO A 1 154 ? -12.348 19.556  -1.488  1.00 98.38  ? 219 PRO A N   1 
ATOM   1030 C CA  . PRO A 1 154 ? -13.028 19.275  -0.209  1.00 99.56  ? 219 PRO A CA  1 
ATOM   1031 C C   . PRO A 1 154 ? -14.493 18.885  -0.439  1.00 99.97  ? 219 PRO A C   1 
ATOM   1032 O O   . PRO A 1 154 ? -15.131 18.295  0.435   1.00 97.25  ? 219 PRO A O   1 
ATOM   1033 C CB  . PRO A 1 154 ? -12.942 20.614  0.545   1.00 101.94 ? 219 PRO A CB  1 
ATOM   1034 C CG  . PRO A 1 154 ? -11.915 21.427  -0.181  1.00 106.26 ? 219 PRO A CG  1 
ATOM   1035 C CD  . PRO A 1 154 ? -11.994 20.984  -1.608  1.00 100.71 ? 219 PRO A CD  1 
ATOM   1036 N N   . GLN A 1 155 ? -14.993 19.216  -1.631  1.00 106.06 ? 220 GLN A N   1 
ATOM   1037 C CA  . GLN A 1 155 ? -16.311 18.804  -2.107  1.00 103.45 ? 220 GLN A CA  1 
ATOM   1038 C C   . GLN A 1 155 ? -16.452 17.272  -2.162  1.00 104.18 ? 220 GLN A C   1 
ATOM   1039 O O   . GLN A 1 155 ? -17.556 16.762  -1.993  1.00 113.06 ? 220 GLN A O   1 
ATOM   1040 C CB  . GLN A 1 155 ? -16.632 19.470  -3.464  1.00 102.75 ? 220 GLN A CB  1 
ATOM   1041 C CG  . GLN A 1 155 ? -17.932 19.040  -4.153  1.00 105.51 ? 220 GLN A CG  1 
ATOM   1042 C CD  . GLN A 1 155 ? -18.192 19.762  -5.462  1.00 108.51 ? 220 GLN A CD  1 
ATOM   1043 O OE1 . GLN A 1 155 ? -18.411 20.969  -5.474  1.00 112.08 ? 220 GLN A OE1 1 
ATOM   1044 N NE2 . GLN A 1 155 ? -18.193 19.020  -6.569  1.00 109.05 ? 220 GLN A NE2 1 
ATOM   1045 N N   . SER A 1 156 ? -15.346 16.548  -2.363  1.00 98.85  ? 221 SER A N   1 
ATOM   1046 C CA  . SER A 1 156 ? -15.387 15.073  -2.416  1.00 90.52  ? 221 SER A CA  1 
ATOM   1047 C C   . SER A 1 156 ? -15.933 14.483  -1.113  1.00 86.27  ? 221 SER A C   1 
ATOM   1048 O O   . SER A 1 156 ? -16.709 13.532  -1.127  1.00 87.94  ? 221 SER A O   1 
ATOM   1049 C CB  . SER A 1 156 ? -14.011 14.485  -2.725  1.00 84.41  ? 221 SER A CB  1 
ATOM   1050 O OG  . SER A 1 156 ? -13.136 14.668  -1.631  1.00 78.99  ? 221 SER A OG  1 
ATOM   1051 N N   . GLY A 1 157 ? -15.531 15.077  0.006   1.00 87.61  ? 222 GLY A N   1 
ATOM   1052 C CA  . GLY A 1 157 ? -16.018 14.678  1.324   1.00 77.26  ? 222 GLY A CA  1 
ATOM   1053 C C   . GLY A 1 157 ? -15.074 13.769  2.080   1.00 74.60  ? 222 GLY A C   1 
ATOM   1054 O O   . GLY A 1 157 ? -15.445 13.133  3.066   1.00 73.63  ? 222 GLY A O   1 
ATOM   1055 N N   . ILE A 1 158 ? -13.842 13.711  1.597   1.00 77.18  ? 223 ILE A N   1 
ATOM   1056 C CA  . ILE A 1 158 ? -12.742 13.130  2.345   1.00 75.78  ? 223 ILE A CA  1 
ATOM   1057 C C   . ILE A 1 158 ? -11.738 14.234  2.630   1.00 78.79  ? 223 ILE A C   1 
ATOM   1058 O O   . ILE A 1 158 ? -11.779 15.313  2.013   1.00 74.05  ? 223 ILE A O   1 
ATOM   1059 C CB  . ILE A 1 158 ? -12.085 11.946  1.605   1.00 69.70  ? 223 ILE A CB  1 
ATOM   1060 C CG1 . ILE A 1 158 ? -11.426 12.414  0.295   1.00 68.97  ? 223 ILE A CG1 1 
ATOM   1061 C CG2 . ILE A 1 158 ? -13.109 10.831  1.415   1.00 71.70  ? 223 ILE A CG2 1 
ATOM   1062 C CD1 . ILE A 1 158 ? -10.791 11.320  -0.532  1.00 68.66  ? 223 ILE A CD1 1 
ATOM   1063 N N   . TYR A 1 159 ? -10.874 13.965  3.603   1.00 83.22  ? 224 TYR A N   1 
ATOM   1064 C CA  . TYR A 1 159 ? -9.761  14.835  3.953   1.00 85.83  ? 224 TYR A CA  1 
ATOM   1065 C C   . TYR A 1 159 ? -8.958  14.152  5.041   1.00 74.47  ? 224 TYR A C   1 
ATOM   1066 O O   . TYR A 1 159 ? -9.498  13.425  5.875   1.00 69.84  ? 224 TYR A O   1 
ATOM   1067 C CB  . TYR A 1 159 ? -10.240 16.229  4.414   1.00 95.73  ? 224 TYR A CB  1 
ATOM   1068 C CG  . TYR A 1 159 ? -10.483 16.341  5.904   1.00 106.28 ? 224 TYR A CG  1 
ATOM   1069 C CD1 . TYR A 1 159 ? -9.580  17.035  6.719   1.00 111.00 ? 224 TYR A CD1 1 
ATOM   1070 C CD2 . TYR A 1 159 ? -11.603 15.738  6.508   1.00 112.33 ? 224 TYR A CD2 1 
ATOM   1071 C CE1 . TYR A 1 159 ? -9.781  17.135  8.087   1.00 118.33 ? 224 TYR A CE1 1 
ATOM   1072 C CE2 . TYR A 1 159 ? -11.816 15.827  7.878   1.00 119.41 ? 224 TYR A CE2 1 
ATOM   1073 C CZ  . TYR A 1 159 ? -10.908 16.527  8.665   1.00 123.14 ? 224 TYR A CZ  1 
ATOM   1074 O OH  . TYR A 1 159 ? -11.124 16.616  10.021  1.00 129.48 ? 224 TYR A OH  1 
ATOM   1075 N N   . LEU A 1 160 ? -7.663  14.412  5.024   1.00 71.09  ? 225 LEU A N   1 
ATOM   1076 C CA  . LEU A 1 160 ? -6.769  13.881  6.033   1.00 71.01  ? 225 LEU A CA  1 
ATOM   1077 C C   . LEU A 1 160 ? -6.392  14.976  7.041   1.00 68.99  ? 225 LEU A C   1 
ATOM   1078 O O   . LEU A 1 160 ? -5.976  16.077  6.667   1.00 59.44  ? 225 LEU A O   1 
ATOM   1079 C CB  . LEU A 1 160 ? -5.529  13.260  5.373   1.00 66.68  ? 225 LEU A CB  1 
ATOM   1080 C CG  . LEU A 1 160 ? -4.550  12.442  6.219   1.00 59.69  ? 225 LEU A CG  1 
ATOM   1081 C CD1 . LEU A 1 160 ? -5.224  11.173  6.717   1.00 57.13  ? 225 LEU A CD1 1 
ATOM   1082 C CD2 . LEU A 1 160 ? -3.280  12.088  5.455   1.00 52.67  ? 225 LEU A CD2 1 
ATOM   1083 N N   . GLN A 1 161 ? -6.564  14.657  8.321   1.00 76.14  ? 226 GLN A N   1 
ATOM   1084 C CA  . GLN A 1 161 ? -6.209  15.545  9.432   1.00 82.73  ? 226 GLN A CA  1 
ATOM   1085 C C   . GLN A 1 161 ? -4.705  15.749  9.433   1.00 87.59  ? 226 GLN A C   1 
ATOM   1086 O O   . GLN A 1 161 ? -3.952  14.807  9.145   1.00 95.92  ? 226 GLN A O   1 
ATOM   1087 C CB  . GLN A 1 161 ? -6.647  14.920  10.761  1.00 83.69  ? 226 GLN A CB  1 
ATOM   1088 C CG  . GLN A 1 161 ? -8.146  14.688  10.868  1.00 88.81  ? 226 GLN A CG  1 
ATOM   1089 C CD  . GLN A 1 161 ? -8.528  13.258  11.219  1.00 97.44  ? 226 GLN A CD  1 
ATOM   1090 O OE1 . GLN A 1 161 ? -7.817  12.298  10.888  1.00 102.31 ? 226 GLN A OE1 1 
ATOM   1091 N NE2 . GLN A 1 161 ? -9.673  13.110  11.879  1.00 98.29  ? 226 GLN A NE2 1 
ATOM   1092 N N   . ARG A 1 162 ? -4.271  16.969  9.750   1.00 90.39  ? 227 ARG A N   1 
ATOM   1093 C CA  . ARG A 1 162 ? -2.845  17.313  9.795   1.00 93.60  ? 227 ARG A CA  1 
ATOM   1094 C C   . ARG A 1 162 ? -2.004  16.439  10.732  1.00 90.34  ? 227 ARG A C   1 
ATOM   1095 O O   . ARG A 1 162 ? -0.834  16.175  10.441  1.00 90.09  ? 227 ARG A O   1 
ATOM   1096 C CB  . ARG A 1 162 ? -2.654  18.789  10.137  1.00 99.79  ? 227 ARG A CB  1 
ATOM   1097 C CG  . ARG A 1 162 ? -2.409  19.691  8.930   1.00 108.56 ? 227 ARG A CG  1 
ATOM   1098 C CD  . ARG A 1 162 ? -1.619  20.936  9.339   1.00 118.37 ? 227 ARG A CD  1 
ATOM   1099 N NE  . ARG A 1 162 ? -0.188  20.645  9.526   1.00 129.60 ? 227 ARG A NE  1 
ATOM   1100 C CZ  . ARG A 1 162 ? 0.658   21.347  10.282  1.00 128.05 ? 227 ARG A CZ  1 
ATOM   1101 N NH1 . ARG A 1 162 ? 0.245   22.413  10.956  1.00 132.54 ? 227 ARG A NH1 1 
ATOM   1102 N NH2 . ARG A 1 162 ? 1.928   20.965  10.369  1.00 120.03 ? 227 ARG A NH2 1 
ATOM   1103 N N   . GLY A 1 163 ? -2.605  15.976  11.829  1.00 83.86  ? 228 GLY A N   1 
ATOM   1104 C CA  . GLY A 1 163 ? -1.938  15.072  12.767  1.00 85.11  ? 228 GLY A CA  1 
ATOM   1105 C C   . GLY A 1 163 ? -1.430  13.784  12.131  1.00 84.68  ? 228 GLY A C   1 
ATOM   1106 O O   . GLY A 1 163 ? -0.503  13.144  12.647  1.00 90.75  ? 228 GLY A O   1 
ATOM   1107 N N   . LEU A 1 164 ? -2.045  13.408  11.012  1.00 79.03  ? 229 LEU A N   1 
ATOM   1108 C CA  . LEU A 1 164 ? -1.689  12.188  10.303  1.00 69.64  ? 229 LEU A CA  1 
ATOM   1109 C C   . LEU A 1 164 ? -0.719  12.475  9.194   1.00 67.96  ? 229 LEU A C   1 
ATOM   1110 O O   . LEU A 1 164 ? 0.185   11.672  8.959   1.00 67.72  ? 229 LEU A O   1 
ATOM   1111 C CB  . LEU A 1 164 ? -2.932  11.483  9.773   1.00 67.27  ? 229 LEU A CB  1 
ATOM   1112 C CG  . LEU A 1 164 ? -3.939  11.085  10.850  1.00 66.60  ? 229 LEU A CG  1 
ATOM   1113 C CD1 . LEU A 1 164 ? -5.106  10.369  10.214  1.00 68.55  ? 229 LEU A CD1 1 
ATOM   1114 C CD2 . LEU A 1 164 ? -3.282  10.215  11.918  1.00 66.73  ? 229 LEU A CD2 1 
ATOM   1115 N N   . ILE A 1 165 ? -0.881  13.623  8.534   1.00 64.38  ? 230 ILE A N   1 
ATOM   1116 C CA  . ILE A 1 165 ? 0.067   14.047  7.499   1.00 72.04  ? 230 ILE A CA  1 
ATOM   1117 C C   . ILE A 1 165 ? 1.443   14.347  8.096   1.00 74.83  ? 230 ILE A C   1 
ATOM   1118 O O   . ILE A 1 165 ? 2.434   14.383  7.369   1.00 78.30  ? 230 ILE A O   1 
ATOM   1119 C CB  . ILE A 1 165 ? -0.429  15.262  6.680   1.00 76.05  ? 230 ILE A CB  1 
ATOM   1120 C CG1 . ILE A 1 165 ? 0.104   16.582  7.270   1.00 78.65  ? 230 ILE A CG1 1 
ATOM   1121 C CG2 . ILE A 1 165 ? -1.949  15.249  6.589   1.00 75.02  ? 230 ILE A CG2 1 
ATOM   1122 C CD1 . ILE A 1 165 ? 0.201   17.741  6.294   1.00 84.85  ? 230 ILE A CD1 1 
ATOM   1123 N N   . ILE A 1 166 ? 1.498   14.576  9.410   1.00 78.06  ? 231 ILE A N   1 
ATOM   1124 C CA  . ILE A 1 166 ? 2.775   14.713  10.104  1.00 73.70  ? 231 ILE A CA  1 
ATOM   1125 C C   . ILE A 1 166 ? 3.293   13.335  10.490  1.00 69.33  ? 231 ILE A C   1 
ATOM   1126 O O   . ILE A 1 166 ? 4.474   13.046  10.313  1.00 67.14  ? 231 ILE A O   1 
ATOM   1127 C CB  . ILE A 1 166 ? 2.738   15.717  11.298  1.00 80.20  ? 231 ILE A CB  1 
ATOM   1128 C CG1 . ILE A 1 166 ? 1.965   15.182  12.518  1.00 84.00  ? 231 ILE A CG1 1 
ATOM   1129 C CG2 . ILE A 1 166 ? 2.220   17.087  10.853  1.00 80.27  ? 231 ILE A CG2 1 
ATOM   1130 C CD1 . ILE A 1 166 ? 2.842   14.688  13.660  1.00 83.77  ? 231 ILE A CD1 1 
ATOM   1131 N N   . PHE A 1 167 ? 2.407   12.477  10.985  1.00 68.71  ? 232 PHE A N   1 
ATOM   1132 C CA  . PHE A 1 167 ? 2.788   11.099  11.260  1.00 70.39  ? 232 PHE A CA  1 
ATOM   1133 C C   . PHE A 1 167 ? 3.262   10.360  9.997   1.00 66.43  ? 232 PHE A C   1 
ATOM   1134 O O   . PHE A 1 167 ? 4.201   9.572   10.070  1.00 62.60  ? 232 PHE A O   1 
ATOM   1135 C CB  . PHE A 1 167 ? 1.672   10.321  11.953  1.00 73.61  ? 232 PHE A CB  1 
ATOM   1136 C CG  . PHE A 1 167 ? 2.119   8.988   12.468  1.00 78.88  ? 232 PHE A CG  1 
ATOM   1137 C CD1 . PHE A 1 167 ? 2.765   8.884   13.700  1.00 83.82  ? 232 PHE A CD1 1 
ATOM   1138 C CD2 . PHE A 1 167 ? 1.930   7.832   11.704  1.00 82.05  ? 232 PHE A CD2 1 
ATOM   1139 C CE1 . PHE A 1 167 ? 3.199   7.645   14.169  1.00 93.80  ? 232 PHE A CE1 1 
ATOM   1140 C CE2 . PHE A 1 167 ? 2.366   6.593   12.163  1.00 86.97  ? 232 PHE A CE2 1 
ATOM   1141 C CZ  . PHE A 1 167 ? 3.001   6.496   13.397  1.00 93.65  ? 232 PHE A CZ  1 
ATOM   1142 N N   . ALA A 1 168 ? 2.615   10.625  8.857   1.00 60.68  ? 233 ALA A N   1 
ATOM   1143 C CA  . ALA A 1 168 ? 3.044   10.089  7.552   1.00 54.19  ? 233 ALA A CA  1 
ATOM   1144 C C   . ALA A 1 168 ? 4.471   10.523  7.199   1.00 55.58  ? 233 ALA A C   1 
ATOM   1145 O O   . ALA A 1 168 ? 5.327   9.688   6.879   1.00 53.08  ? 233 ALA A O   1 
ATOM   1146 C CB  . ALA A 1 168 ? 2.086   10.520  6.464   1.00 49.48  ? 233 ALA A CB  1 
ATOM   1147 N N   . LEU A 1 169 ? 4.703   11.833  7.279   1.00 57.43  ? 234 LEU A N   1 
ATOM   1148 C CA  . LEU A 1 169 ? 5.998   12.445  7.033   1.00 59.57  ? 234 LEU A CA  1 
ATOM   1149 C C   . LEU A 1 169 ? 7.098   11.916  7.935   1.00 60.25  ? 234 LEU A C   1 
ATOM   1150 O O   . LEU A 1 169 ? 8.192   11.608  7.444   1.00 61.41  ? 234 LEU A O   1 
ATOM   1151 C CB  . LEU A 1 169 ? 5.886   13.967  7.144   1.00 66.78  ? 234 LEU A CB  1 
ATOM   1152 C CG  . LEU A 1 169 ? 5.240   14.645  5.927   1.00 70.06  ? 234 LEU A CG  1 
ATOM   1153 C CD1 . LEU A 1 169 ? 5.035   16.145  6.112   1.00 68.15  ? 234 LEU A CD1 1 
ATOM   1154 C CD2 . LEU A 1 169 ? 6.099   14.373  4.702   1.00 76.65  ? 234 LEU A CD2 1 
ATOM   1155 N N   . ILE A 1 170 ? 6.812   11.798  9.236   1.00 57.87  ? 235 ILE A N   1 
ATOM   1156 C CA  . ILE A 1 170 ? 7.756   11.195  10.200  1.00 60.80  ? 235 ILE A CA  1 
ATOM   1157 C C   . ILE A 1 170 ? 8.052   9.756   9.775   1.00 59.00  ? 235 ILE A C   1 
ATOM   1158 O O   . ILE A 1 170 ? 9.200   9.309   9.774   1.00 58.92  ? 235 ILE A O   1 
ATOM   1159 C CB  . ILE A 1 170 ? 7.214   11.231  11.672  1.00 61.14  ? 235 ILE A CB  1 
ATOM   1160 C CG1 . ILE A 1 170 ? 7.042   12.668  12.206  1.00 62.90  ? 235 ILE A CG1 1 
ATOM   1161 C CG2 . ILE A 1 170 ? 8.082   10.426  12.635  1.00 55.83  ? 235 ILE A CG2 1 
ATOM   1162 C CD1 . ILE A 1 170 ? 8.221   13.608  12.030  1.00 63.55  ? 235 ILE A CD1 1 
ATOM   1163 N N   . TRP A 1 171 ? 6.989   9.052   9.407   1.00 58.78  ? 236 TRP A N   1 
ATOM   1164 C CA  . TRP A 1 171 ? 7.062   7.657   9.009   1.00 57.39  ? 236 TRP A CA  1 
ATOM   1165 C C   . TRP A 1 171 ? 8.003   7.454   7.799   1.00 58.67  ? 236 TRP A C   1 
ATOM   1166 O O   . TRP A 1 171 ? 8.871   6.573   7.850   1.00 55.01  ? 236 TRP A O   1 
ATOM   1167 C CB  . TRP A 1 171 ? 5.635   7.139   8.765   1.00 57.74  ? 236 TRP A CB  1 
ATOM   1168 C CG  . TRP A 1 171 ? 5.512   5.701   8.398   1.00 56.74  ? 236 TRP A CG  1 
ATOM   1169 C CD1 . TRP A 1 171 ? 6.501   4.760   8.422   1.00 56.90  ? 236 TRP A CD1 1 
ATOM   1170 C CD2 . TRP A 1 171 ? 4.314   5.018   7.985   1.00 54.97  ? 236 TRP A CD2 1 
ATOM   1171 N NE1 . TRP A 1 171 ? 6.005   3.542   8.022   1.00 59.03  ? 236 TRP A NE1 1 
ATOM   1172 C CE2 . TRP A 1 171 ? 4.665   3.667   7.753   1.00 56.25  ? 236 TRP A CE2 1 
ATOM   1173 C CE3 . TRP A 1 171 ? 2.982   5.419   7.773   1.00 58.31  ? 236 TRP A CE3 1 
ATOM   1174 C CZ2 . TRP A 1 171 ? 3.723   2.699   7.324   1.00 53.87  ? 236 TRP A CZ2 1 
ATOM   1175 C CZ3 . TRP A 1 171 ? 2.038   4.450   7.333   1.00 56.06  ? 236 TRP A CZ3 1 
ATOM   1176 C CH2 . TRP A 1 171 ? 2.422   3.111   7.117   1.00 52.88  ? 236 TRP A CH2 1 
ATOM   1177 N N   . ILE A 1 172 ? 7.842   8.274   6.749   1.00 57.16  ? 237 ILE A N   1 
ATOM   1178 C CA  . ILE A 1 172 ? 8.704   8.223   5.555   1.00 59.37  ? 237 ILE A CA  1 
ATOM   1179 C C   . ILE A 1 172 ? 10.164  8.340   5.957   1.00 57.99  ? 237 ILE A C   1 
ATOM   1180 O O   . ILE A 1 172 ? 10.970  7.447   5.680   1.00 60.50  ? 237 ILE A O   1 
ATOM   1181 C CB  . ILE A 1 172 ? 8.460   9.385   4.550   1.00 71.19  ? 237 ILE A CB  1 
ATOM   1182 C CG1 . ILE A 1 172 ? 7.006   9.479   4.094   1.00 78.45  ? 237 ILE A CG1 1 
ATOM   1183 C CG2 . ILE A 1 172 ? 9.346   9.231   3.311   1.00 72.60  ? 237 ILE A CG2 1 
ATOM   1184 C CD1 . ILE A 1 172 ? 6.644   10.788  3.412   1.00 83.34  ? 237 ILE A CD1 1 
ATOM   1185 N N   . VAL A 1 173 ? 10.485  9.457   6.601   1.00 56.43  ? 238 VAL A N   1 
ATOM   1186 C CA  . VAL A 1 173 ? 11.862  9.809   6.935   1.00 57.82  ? 238 VAL A CA  1 
ATOM   1187 C C   . VAL A 1 173 ? 12.462  8.874   7.981   1.00 62.34  ? 238 VAL A C   1 
ATOM   1188 O O   . VAL A 1 173 ? 13.680  8.702   8.018   1.00 63.94  ? 238 VAL A O   1 
ATOM   1189 C CB  . VAL A 1 173 ? 12.002  11.281  7.382   1.00 53.17  ? 238 VAL A CB  1 
ATOM   1190 C CG1 . VAL A 1 173 ? 11.386  12.200  6.351   1.00 54.23  ? 238 VAL A CG1 1 
ATOM   1191 C CG2 . VAL A 1 173 ? 11.326  11.515  8.717   1.00 58.58  ? 238 VAL A CG2 1 
ATOM   1192 N N   . ALA A 1 174 ? 11.612  8.254   8.804   1.00 62.09  ? 239 ALA A N   1 
ATOM   1193 C CA  . ALA A 1 174 ? 12.083  7.276   9.780   1.00 67.61  ? 239 ALA A CA  1 
ATOM   1194 C C   . ALA A 1 174 ? 12.504  5.968   9.091   1.00 77.72  ? 239 ALA A C   1 
ATOM   1195 O O   . ALA A 1 174 ? 13.079  5.069   9.729   1.00 88.71  ? 239 ALA A O   1 
ATOM   1196 C CB  . ALA A 1 174 ? 11.026  7.025   10.846  1.00 62.52  ? 239 ALA A CB  1 
ATOM   1197 N N   . GLY A 1 175 ? 12.198  5.860   7.796   1.00 77.76  ? 240 GLY A N   1 
ATOM   1198 C CA  . GLY A 1 175 ? 12.606  4.717   6.992   1.00 73.10  ? 240 GLY A CA  1 
ATOM   1199 C C   . GLY A 1 175 ? 13.926  5.005   6.328   1.00 71.52  ? 240 GLY A C   1 
ATOM   1200 O O   . GLY A 1 175 ? 14.701  4.086   6.051   1.00 66.83  ? 240 GLY A O   1 
ATOM   1201 N N   . TRP A 1 176 ? 14.154  6.295   6.082   1.00 72.39  ? 241 TRP A N   1 
ATOM   1202 C CA  . TRP A 1 176 ? 15.397  6.810   5.535   1.00 74.72  ? 241 TRP A CA  1 
ATOM   1203 C C   . TRP A 1 176 ? 16.543  6.694   6.522   1.00 79.36  ? 241 TRP A C   1 
ATOM   1204 O O   . TRP A 1 176 ? 17.701  6.806   6.125   1.00 82.81  ? 241 TRP A O   1 
ATOM   1205 C CB  . TRP A 1 176 ? 15.242  8.278   5.118   1.00 73.59  ? 241 TRP A CB  1 
ATOM   1206 C CG  . TRP A 1 176 ? 14.310  8.497   3.974   1.00 71.45  ? 241 TRP A CG  1 
ATOM   1207 C CD1 . TRP A 1 176 ? 13.807  7.544   3.129   1.00 72.01  ? 241 TRP A CD1 1 
ATOM   1208 C CD2 . TRP A 1 176 ? 13.785  9.751   3.520   1.00 73.40  ? 241 TRP A CD2 1 
ATOM   1209 N NE1 . TRP A 1 176 ? 12.994  8.124   2.188   1.00 70.82  ? 241 TRP A NE1 1 
ATOM   1210 C CE2 . TRP A 1 176 ? 12.956  9.477   2.402   1.00 71.85  ? 241 TRP A CE2 1 
ATOM   1211 C CE3 . TRP A 1 176 ? 13.923  11.082  3.953   1.00 70.21  ? 241 TRP A CE3 1 
ATOM   1212 C CZ2 . TRP A 1 176 ? 12.268  10.488  1.700   1.00 71.80  ? 241 TRP A CZ2 1 
ATOM   1213 C CZ3 . TRP A 1 176 ? 13.235  12.087  3.255   1.00 73.15  ? 241 TRP A CZ3 1 
ATOM   1214 C CH2 . TRP A 1 176 ? 12.412  11.777  2.144   1.00 73.33  ? 241 TRP A CH2 1 
ATOM   1215 N N   . PHE A 1 177 ? 16.224  6.479   7.800   1.00 83.71  ? 242 PHE A N   1 
ATOM   1216 C CA  . PHE A 1 177 ? 17.250  6.400   8.851   1.00 84.93  ? 242 PHE A CA  1 
ATOM   1217 C C   . PHE A 1 177 ? 17.307  5.069   9.576   1.00 86.45  ? 242 PHE A C   1 
ATOM   1218 O O   . PHE A 1 177 ? 18.327  4.742   10.181  1.00 88.49  ? 242 PHE A O   1 
ATOM   1219 C CB  . PHE A 1 177 ? 17.095  7.532   9.854   1.00 83.28  ? 242 PHE A CB  1 
ATOM   1220 C CG  . PHE A 1 177 ? 17.276  8.900   9.260   1.00 83.86  ? 242 PHE A CG  1 
ATOM   1221 C CD1 . PHE A 1 177 ? 16.172  9.708   8.990   1.00 85.72  ? 242 PHE A CD1 1 
ATOM   1222 C CD2 . PHE A 1 177 ? 18.545  9.398   8.989   1.00 82.10  ? 242 PHE A CD2 1 
ATOM   1223 C CE1 . PHE A 1 177 ? 16.316  10.981  8.450   1.00 86.98  ? 242 PHE A CE1 1 
ATOM   1224 C CE2 . PHE A 1 177 ? 18.703  10.676  8.453   1.00 85.64  ? 242 PHE A CE2 1 
ATOM   1225 C CZ  . PHE A 1 177 ? 17.587  11.468  8.178   1.00 87.79  ? 242 PHE A CZ  1 
ATOM   1226 N N   . ASP A 1 178 ? 16.196  4.336   9.560   1.00 95.82  ? 243 ASP A N   1 
ATOM   1227 C CA  . ASP A 1 178 ? 16.195  2.894   9.794   1.00 103.57 ? 243 ASP A CA  1 
ATOM   1228 C C   . ASP A 1 178 ? 16.497  2.446   11.246  1.00 109.04 ? 243 ASP A C   1 
ATOM   1229 O O   . ASP A 1 178 ? 17.569  1.904   11.517  1.00 116.49 ? 243 ASP A O   1 
ATOM   1230 C CB  . ASP A 1 178 ? 17.157  2.247   8.781   1.00 105.79 ? 243 ASP A CB  1 
ATOM   1231 C CG  . ASP A 1 178 ? 16.979  0.752   8.675   1.00 113.47 ? 243 ASP A CG  1 
ATOM   1232 O OD1 . ASP A 1 178 ? 17.478  0.046   9.577   1.00 116.91 ? 243 ASP A OD1 1 
ATOM   1233 O OD2 . ASP A 1 178 ? 16.357  0.283   7.695   1.00 108.02 ? 243 ASP A OD2 1 
ATOM   1234 N N   . LEU A 1 179 ? 15.539  2.658   12.153  1.00 110.74 ? 244 LEU A N   1 
ATOM   1235 C CA  . LEU A 1 179 ? 15.663  2.262   13.561  1.00 108.51 ? 244 LEU A CA  1 
ATOM   1236 C C   . LEU A 1 179 ? 14.317  1.944   14.192  1.00 96.75  ? 244 LEU A C   1 
ATOM   1237 O O   . LEU A 1 179 ? 14.197  0.974   14.932  1.00 89.56  ? 244 LEU A O   1 
ATOM   1238 C CB  . LEU A 1 179 ? 16.402  3.322   14.377  1.00 116.90 ? 244 LEU A CB  1 
ATOM   1239 C CG  . LEU A 1 179 ? 17.907  3.437   14.120  1.00 121.03 ? 244 LEU A CG  1 
ATOM   1240 C CD1 . LEU A 1 179 ? 18.488  4.472   15.075  1.00 116.35 ? 244 LEU A CD1 1 
ATOM   1241 C CD2 . LEU A 1 179 ? 18.635  2.110   14.316  1.00 115.07 ? 244 LEU A CD2 1 
ATOM   1242 N N   . MET A 1 182 ? 15.014  -0.383  11.954  1.00 94.70  ? 247 MET A N   1 
ATOM   1243 C CA  . MET A 1 182 ? 14.081  -1.300  11.286  1.00 93.20  ? 247 MET A CA  1 
ATOM   1244 C C   . MET A 1 182 ? 14.522  -1.677  9.868   1.00 94.14  ? 247 MET A C   1 
ATOM   1245 O O   . MET A 1 182 ? 15.714  -1.865  9.613   1.00 107.32 ? 247 MET A O   1 
ATOM   1246 C CB  . MET A 1 182 ? 12.674  -0.703  11.243  1.00 90.94  ? 247 MET A CB  1 
ATOM   1247 C CG  . MET A 1 182 ? 12.096  -0.351  12.595  1.00 94.98  ? 247 MET A CG  1 
ATOM   1248 S SD  . MET A 1 182 ? 10.300  -0.487  12.585  1.00 90.62  ? 247 MET A SD  1 
ATOM   1249 C CE  . MET A 1 182 ? 10.088  -2.264  12.753  1.00 91.21  ? 247 MET A CE  1 
ATOM   1250 N N   . SER A 1 183 ? 13.564  -1.780  8.944   1.00 79.24  ? 248 SER A N   1 
ATOM   1251 C CA  . SER A 1 183 ? 13.850  -2.266  7.604   1.00 70.40  ? 248 SER A CA  1 
ATOM   1252 C C   . SER A 1 183 ? 12.750  -1.922  6.582   1.00 68.43  ? 248 SER A C   1 
ATOM   1253 O O   . SER A 1 183 ? 12.177  -2.807  5.952   1.00 69.12  ? 248 SER A O   1 
ATOM   1254 C CB  . SER A 1 183 ? 14.059  -3.779  7.683   1.00 69.82  ? 248 SER A CB  1 
ATOM   1255 O OG  . SER A 1 183 ? 14.857  -4.229  6.613   1.00 76.79  ? 248 SER A OG  1 
ATOM   1256 N N   . MET A 1 184 ? 12.460  -0.636  6.415   1.00 64.89  ? 249 MET A N   1 
ATOM   1257 C CA  . MET A 1 184 ? 11.314  -0.214  5.613   1.00 61.57  ? 249 MET A CA  1 
ATOM   1258 C C   . MET A 1 184 ? 11.573  -0.258  4.100   1.00 59.34  ? 249 MET A C   1 
ATOM   1259 O O   . MET A 1 184 ? 12.715  -0.192  3.650   1.00 58.92  ? 249 MET A O   1 
ATOM   1260 C CB  . MET A 1 184 ? 10.853  1.183   6.031   1.00 62.95  ? 249 MET A CB  1 
ATOM   1261 C CG  . MET A 1 184 ? 10.296  1.261   7.439   1.00 63.66  ? 249 MET A CG  1 
ATOM   1262 S SD  . MET A 1 184 ? 9.805   2.961   7.770   1.00 75.78  ? 249 MET A SD  1 
ATOM   1263 C CE  . MET A 1 184 ? 9.550   2.921   9.546   1.00 76.28  ? 249 MET A CE  1 
ATOM   1264 N N   . ALA A 1 185 ? 10.491  -0.370  3.330   1.00 52.78  ? 250 ALA A N   1 
ATOM   1265 C CA  . ALA A 1 185 ? 10.549  -0.287  1.892   1.00 44.89  ? 250 ALA A CA  1 
ATOM   1266 C C   . ALA A 1 185 ? 10.389  1.178   1.434   1.00 48.37  ? 250 ALA A C   1 
ATOM   1267 O O   . ALA A 1 185 ? 9.296   1.622   0.985   1.00 48.20  ? 250 ALA A O   1 
ATOM   1268 C CB  . ALA A 1 185 ? 9.503   -1.183  1.292   1.00 42.22  ? 250 ALA A CB  1 
ATOM   1269 N N   . ASN A 1 186 ? 11.501  1.918   1.539   1.00 44.42  ? 251 ASN A N   1 
ATOM   1270 C CA  . ASN A 1 186 ? 11.530  3.359   1.217   1.00 41.18  ? 251 ASN A CA  1 
ATOM   1271 C C   . ASN A 1 186 ? 11.167  3.711   -0.225  1.00 37.08  ? 251 ASN A C   1 
ATOM   1272 O O   . ASN A 1 186 ? 10.707  4.814   -0.482  1.00 39.23  ? 251 ASN A O   1 
ATOM   1273 C CB  . ASN A 1 186 ? 12.857  4.015   1.636   1.00 40.73  ? 251 ASN A CB  1 
ATOM   1274 C CG  . ASN A 1 186 ? 13.153  3.798   3.101   1.00 44.47  ? 251 ASN A CG  1 
ATOM   1275 O OD1 . ASN A 1 186 ? 12.321  4.110   3.956   1.00 48.24  ? 251 ASN A OD1 1 
ATOM   1276 N ND2 . ASN A 1 186 ? 14.306  3.215   3.398   1.00 45.18  ? 251 ASN A ND2 1 
ATOM   1277 N N   . GLY A 1 187 ? 11.351  2.778   -1.150  1.00 32.81  ? 252 GLY A N   1 
ATOM   1278 C CA  . GLY A 1 187 ? 10.953  3.009   -2.542  1.00 33.01  ? 252 GLY A CA  1 
ATOM   1279 C C   . GLY A 1 187 ? 9.455   2.869   -2.695  1.00 32.74  ? 252 GLY A C   1 
ATOM   1280 O O   . GLY A 1 187 ? 8.811   3.598   -3.473  1.00 29.72  ? 252 GLY A O   1 
ATOM   1281 N N   . ALA A 1 188 ? 8.899   1.947   -1.911  1.00 32.64  ? 253 ALA A N   1 
ATOM   1282 C CA  . ALA A 1 188 ? 7.474   1.684   -1.915  1.00 31.05  ? 253 ALA A CA  1 
ATOM   1283 C C   . ALA A 1 188 ? 6.735   2.872   -1.324  1.00 31.59  ? 253 ALA A C   1 
ATOM   1284 O O   . ALA A 1 188 ? 5.794   3.364   -1.934  1.00 31.44  ? 253 ALA A O   1 
ATOM   1285 C CB  . ALA A 1 188 ? 7.176   0.417   -1.144  1.00 31.84  ? 253 ALA A CB  1 
ATOM   1286 N N   . HIS A 1 189 ? 7.174   3.342   -0.157  1.00 34.08  ? 254 HIS A N   1 
ATOM   1287 C CA  . HIS A 1 189 ? 6.556   4.503   0.493   1.00 34.56  ? 254 HIS A CA  1 
ATOM   1288 C C   . HIS A 1 189 ? 6.535   5.704   -0.453  1.00 35.95  ? 254 HIS A C   1 
ATOM   1289 O O   . HIS A 1 189 ? 5.466   6.204   -0.803  1.00 39.12  ? 254 HIS A O   1 
ATOM   1290 C CB  . HIS A 1 189 ? 7.268   4.876   1.791   1.00 34.35  ? 254 HIS A CB  1 
ATOM   1291 C CG  . HIS A 1 189 ? 7.259   3.810   2.836   1.00 36.79  ? 254 HIS A CG  1 
ATOM   1292 N ND1 . HIS A 1 189 ? 7.822   3.999   4.082   1.00 39.64  ? 254 HIS A ND1 1 
ATOM   1293 C CD2 . HIS A 1 189 ? 6.751   2.554   2.842   1.00 39.20  ? 254 HIS A CD2 1 
ATOM   1294 C CE1 . HIS A 1 189 ? 7.677   2.900   4.803   1.00 38.75  ? 254 HIS A CE1 1 
ATOM   1295 N NE2 . HIS A 1 189 ? 7.008   2.017   4.083   1.00 39.11  ? 254 HIS A NE2 1 
ATOM   1296 N N   . ILE A 1 190 ? 7.703   6.138   -0.918  1.00 38.75  ? 255 ILE A N   1 
ATOM   1297 C CA  . ILE A 1 190 ? 7.746   7.306   -1.795  1.00 39.66  ? 255 ILE A CA  1 
ATOM   1298 C C   . ILE A 1 190 ? 7.011   7.068   -3.103  1.00 37.85  ? 255 ILE A C   1 
ATOM   1299 O O   . ILE A 1 190 ? 6.257   7.924   -3.517  1.00 38.15  ? 255 ILE A O   1 
ATOM   1300 C CB  . ILE A 1 190 ? 9.174   7.876   -2.006  1.00 43.92  ? 255 ILE A CB  1 
ATOM   1301 C CG1 . ILE A 1 190 ? 9.089   9.327   -2.476  1.00 44.87  ? 255 ILE A CG1 1 
ATOM   1302 C CG2 . ILE A 1 190 ? 10.030  7.005   -2.927  1.00 44.86  ? 255 ILE A CG2 1 
ATOM   1303 C CD1 . ILE A 1 190 ? 8.643   10.269  -1.368  1.00 50.16  ? 255 ILE A CD1 1 
ATOM   1304 N N   . ALA A 1 191 ? 7.181   5.904   -3.724  1.00 35.16  ? 256 ALA A N   1 
ATOM   1305 C CA  . ALA A 1 191 ? 6.466   5.650   -4.977  1.00 36.59  ? 256 ALA A CA  1 
ATOM   1306 C C   . ALA A 1 191 ? 4.946   5.666   -4.786  1.00 38.20  ? 256 ALA A C   1 
ATOM   1307 O O   . ALA A 1 191 ? 4.229   6.209   -5.621  1.00 38.47  ? 256 ALA A O   1 
ATOM   1308 C CB  . ALA A 1 191 ? 6.901   4.343   -5.593  1.00 35.99  ? 256 ALA A CB  1 
ATOM   1309 N N   . GLY A 1 192 ? 4.468   5.088   -3.682  1.00 38.92  ? 257 GLY A N   1 
ATOM   1310 C CA  . GLY A 1 192 ? 3.033   4.947   -3.418  1.00 36.20  ? 257 GLY A CA  1 
ATOM   1311 C C   . GLY A 1 192 ? 2.516   6.336   -3.148  1.00 35.54  ? 257 GLY A C   1 
ATOM   1312 O O   . GLY A 1 192 ? 1.588   6.817   -3.815  1.00 34.56  ? 257 GLY A O   1 
ATOM   1313 N N   . LEU A 1 193 ? 3.168   6.992   -2.192  1.00 33.81  ? 258 LEU A N   1 
ATOM   1314 C CA  . LEU A 1 193 ? 2.890   8.381   -1.874  1.00 32.55  ? 258 LEU A CA  1 
ATOM   1315 C C   . LEU A 1 193 ? 2.706   9.224   -3.137  1.00 30.67  ? 258 LEU A C   1 
ATOM   1316 O O   . LEU A 1 193 ? 1.696   9.911   -3.277  1.00 31.90  ? 258 LEU A O   1 
ATOM   1317 C CB  . LEU A 1 193 ? 4.012   8.969   -1.009  1.00 31.85  ? 258 LEU A CB  1 
ATOM   1318 C CG  . LEU A 1 193 ? 3.740   10.424  -0.628  1.00 32.62  ? 258 LEU A CG  1 
ATOM   1319 C CD1 . LEU A 1 193 ? 2.436   10.498  0.145   1.00 36.70  ? 258 LEU A CD1 1 
ATOM   1320 C CD2 . LEU A 1 193 ? 4.847   10.995  0.216   1.00 34.05  ? 258 LEU A CD2 1 
ATOM   1321 N N   . ALA A 1 194 ? 3.680   9.146   -4.042  1.00 29.90  ? 259 ALA A N   1 
ATOM   1322 C CA  . ALA A 1 194 ? 3.702   9.931   -5.283  1.00 32.31  ? 259 ALA A CA  1 
ATOM   1323 C C   . ALA A 1 194 ? 2.510   9.600   -6.141  1.00 33.80  ? 259 ALA A C   1 
ATOM   1324 O O   . ALA A 1 194 ? 1.858   10.503  -6.652  1.00 36.35  ? 259 ALA A O   1 
ATOM   1325 C CB  . ALA A 1 194 ? 4.998   9.697   -6.072  1.00 31.04  ? 259 ALA A CB  1 
ATOM   1326 N N   . VAL A 1 195 ? 2.232   8.300   -6.295  1.00 38.53  ? 260 VAL A N   1 
ATOM   1327 C CA  . VAL A 1 195 ? 1.082   7.815   -7.076  1.00 38.90  ? 260 VAL A CA  1 
ATOM   1328 C C   . VAL A 1 195 ? -0.235  8.409   -6.533  1.00 43.24  ? 260 VAL A C   1 
ATOM   1329 O O   . VAL A 1 195 ? -1.092  8.867   -7.333  1.00 43.67  ? 260 VAL A O   1 
ATOM   1330 C CB  . VAL A 1 195 ? 1.015   6.270   -7.137  1.00 36.95  ? 260 VAL A CB  1 
ATOM   1331 C CG1 . VAL A 1 195 ? -0.256  5.797   -7.818  1.00 36.65  ? 260 VAL A CG1 1 
ATOM   1332 C CG2 . VAL A 1 195 ? 2.198   5.708   -7.902  1.00 39.34  ? 260 VAL A CG2 1 
ATOM   1333 N N   . GLY A 1 196 ? -0.380  8.411   -5.198  1.00 38.14  ? 261 GLY A N   1 
ATOM   1334 C CA  . GLY A 1 196 ? -1.597  8.873   -4.559  1.00 36.41  ? 261 GLY A CA  1 
ATOM   1335 C C   . GLY A 1 196 ? -1.797  10.373  -4.686  1.00 38.31  ? 261 GLY A C   1 
ATOM   1336 O O   . GLY A 1 196 ? -2.921  10.859  -4.647  1.00 39.96  ? 261 GLY A O   1 
ATOM   1337 N N   . LEU A 1 197 ? -0.709  11.118  -4.806  1.00 36.68  ? 262 LEU A N   1 
ATOM   1338 C CA  . LEU A 1 197 ? -0.803  12.556  -4.989  1.00 33.82  ? 262 LEU A CA  1 
ATOM   1339 C C   . LEU A 1 197 ? -1.142  12.842  -6.451  1.00 34.93  ? 262 LEU A C   1 
ATOM   1340 O O   . LEU A 1 197 ? -1.899  13.758  -6.741  1.00 40.62  ? 262 LEU A O   1 
ATOM   1341 C CB  . LEU A 1 197 ? 0.505   13.242  -4.598  1.00 33.36  ? 262 LEU A CB  1 
ATOM   1342 C CG  . LEU A 1 197 ? 0.903   13.249  -3.127  1.00 32.59  ? 262 LEU A CG  1 
ATOM   1343 C CD1 . LEU A 1 197 ? 2.248   13.889  -2.927  1.00 33.77  ? 262 LEU A CD1 1 
ATOM   1344 C CD2 . LEU A 1 197 ? -0.091  14.022  -2.304  1.00 35.53  ? 262 LEU A CD2 1 
ATOM   1345 N N   . ALA A 1 198 ? -0.589  12.060  -7.368  1.00 35.15  ? 263 ALA A N   1 
ATOM   1346 C CA  . ALA A 1 198 ? -0.837  12.225  -8.813  1.00 37.13  ? 263 ALA A CA  1 
ATOM   1347 C C   . ALA A 1 198 ? -2.291  11.913  -9.199  1.00 39.81  ? 263 ALA A C   1 
ATOM   1348 O O   . ALA A 1 198 ? -2.972  12.723  -9.842  1.00 40.18  ? 263 ALA A O   1 
ATOM   1349 C CB  . ALA A 1 198 ? 0.136   11.367  -9.617  1.00 33.78  ? 263 ALA A CB  1 
ATOM   1350 N N   . MET A 1 199 ? -2.757  10.742  -8.771  1.00 45.78  ? 264 MET A N   1 
ATOM   1351 C CA  . MET A 1 199 ? -4.156  10.335  -8.936  1.00 48.99  ? 264 MET A CA  1 
ATOM   1352 C C   . MET A 1 199 ? -5.125  11.369  -8.348  1.00 48.52  ? 264 MET A C   1 
ATOM   1353 O O   . MET A 1 199 ? -6.133  11.698  -8.976  1.00 50.83  ? 264 MET A O   1 
ATOM   1354 C CB  . MET A 1 199 ? -4.394  8.948   -8.323  1.00 47.10  ? 264 MET A CB  1 
ATOM   1355 C CG  . MET A 1 199 ? -3.797  7.814   -9.132  1.00 49.42  ? 264 MET A CG  1 
ATOM   1356 S SD  . MET A 1 199 ? -4.246  6.155   -8.565  1.00 61.42  ? 264 MET A SD  1 
ATOM   1357 C CE  . MET A 1 199 ? -5.963  6.023   -9.080  1.00 54.81  ? 264 MET A CE  1 
ATOM   1358 N N   . ALA A 1 200 ? -4.803  11.874  -7.160  1.00 44.17  ? 265 ALA A N   1 
ATOM   1359 C CA  . ALA A 1 200 ? -5.617  12.879  -6.491  1.00 45.36  ? 265 ALA A CA  1 
ATOM   1360 C C   . ALA A 1 200 ? -5.600  14.199  -7.231  1.00 48.77  ? 265 ALA A C   1 
ATOM   1361 O O   . ALA A 1 200 ? -6.630  14.876  -7.310  1.00 49.36  ? 265 ALA A O   1 
ATOM   1362 C CB  . ALA A 1 200 ? -5.144  13.079  -5.063  1.00 46.42  ? 265 ALA A CB  1 
ATOM   1363 N N   . PHE A 1 201 ? -4.435  14.578  -7.757  1.00 51.69  ? 266 PHE A N   1 
ATOM   1364 C CA  . PHE A 1 201 ? -4.342  15.808  -8.539  1.00 53.22  ? 266 PHE A CA  1 
ATOM   1365 C C   . PHE A 1 201 ? -5.281  15.725  -9.731  1.00 49.82  ? 266 PHE A C   1 
ATOM   1366 O O   . PHE A 1 201 ? -6.129  16.588  -9.897  1.00 51.44  ? 266 PHE A O   1 
ATOM   1367 C CB  . PHE A 1 201 ? -2.898  16.155  -8.968  1.00 53.71  ? 266 PHE A CB  1 
ATOM   1368 C CG  . PHE A 1 201 ? -2.785  17.515  -9.593  1.00 54.62  ? 266 PHE A CG  1 
ATOM   1369 C CD1 . PHE A 1 201 ? -2.824  18.673  -8.798  1.00 55.16  ? 266 PHE A CD1 1 
ATOM   1370 C CD2 . PHE A 1 201 ? -2.706  17.654  -10.984 1.00 56.21  ? 266 PHE A CD2 1 
ATOM   1371 C CE1 . PHE A 1 201 ? -2.754  19.941  -9.379  1.00 58.04  ? 266 PHE A CE1 1 
ATOM   1372 C CE2 . PHE A 1 201 ? -2.635  18.922  -11.571 1.00 57.57  ? 266 PHE A CE2 1 
ATOM   1373 C CZ  . PHE A 1 201 ? -2.656  20.066  -10.768 1.00 57.01  ? 266 PHE A CZ  1 
ATOM   1374 N N   . VAL A 1 202 ? -5.135  14.667  -10.527 1.00 52.38  ? 267 VAL A N   1 
ATOM   1375 C CA  . VAL A 1 202 ? -5.943  14.424  -11.740 1.00 54.16  ? 267 VAL A CA  1 
ATOM   1376 C C   . VAL A 1 202 ? -7.433  14.439  -11.408 1.00 58.20  ? 267 VAL A C   1 
ATOM   1377 O O   . VAL A 1 202 ? -8.230  15.032  -12.130 1.00 65.31  ? 267 VAL A O   1 
ATOM   1378 C CB  . VAL A 1 202 ? -5.590  13.073  -12.410 1.00 48.16  ? 267 VAL A CB  1 
ATOM   1379 C CG1 . VAL A 1 202 ? -6.440  12.836  -13.638 1.00 45.49  ? 267 VAL A CG1 1 
ATOM   1380 C CG2 . VAL A 1 202 ? -4.127  13.039  -12.800 1.00 47.22  ? 267 VAL A CG2 1 
ATOM   1381 N N   . ASP A 1 203 ? -7.792  13.786  -10.307 1.00 59.23  ? 268 ASP A N   1 
ATOM   1382 C CA  . ASP A 1 203 ? -9.178  13.653  -9.902  1.00 57.71  ? 268 ASP A CA  1 
ATOM   1383 C C   . ASP A 1 203 ? -9.759  14.995  -9.429  1.00 61.76  ? 268 ASP A C   1 
ATOM   1384 O O   . ASP A 1 203 ? -10.984 15.199  -9.476  1.00 61.08  ? 268 ASP A O   1 
ATOM   1385 C CB  . ASP A 1 203 ? -9.319  12.553  -8.838  1.00 56.02  ? 268 ASP A CB  1 
ATOM   1386 C CG  . ASP A 1 203 ? -9.153  11.113  -9.414  1.00 57.42  ? 268 ASP A CG  1 
ATOM   1387 O OD1 . ASP A 1 203 ? -9.057  10.932  -10.653 1.00 58.53  ? 268 ASP A OD1 1 
ATOM   1388 O OD2 . ASP A 1 203 ? -9.122  10.143  -8.619  1.00 51.48  ? 268 ASP A OD2 1 
ATOM   1389 N N   . SER A 1 204 ? -8.879  15.908  -9.001  1.00 64.38  ? 269 SER A N   1 
ATOM   1390 C CA  . SER A 1 204 ? -9.269  17.257  -8.554  1.00 62.85  ? 269 SER A CA  1 
ATOM   1391 C C   . SER A 1 204 ? -9.086  18.286  -9.667  1.00 66.14  ? 269 SER A C   1 
ATOM   1392 O O   . SER A 1 204 ? -8.869  19.478  -9.408  1.00 65.48  ? 269 SER A O   1 
ATOM   1393 C CB  . SER A 1 204 ? -8.471  17.681  -7.322  1.00 60.79  ? 269 SER A CB  1 
ATOM   1394 O OG  . SER A 1 204 ? -8.978  17.092  -6.145  1.00 70.70  ? 269 SER A OG  1 
ATOM   1395 N N   . LEU A 1 205 ? -9.145  17.805  -10.904 1.00 64.45  ? 270 LEU A N   1 
ATOM   1396 C CA  . LEU A 1 205 ? -9.228  18.654  -12.072 1.00 62.13  ? 270 LEU A CA  1 
ATOM   1397 C C   . LEU A 1 205 ? -10.556 18.308  -12.707 1.00 71.17  ? 270 LEU A C   1 
ATOM   1398 O O   . LEU A 1 205 ? -11.355 19.204  -12.993 1.00 76.49  ? 270 LEU A O   1 
ATOM   1399 C CB  . LEU A 1 205 ? -8.061  18.388  -13.022 1.00 56.27  ? 270 LEU A CB  1 
ATOM   1400 C CG  . LEU A 1 205 ? -6.656  18.598  -12.459 1.00 53.84  ? 270 LEU A CG  1 
ATOM   1401 C CD1 . LEU A 1 205 ? -5.637  17.938  -13.366 1.00 52.60  ? 270 LEU A CD1 1 
ATOM   1402 C CD2 . LEU A 1 205 ? -6.332  20.065  -12.247 1.00 52.02  ? 270 LEU A CD2 1 
ATOM   1403 N N   . ASN A 1 206 ? -10.787 17.000  -12.881 1.00 78.32  ? 271 ASN A N   1 
ATOM   1404 C CA  . ASN A 1 206 ? -12.055 16.431  -13.360 1.00 83.69  ? 271 ASN A CA  1 
ATOM   1405 C C   . ASN A 1 206 ? -13.234 16.608  -12.395 1.00 93.15  ? 271 ASN A C   1 
ATOM   1406 O O   . ASN A 1 206 ? -14.330 16.084  -12.639 1.00 90.97  ? 271 ASN A O   1 
ATOM   1407 C CB  . ASN A 1 206 ? -11.874 14.951  -13.715 1.00 76.72  ? 271 ASN A CB  1 
ATOM   1408 C CG  . ASN A 1 206 ? -10.899 14.742  -14.862 1.00 77.34  ? 271 ASN A CG  1 
ATOM   1409 O OD1 . ASN A 1 206 ? -10.655 15.648  -15.665 1.00 78.00  ? 271 ASN A OD1 1 
ATOM   1410 N ND2 . ASN A 1 206 ? -10.332 13.540  -14.947 1.00 73.32  ? 271 ASN A ND2 1 
ATOM   1411 N N   . ALA A 1 207 ? -12.995 17.357  -11.314 1.00 102.69 ? 272 ALA A N   1 
ATOM   1412 C CA  . ALA A 1 207 ? -14.020 17.690  -10.324 1.00 104.68 ? 272 ALA A CA  1 
ATOM   1413 C C   . ALA A 1 207 ? -14.755 18.981  -10.697 1.00 105.82 ? 272 ALA A C   1 
ATOM   1414 O O   . ALA A 1 207 ? -14.267 19.786  -11.499 1.00 109.36 ? 272 ALA A O   1 
ATOM   1415 C CB  . ALA A 1 207 ? -13.397 17.804  -8.938  1.00 102.35 ? 272 ALA A CB  1 
ATOM   1416 N N   . VAL B 2 4   ? 15.020  -9.048  3.936   1.00 86.97  ? 500 VAL B N   1 
ATOM   1417 C CA  . VAL B 2 4   ? 13.681  -8.575  3.527   1.00 78.97  ? 500 VAL B CA  1 
ATOM   1418 C C   . VAL B 2 4   ? 13.292  -7.188  4.048   1.00 74.96  ? 500 VAL B C   1 
ATOM   1419 O O   . VAL B 2 4   ? 13.705  -6.762  5.131   1.00 78.48  ? 500 VAL B O   1 
ATOM   1420 C CB  . VAL B 2 4   ? 12.538  -9.586  3.831   1.00 78.35  ? 500 VAL B CB  1 
ATOM   1421 C CG1 . VAL B 2 4   ? 12.844  -10.970 3.267   1.00 74.24  ? 500 VAL B CG1 1 
ATOM   1422 C CG2 . VAL B 2 4   ? 12.262  -9.663  5.321   1.00 84.08  ? 500 VAL B CG2 1 
ATOM   1423 N N   . ARG B 2 5   ? 12.484  -6.494  3.254   1.00 65.18  ? 501 ARG B N   1 
ATOM   1424 C CA  . ARG B 2 5   ? 12.062  -5.128  3.559   1.00 61.04  ? 501 ARG B CA  1 
ATOM   1425 C C   . ARG B 2 5   ? 10.545  -5.040  3.707   1.00 56.41  ? 501 ARG B C   1 
ATOM   1426 O O   . ARG B 2 5   ? 9.829   -5.857  3.150   1.00 57.44  ? 501 ARG B O   1 
ATOM   1427 C CB  . ARG B 2 5   ? 12.582  -4.170  2.496   1.00 62.15  ? 501 ARG B CB  1 
ATOM   1428 C CG  . ARG B 2 5   ? 14.104  -4.155  2.425   1.00 64.79  ? 501 ARG B CG  1 
ATOM   1429 C CD  . ARG B 2 5   ? 14.639  -2.832  1.919   1.00 76.07  ? 501 ARG B CD  1 
ATOM   1430 N NE  . ARG B 2 5   ? 15.856  -2.442  2.637   1.00 83.59  ? 501 ARG B NE  1 
ATOM   1431 C CZ  . ARG B 2 5   ? 16.135  -1.203  3.044   1.00 88.59  ? 501 ARG B CZ  1 
ATOM   1432 N NH1 . ARG B 2 5   ? 15.295  -0.199  2.808   1.00 91.80  ? 501 ARG B NH1 1 
ATOM   1433 N NH2 . ARG B 2 5   ? 17.265  -0.965  3.696   1.00 89.36  ? 501 ARG B NH2 1 
ATOM   1434 N N   . MET B 2 6   ? 10.054  -4.066  4.463   1.00 53.06  ? 502 MET B N   1 
ATOM   1435 C CA  . MET B 2 6   ? 8.632   -4.024  4.817   1.00 53.48  ? 502 MET B CA  1 
ATOM   1436 C C   . MET B 2 6   ? 7.933   -2.797  4.243   1.00 52.65  ? 502 MET B C   1 
ATOM   1437 O O   . MET B 2 6   ? 8.170   -1.667  4.672   1.00 56.32  ? 502 MET B O   1 
ATOM   1438 C CB  . MET B 2 6   ? 8.452   -4.093  6.331   1.00 54.82  ? 502 MET B CB  1 
ATOM   1439 C CG  . MET B 2 6   ? 9.453   -4.995  7.015   1.00 64.53  ? 502 MET B CG  1 
ATOM   1440 S SD  . MET B 2 6   ? 9.273   -4.958  8.805   1.00 86.09  ? 502 MET B SD  1 
ATOM   1441 C CE  . MET B 2 6   ? 8.615   -6.591  9.144   1.00 79.47  ? 502 MET B CE  1 
HETATM 1442 N N   . 5XU B 2 7   ? 7.090   -3.031  3.245   1.00 47.56  ? 503 5XU B N   1 
HETATM 1443 C CA  . 5XU B 2 7   ? 6.276   -2.002  2.643   1.00 45.82  ? 503 5XU B CA  1 
HETATM 1444 C C   . 5XU B 2 7   ? 4.973   -2.027  3.413   1.00 49.01  ? 503 5XU B C   1 
HETATM 1445 O O   . 5XU B 2 7   ? 4.958   -2.133  4.643   1.00 52.44  ? 503 5XU B O   1 
HETATM 1446 C CB  . 5XU B 2 7   ? 6.033   -2.305  1.165   1.00 43.15  ? 503 5XU B CB  1 
HETATM 1447 O O   . HOH C 3 .   ? 4.825   -4.199  -1.275  1.00 23.05  ? 301 HOH A O   1 
HETATM 1448 O O   . HOH C 3 .   ? 12.255  -2.110  -16.082 1.00 42.10  ? 302 HOH A O   1 
HETATM 1449 O O   . HOH C 3 .   ? 7.925   -8.742  -3.520  1.00 22.74  ? 303 HOH A O   1 
HETATM 1450 O O   . HOH C 3 .   ? -11.415 11.256  -12.566 1.00 51.93  ? 304 HOH A O   1 
HETATM 1451 O O   . HOH C 3 .   ? 3.226   13.576  -7.515  1.00 43.40  ? 305 HOH A O   1 
HETATM 1452 O O   . HOH C 3 .   ? -10.436 15.020  14.759  1.00 99.69  ? 306 HOH A O   1 
HETATM 1453 O O   . HOH C 3 .   ? 2.511   9.186   -9.909  1.00 61.68  ? 307 HOH A O   1 
HETATM 1454 O O   . HOH C 3 .   ? -17.028 -0.998  -9.126  1.00 39.37  ? 308 HOH A O   1 
HETATM 1455 O O   . HOH C 3 .   ? 3.535   -15.731 15.028  1.00 54.77  ? 309 HOH A O   1 
HETATM 1456 O O   . HOH C 3 .   ? 9.996   -7.602  -14.046 1.00 36.59  ? 310 HOH A O   1 
HETATM 1457 O O   . HOH C 3 .   ? -18.670 1.434   -8.503  1.00 30.85  ? 311 HOH A O   1 
HETATM 1458 O O   . HOH C 3 .   ? 5.404   -11.572 15.571  1.00 55.22  ? 312 HOH A O   1 
HETATM 1459 O O   . HOH C 3 .   ? -10.694 -13.099 0.512   1.00 47.96  ? 313 HOH A O   1 
HETATM 1460 O O   . HOH C 3 .   ? 17.905  -15.329 -16.938 1.00 40.27  ? 314 HOH A O   1 
HETATM 1461 O O   . HOH C 3 .   ? 8.953   -9.260  -22.842 1.00 51.25  ? 315 HOH A O   1 
HETATM 1462 O O   . HOH C 3 .   ? -2.221  -14.365 -13.483 1.00 57.93  ? 316 HOH A O   1 
HETATM 1463 O O   . HOH C 3 .   ? 4.507   -7.029  -17.099 1.00 78.30  ? 317 HOH A O   1 
HETATM 1464 O O   . HOH C 3 .   ? 12.972  -2.566  16.798  1.00 59.40  ? 318 HOH A O   1 
HETATM 1465 O O   . HOH C 3 .   ? -17.911 -6.401  8.984   1.00 25.86  ? 319 HOH A O   1 
HETATM 1466 O O   . HOH C 3 .   ? 2.034   15.433  -7.749  1.00 49.23  ? 320 HOH A O   1 
HETATM 1467 O O   . HOH C 3 .   ? -19.929 -2.499  -5.761  1.00 46.94  ? 321 HOH A O   1 
HETATM 1468 O O   . HOH C 3 .   ? 6.061   3.908   12.378  1.00 52.15  ? 322 HOH A O   1 
HETATM 1469 O O   . HOH C 3 .   ? -4.447  -1.774  -13.114 1.00 46.49  ? 323 HOH A O   1 
HETATM 1470 O O   . HOH C 3 .   ? -1.464  -0.638  16.138  1.00 53.30  ? 324 HOH A O   1 
HETATM 1471 O O   . HOH C 3 .   ? -16.503 -5.540  -4.615  1.00 43.70  ? 325 HOH A O   1 
HETATM 1472 O O   . HOH C 3 .   ? 11.257  9.859   13.882  1.00 69.18  ? 326 HOH A O   1 
HETATM 1473 O O   . HOH C 3 .   ? -3.389  8.808   -12.941 1.00 47.44  ? 327 HOH A O   1 
HETATM 1474 O O   . HOH C 3 .   ? 6.316   -4.749  -14.982 1.00 25.85  ? 328 HOH A O   1 
HETATM 1475 O O   . HOH C 3 .   ? -1.169  21.520  -5.004  0.50 48.85  ? 329 HOH A O   1 
HETATM 1476 O O   . HOH C 3 .   ? -4.152  -21.441 4.851   1.00 45.99  ? 330 HOH A O   1 
HETATM 1477 O O   . HOH C 3 .   ? 5.086   13.149  -9.382  1.00 45.65  ? 331 HOH A O   1 
HETATM 1478 O O   . HOH C 3 .   ? 6.935   4.759   -12.034 1.00 38.66  ? 332 HOH A O   1 
HETATM 1479 O O   . HOH C 3 .   ? 0.533   18.232  -8.046  1.00 40.91  ? 333 HOH A O   1 
HETATM 1480 O O   . HOH C 3 .   ? 3.356   0.681   15.736  1.00 64.68  ? 334 HOH A O   1 
HETATM 1481 O O   . HOH C 3 .   ? -1.035  -7.042  19.208  1.00 59.39  ? 335 HOH A O   1 
HETATM 1482 O O   . HOH C 3 .   ? -9.550  -6.788  -5.614  1.00 49.71  ? 336 HOH A O   1 
HETATM 1483 O O   . HOH C 3 .   ? -11.903 -17.630 4.062   1.00 60.07  ? 337 HOH A O   1 
HETATM 1484 O O   . HOH C 3 .   ? -9.885  -6.937  -9.148  1.00 54.79  ? 338 HOH A O   1 
HETATM 1485 O O   . HOH C 3 .   ? 0.959   11.571  -15.530 1.00 66.71  ? 339 HOH A O   1 
HETATM 1486 O O   . HOH C 3 .   ? -7.101  -10.983 -11.358 1.00 57.33  ? 340 HOH A O   1 
HETATM 1487 O O   . HOH C 3 .   ? -7.507  -4.636  -14.384 1.00 62.98  ? 341 HOH A O   1 
HETATM 1488 O O   . HOH C 3 .   ? 4.296   -3.449  -19.004 1.00 57.47  ? 342 HOH A O   1 
HETATM 1489 O O   . HOH C 3 .   ? -13.736 5.047   14.626  1.00 36.42  ? 343 HOH A O   1 
HETATM 1490 O O   . HOH C 3 .   ? 10.250  14.504  15.987  1.00 52.10  ? 344 HOH A O   1 
HETATM 1491 O O   . HOH C 3 .   ? -1.283  -9.067  21.251  1.00 85.23  ? 345 HOH A O   1 
HETATM 1492 O O   . HOH C 3 .   ? -3.945  -6.822  21.039  1.00 55.01  ? 346 HOH A O   1 
HETATM 1493 O O   . HOH C 3 .   ? 11.265  18.652  13.198  1.00 52.47  ? 347 HOH A O   1 
HETATM 1494 O O   . HOH C 3 .   ? -7.114  -3.236  -16.847 1.00 53.64  ? 348 HOH A O   1 
HETATM 1495 O O   . HOH D 3 .   ? 14.462  0.521   -0.003  1.00 14.76  ? 601 HOH B O   1 
HETATM 1496 O O   . HOH D 3 .   ? 17.006  -11.788 1.611   1.00 58.39  ? 602 HOH B O   1 
# 
